data_1XTR
# 
_entry.id   1XTR 
# 
_audit_conform.dict_name       mmcif_pdbx.dic 
_audit_conform.dict_version    5.380 
_audit_conform.dict_location   http://mmcif.pdb.org/dictionaries/ascii/mmcif_pdbx.dic 
# 
loop_
_database_2.database_id 
_database_2.database_code 
_database_2.pdbx_database_accession 
_database_2.pdbx_DOI 
PDB   1XTR         pdb_00001xtr 10.2210/pdb1xtr/pdb 
RCSB  RCSB030759   ?            ?                   
WWPDB D_1000030759 ?            ?                   
# 
loop_
_pdbx_database_related.db_name 
_pdbx_database_related.db_id 
_pdbx_database_related.details 
_pdbx_database_related.content_type 
PDB 1XTQ 'the same protein in complex with GDP' unspecified 
PDB 1XTS 'the same protein in complex with GTP' unspecified 
# 
_pdbx_database_status.status_code                     REL 
_pdbx_database_status.entry_id                        1XTR 
_pdbx_database_status.recvd_initial_deposition_date   2004-10-24 
_pdbx_database_status.deposit_site                    RCSB 
_pdbx_database_status.process_site                    PDBJ 
_pdbx_database_status.status_code_sf                  REL 
_pdbx_database_status.status_code_mr                  ? 
_pdbx_database_status.SG_entry                        ? 
_pdbx_database_status.pdb_format_compatible           Y 
_pdbx_database_status.status_code_cs                  ? 
_pdbx_database_status.methods_development_category    ? 
_pdbx_database_status.status_code_nmr_data            ? 
# 
loop_
_audit_author.name 
_audit_author.pdbx_ordinal 
'Yu, Y.'   1 
'Ding, J.' 2 
# 
_citation.id                        primary 
_citation.title                     'Structural Basis for the Unique Biological Function of Small GTPase RHEB' 
_citation.journal_abbrev            J.Biol.Chem. 
_citation.journal_volume            280 
_citation.page_first                17093 
_citation.page_last                 17100 
_citation.year                      2005 
_citation.journal_id_ASTM           JBCHA3 
_citation.country                   US 
_citation.journal_id_ISSN           0021-9258 
_citation.journal_id_CSD            0071 
_citation.book_publisher            ? 
_citation.pdbx_database_id_PubMed   15728574 
_citation.pdbx_database_id_DOI      10.1074/jbc.M501253200 
# 
loop_
_citation_author.citation_id 
_citation_author.name 
_citation_author.ordinal 
_citation_author.identifier_ORCID 
primary 'Yu, Y.'     1 ? 
primary 'Li, S.'     2 ? 
primary 'Xu, X.'     3 ? 
primary 'Li, Y.'     4 ? 
primary 'Guan, K.'   5 ? 
primary 'Arnold, E.' 6 ? 
primary 'Ding, J.'   7 ? 
# 
_cell.entry_id           1XTR 
_cell.length_a           102.930 
_cell.length_b           99.160 
_cell.length_c           47.980 
_cell.angle_alpha        90.00 
_cell.angle_beta         90.00 
_cell.angle_gamma        90.00 
_cell.Z_PDB              8 
_cell.pdbx_unique_axis   ? 
# 
_symmetry.entry_id                         1XTR 
_symmetry.space_group_name_H-M             'C 2 2 21' 
_symmetry.pdbx_full_space_group_name_H-M   ? 
_symmetry.cell_setting                     ? 
_symmetry.Int_Tables_number                20 
_symmetry.space_group_name_Hall            ? 
# 
loop_
_entity.id 
_entity.type 
_entity.src_method 
_entity.pdbx_description 
_entity.formula_weight 
_entity.pdbx_number_of_molecules 
_entity.pdbx_ec 
_entity.pdbx_mutation 
_entity.pdbx_fragment 
_entity.details 
1 polymer     man 'GTP-binding protein Rheb'                    20148.965 1  ? ? 'GTPase domain' ? 
2 non-polymer syn 'MAGNESIUM ION'                               24.305    1  ? ? ?               ? 
3 non-polymer syn 'PHOSPHOAMINOPHOSPHONIC ACID-GUANYLATE ESTER' 522.196   1  ? ? ?               ? 
4 non-polymer syn GLYCEROL                                      92.094    1  ? ? ?               ? 
5 water       nat water                                         18.015    55 ? ? ?               ? 
# 
_entity_name_com.entity_id   1 
_entity_name_com.name        'Ras homolog enriched in brain' 
# 
_entity_poly.entity_id                      1 
_entity_poly.type                           'polypeptide(L)' 
_entity_poly.nstd_linkage                   no 
_entity_poly.nstd_monomer                   no 
_entity_poly.pdbx_seq_one_letter_code       
;MPQSKSRKIAILGYRSVGKSSLTIQFVEGQFVDSYDPTIENTFTKLITVNGQEYHLQLVDTAGQDEYSIFPQTYSIDING
YILVYSVTSIKSFEVIKVIHGKLLDMVGKVQIPIMLVGNKKDLHMERVISYEEGKALAESWNAAFLESSAKENQTAVDVF
RRIILEAEKLEHHHHHH
;
_entity_poly.pdbx_seq_one_letter_code_can   
;MPQSKSRKIAILGYRSVGKSSLTIQFVEGQFVDSYDPTIENTFTKLITVNGQEYHLQLVDTAGQDEYSIFPQTYSIDING
YILVYSVTSIKSFEVIKVIHGKLLDMVGKVQIPIMLVGNKKDLHMERVISYEEGKALAESWNAAFLESSAKENQTAVDVF
RRIILEAEKLEHHHHHH
;
_entity_poly.pdbx_strand_id                 A 
_entity_poly.pdbx_target_identifier         ? 
# 
loop_
_entity_poly_seq.entity_id 
_entity_poly_seq.num 
_entity_poly_seq.mon_id 
_entity_poly_seq.hetero 
1 1   MET n 
1 2   PRO n 
1 3   GLN n 
1 4   SER n 
1 5   LYS n 
1 6   SER n 
1 7   ARG n 
1 8   LYS n 
1 9   ILE n 
1 10  ALA n 
1 11  ILE n 
1 12  LEU n 
1 13  GLY n 
1 14  TYR n 
1 15  ARG n 
1 16  SER n 
1 17  VAL n 
1 18  GLY n 
1 19  LYS n 
1 20  SER n 
1 21  SER n 
1 22  LEU n 
1 23  THR n 
1 24  ILE n 
1 25  GLN n 
1 26  PHE n 
1 27  VAL n 
1 28  GLU n 
1 29  GLY n 
1 30  GLN n 
1 31  PHE n 
1 32  VAL n 
1 33  ASP n 
1 34  SER n 
1 35  TYR n 
1 36  ASP n 
1 37  PRO n 
1 38  THR n 
1 39  ILE n 
1 40  GLU n 
1 41  ASN n 
1 42  THR n 
1 43  PHE n 
1 44  THR n 
1 45  LYS n 
1 46  LEU n 
1 47  ILE n 
1 48  THR n 
1 49  VAL n 
1 50  ASN n 
1 51  GLY n 
1 52  GLN n 
1 53  GLU n 
1 54  TYR n 
1 55  HIS n 
1 56  LEU n 
1 57  GLN n 
1 58  LEU n 
1 59  VAL n 
1 60  ASP n 
1 61  THR n 
1 62  ALA n 
1 63  GLY n 
1 64  GLN n 
1 65  ASP n 
1 66  GLU n 
1 67  TYR n 
1 68  SER n 
1 69  ILE n 
1 70  PHE n 
1 71  PRO n 
1 72  GLN n 
1 73  THR n 
1 74  TYR n 
1 75  SER n 
1 76  ILE n 
1 77  ASP n 
1 78  ILE n 
1 79  ASN n 
1 80  GLY n 
1 81  TYR n 
1 82  ILE n 
1 83  LEU n 
1 84  VAL n 
1 85  TYR n 
1 86  SER n 
1 87  VAL n 
1 88  THR n 
1 89  SER n 
1 90  ILE n 
1 91  LYS n 
1 92  SER n 
1 93  PHE n 
1 94  GLU n 
1 95  VAL n 
1 96  ILE n 
1 97  LYS n 
1 98  VAL n 
1 99  ILE n 
1 100 HIS n 
1 101 GLY n 
1 102 LYS n 
1 103 LEU n 
1 104 LEU n 
1 105 ASP n 
1 106 MET n 
1 107 VAL n 
1 108 GLY n 
1 109 LYS n 
1 110 VAL n 
1 111 GLN n 
1 112 ILE n 
1 113 PRO n 
1 114 ILE n 
1 115 MET n 
1 116 LEU n 
1 117 VAL n 
1 118 GLY n 
1 119 ASN n 
1 120 LYS n 
1 121 LYS n 
1 122 ASP n 
1 123 LEU n 
1 124 HIS n 
1 125 MET n 
1 126 GLU n 
1 127 ARG n 
1 128 VAL n 
1 129 ILE n 
1 130 SER n 
1 131 TYR n 
1 132 GLU n 
1 133 GLU n 
1 134 GLY n 
1 135 LYS n 
1 136 ALA n 
1 137 LEU n 
1 138 ALA n 
1 139 GLU n 
1 140 SER n 
1 141 TRP n 
1 142 ASN n 
1 143 ALA n 
1 144 ALA n 
1 145 PHE n 
1 146 LEU n 
1 147 GLU n 
1 148 SER n 
1 149 SER n 
1 150 ALA n 
1 151 LYS n 
1 152 GLU n 
1 153 ASN n 
1 154 GLN n 
1 155 THR n 
1 156 ALA n 
1 157 VAL n 
1 158 ASP n 
1 159 VAL n 
1 160 PHE n 
1 161 ARG n 
1 162 ARG n 
1 163 ILE n 
1 164 ILE n 
1 165 LEU n 
1 166 GLU n 
1 167 ALA n 
1 168 GLU n 
1 169 LYS n 
1 170 LEU n 
1 171 GLU n 
1 172 HIS n 
1 173 HIS n 
1 174 HIS n 
1 175 HIS n 
1 176 HIS n 
1 177 HIS n 
# 
_entity_src_gen.entity_id                          1 
_entity_src_gen.pdbx_src_id                        1 
_entity_src_gen.pdbx_alt_source_flag               sample 
_entity_src_gen.pdbx_seq_type                      ? 
_entity_src_gen.pdbx_beg_seq_num                   ? 
_entity_src_gen.pdbx_end_seq_num                   ? 
_entity_src_gen.gene_src_common_name               human 
_entity_src_gen.gene_src_genus                     Homo 
_entity_src_gen.pdbx_gene_src_gene                 Rheb 
_entity_src_gen.gene_src_species                   ? 
_entity_src_gen.gene_src_strain                    ? 
_entity_src_gen.gene_src_tissue                    ? 
_entity_src_gen.gene_src_tissue_fraction           ? 
_entity_src_gen.gene_src_details                   ? 
_entity_src_gen.pdbx_gene_src_fragment             ? 
_entity_src_gen.pdbx_gene_src_scientific_name      'Homo sapiens' 
_entity_src_gen.pdbx_gene_src_ncbi_taxonomy_id     9606 
_entity_src_gen.pdbx_gene_src_variant              ? 
_entity_src_gen.pdbx_gene_src_cell_line            ? 
_entity_src_gen.pdbx_gene_src_atcc                 ? 
_entity_src_gen.pdbx_gene_src_organ                ? 
_entity_src_gen.pdbx_gene_src_organelle            ? 
_entity_src_gen.pdbx_gene_src_cell                 ? 
_entity_src_gen.pdbx_gene_src_cellular_location    ? 
_entity_src_gen.host_org_common_name               ? 
_entity_src_gen.pdbx_host_org_scientific_name      'Escherichia coli BL21(DE3)' 
_entity_src_gen.pdbx_host_org_ncbi_taxonomy_id     469008 
_entity_src_gen.host_org_genus                     Escherichia 
_entity_src_gen.pdbx_host_org_gene                 ? 
_entity_src_gen.pdbx_host_org_organ                ? 
_entity_src_gen.host_org_species                   'Escherichia coli' 
_entity_src_gen.pdbx_host_org_tissue               ? 
_entity_src_gen.pdbx_host_org_tissue_fraction      ? 
_entity_src_gen.pdbx_host_org_strain               'BL21(DE3)' 
_entity_src_gen.pdbx_host_org_variant              ? 
_entity_src_gen.pdbx_host_org_cell_line            ? 
_entity_src_gen.pdbx_host_org_atcc                 ? 
_entity_src_gen.pdbx_host_org_culture_collection   ? 
_entity_src_gen.pdbx_host_org_cell                 ? 
_entity_src_gen.pdbx_host_org_organelle            ? 
_entity_src_gen.pdbx_host_org_cellular_location    ? 
_entity_src_gen.pdbx_host_org_vector_type          plasmid 
_entity_src_gen.pdbx_host_org_vector               ? 
_entity_src_gen.host_org_details                   ? 
_entity_src_gen.expression_system_id               ? 
_entity_src_gen.plasmid_name                       'pET22b(+)' 
_entity_src_gen.plasmid_details                    ? 
_entity_src_gen.pdbx_description                   ? 
# 
_struct_ref.id                         1 
_struct_ref.db_name                    UNP 
_struct_ref.db_code                    RHEB_HUMAN 
_struct_ref.pdbx_db_accession          Q15382 
_struct_ref.entity_id                  1 
_struct_ref.pdbx_seq_one_letter_code   
;MPQSKSRKIAILGYRSVGKSSLTIQFVEGQFVDSYDPTIENTFTKLITVNGQEYHLQLVDTAGQDEYSIFPQTYSIDING
YILVYSVTSIKSFEVIKVIHGKLLDMVGKVQIPIMLVGNKKDLHMERVISYEEGKALAESWNAAFLESSAKENQTAVDVF
RRIILEAEK
;
_struct_ref.pdbx_align_begin           1 
_struct_ref.pdbx_db_isoform            ? 
# 
_struct_ref_seq.align_id                      1 
_struct_ref_seq.ref_id                        1 
_struct_ref_seq.pdbx_PDB_id_code              1XTR 
_struct_ref_seq.pdbx_strand_id                A 
_struct_ref_seq.seq_align_beg                 1 
_struct_ref_seq.pdbx_seq_align_beg_ins_code   ? 
_struct_ref_seq.seq_align_end                 169 
_struct_ref_seq.pdbx_seq_align_end_ins_code   ? 
_struct_ref_seq.pdbx_db_accession             Q15382 
_struct_ref_seq.db_align_beg                  1 
_struct_ref_seq.pdbx_db_align_beg_ins_code    ? 
_struct_ref_seq.db_align_end                  169 
_struct_ref_seq.pdbx_db_align_end_ins_code    ? 
_struct_ref_seq.pdbx_auth_seq_align_beg       1 
_struct_ref_seq.pdbx_auth_seq_align_end       169 
# 
loop_
_struct_ref_seq_dif.align_id 
_struct_ref_seq_dif.pdbx_pdb_id_code 
_struct_ref_seq_dif.mon_id 
_struct_ref_seq_dif.pdbx_pdb_strand_id 
_struct_ref_seq_dif.seq_num 
_struct_ref_seq_dif.pdbx_pdb_ins_code 
_struct_ref_seq_dif.pdbx_seq_db_name 
_struct_ref_seq_dif.pdbx_seq_db_accession_code 
_struct_ref_seq_dif.db_mon_id 
_struct_ref_seq_dif.pdbx_seq_db_seq_num 
_struct_ref_seq_dif.details 
_struct_ref_seq_dif.pdbx_auth_seq_num 
_struct_ref_seq_dif.pdbx_ordinal 
1 1XTR LEU A 170 ? UNP Q15382 ? ? 'expression tag' 170 1 
1 1XTR GLU A 171 ? UNP Q15382 ? ? 'expression tag' 171 2 
1 1XTR HIS A 172 ? UNP Q15382 ? ? 'expression tag' 172 3 
1 1XTR HIS A 173 ? UNP Q15382 ? ? 'expression tag' 173 4 
1 1XTR HIS A 174 ? UNP Q15382 ? ? 'expression tag' 174 5 
1 1XTR HIS A 175 ? UNP Q15382 ? ? 'expression tag' 175 6 
1 1XTR HIS A 176 ? UNP Q15382 ? ? 'expression tag' 176 7 
1 1XTR HIS A 177 ? UNP Q15382 ? ? 'expression tag' 177 8 
# 
loop_
_chem_comp.id 
_chem_comp.type 
_chem_comp.mon_nstd_flag 
_chem_comp.name 
_chem_comp.pdbx_synonyms 
_chem_comp.formula 
_chem_comp.formula_weight 
ALA 'L-peptide linking' y ALANINE                                       ?                               'C3 H7 N O2'        89.093 
ARG 'L-peptide linking' y ARGININE                                      ?                               'C6 H15 N4 O2 1'    
175.209 
ASN 'L-peptide linking' y ASPARAGINE                                    ?                               'C4 H8 N2 O3'       
132.118 
ASP 'L-peptide linking' y 'ASPARTIC ACID'                               ?                               'C4 H7 N O4'        
133.103 
GLN 'L-peptide linking' y GLUTAMINE                                     ?                               'C5 H10 N2 O3'      
146.144 
GLU 'L-peptide linking' y 'GLUTAMIC ACID'                               ?                               'C5 H9 N O4'        
147.129 
GLY 'peptide linking'   y GLYCINE                                       ?                               'C2 H5 N O2'        75.067 
GNP non-polymer         . 'PHOSPHOAMINOPHOSPHONIC ACID-GUANYLATE ESTER' ?                               'C10 H17 N6 O13 P3' 
522.196 
GOL non-polymer         . GLYCEROL                                      'GLYCERIN; PROPANE-1,2,3-TRIOL' 'C3 H8 O3'          92.094 
HIS 'L-peptide linking' y HISTIDINE                                     ?                               'C6 H10 N3 O2 1'    
156.162 
HOH non-polymer         . WATER                                         ?                               'H2 O'              18.015 
ILE 'L-peptide linking' y ISOLEUCINE                                    ?                               'C6 H13 N O2'       
131.173 
LEU 'L-peptide linking' y LEUCINE                                       ?                               'C6 H13 N O2'       
131.173 
LYS 'L-peptide linking' y LYSINE                                        ?                               'C6 H15 N2 O2 1'    
147.195 
MET 'L-peptide linking' y METHIONINE                                    ?                               'C5 H11 N O2 S'     
149.211 
MG  non-polymer         . 'MAGNESIUM ION'                               ?                               'Mg 2'              24.305 
PHE 'L-peptide linking' y PHENYLALANINE                                 ?                               'C9 H11 N O2'       
165.189 
PRO 'L-peptide linking' y PROLINE                                       ?                               'C5 H9 N O2'        
115.130 
SER 'L-peptide linking' y SERINE                                        ?                               'C3 H7 N O3'        
105.093 
THR 'L-peptide linking' y THREONINE                                     ?                               'C4 H9 N O3'        
119.119 
TRP 'L-peptide linking' y TRYPTOPHAN                                    ?                               'C11 H12 N2 O2'     
204.225 
TYR 'L-peptide linking' y TYROSINE                                      ?                               'C9 H11 N O3'       
181.189 
VAL 'L-peptide linking' y VALINE                                        ?                               'C5 H11 N O2'       
117.146 
# 
_exptl.entry_id          1XTR 
_exptl.method            'X-RAY DIFFRACTION' 
_exptl.crystals_number   1 
# 
_exptl_crystal.id                    1 
_exptl_crystal.density_meas          ? 
_exptl_crystal.density_Matthews      3.1 
_exptl_crystal.density_percent_sol   59.8 
_exptl_crystal.description           ? 
_exptl_crystal.F_000                 ? 
_exptl_crystal.preparation           ? 
# 
_exptl_crystal_grow.crystal_id      1 
_exptl_crystal_grow.method          'VAPOR DIFFUSION, HANGING DROP' 
_exptl_crystal_grow.temp            277 
_exptl_crystal_grow.temp_details    ? 
_exptl_crystal_grow.pH              4.6 
_exptl_crystal_grow.pdbx_details    
'potassium dihydrogenphosphate, PEG 8000, pH 4.6, VAPOR DIFFUSION, HANGING DROP, temperature 277K' 
_exptl_crystal_grow.pdbx_pH_range   . 
# 
_diffrn.id                     1 
_diffrn.ambient_temp           100 
_diffrn.ambient_temp_details   ? 
_diffrn.crystal_id             1 
# 
_diffrn_detector.diffrn_id              1 
_diffrn_detector.detector               'IMAGE PLATE' 
_diffrn_detector.type                   'RIGAKU RAXIS IV' 
_diffrn_detector.pdbx_collection_date   2004-05-17 
_diffrn_detector.details                'osmic mirrors' 
# 
_diffrn_radiation.diffrn_id                        1 
_diffrn_radiation.wavelength_id                    1 
_diffrn_radiation.pdbx_monochromatic_or_laue_m_l   M 
_diffrn_radiation.monochromator                    'Ni filter' 
_diffrn_radiation.pdbx_diffrn_protocol             'SINGLE WAVELENGTH' 
_diffrn_radiation.pdbx_scattering_type             x-ray 
# 
_diffrn_radiation_wavelength.id           1 
_diffrn_radiation_wavelength.wavelength   1.5418 
_diffrn_radiation_wavelength.wt           1.0 
# 
_diffrn_source.diffrn_id                   1 
_diffrn_source.source                      'ROTATING ANODE' 
_diffrn_source.type                        RIGAKU 
_diffrn_source.pdbx_synchrotron_site       ? 
_diffrn_source.pdbx_synchrotron_beamline   ? 
_diffrn_source.pdbx_wavelength             ? 
_diffrn_source.pdbx_wavelength_list        1.5418 
# 
_reflns.entry_id                     1XTR 
_reflns.observed_criterion_sigma_F   0.0 
_reflns.observed_criterion_sigma_I   0.0 
_reflns.d_resolution_high            2.65 
_reflns.d_resolution_low             12.0 
_reflns.number_all                   6973 
_reflns.number_obs                   6973 
_reflns.percent_possible_obs         94.8 
_reflns.pdbx_Rmerge_I_obs            0.163 
_reflns.pdbx_Rsym_value              ? 
_reflns.pdbx_netI_over_sigmaI        4.9 
_reflns.B_iso_Wilson_estimate        44.6 
_reflns.pdbx_redundancy              2.6 
_reflns.R_free_details               ? 
_reflns.limit_h_max                  ? 
_reflns.limit_h_min                  ? 
_reflns.limit_k_max                  ? 
_reflns.limit_k_min                  ? 
_reflns.limit_l_max                  ? 
_reflns.limit_l_min                  ? 
_reflns.observed_criterion_F_max     ? 
_reflns.observed_criterion_F_min     ? 
_reflns.pdbx_chi_squared             ? 
_reflns.pdbx_scaling_rejects         ? 
_reflns.pdbx_ordinal                 1 
_reflns.pdbx_diffrn_id               1 
# 
_reflns_shell.d_res_high             2.65 
_reflns_shell.d_res_low              2.74 
_reflns_shell.percent_possible_all   91.7 
_reflns_shell.Rmerge_I_obs           0.412 
_reflns_shell.pdbx_Rsym_value        ? 
_reflns_shell.meanI_over_sigI_obs    2.2 
_reflns_shell.pdbx_redundancy        2.2 
_reflns_shell.percent_possible_obs   ? 
_reflns_shell.number_unique_all      714 
_reflns_shell.number_measured_all    ? 
_reflns_shell.number_measured_obs    ? 
_reflns_shell.number_unique_obs      ? 
_reflns_shell.pdbx_chi_squared       ? 
_reflns_shell.pdbx_ordinal           1 
_reflns_shell.pdbx_diffrn_id         1 
# 
_refine.entry_id                                 1XTR 
_refine.ls_d_res_high                            2.65 
_refine.ls_d_res_low                             12.0 
_refine.pdbx_ls_sigma_F                          0.0 
_refine.pdbx_ls_sigma_I                          0.0 
_refine.ls_number_reflns_all                     6962 
_refine.ls_number_reflns_obs                     6962 
_refine.ls_number_reflns_R_free                  335 
_refine.ls_percent_reflns_obs                    94.8 
_refine.ls_R_factor_all                          ? 
_refine.ls_R_factor_obs                          ? 
_refine.ls_R_factor_R_work                       0.226 
_refine.ls_R_factor_R_free                       0.27 
_refine.ls_redundancy_reflns_obs                 ? 
_refine.pdbx_data_cutoff_high_absF               ? 
_refine.pdbx_data_cutoff_low_absF                ? 
_refine.ls_number_parameters                     ? 
_refine.ls_number_restraints                     ? 
_refine.ls_percent_reflns_R_free                 ? 
_refine.ls_R_factor_R_free_error                 ? 
_refine.ls_R_factor_R_free_error_details         ? 
_refine.pdbx_method_to_determine_struct          'MOLECULAR REPLACEMENT' 
_refine.pdbx_starting_model                      'PDB entries 1KAO, 1GUA' 
_refine.pdbx_ls_cross_valid_method               THROUGHOUT 
_refine.pdbx_R_Free_selection_details            random 
_refine.pdbx_stereochem_target_val_spec_case     ? 
_refine.pdbx_stereochemistry_target_values       'Engh & Huber' 
_refine.solvent_model_details                    ? 
_refine.solvent_model_param_bsol                 ? 
_refine.solvent_model_param_ksol                 ? 
_refine.occupancy_max                            ? 
_refine.occupancy_min                            ? 
_refine.pdbx_isotropic_thermal_model             isotropic 
_refine.B_iso_mean                               31.1 
_refine.aniso_B[1][1]                            ? 
_refine.aniso_B[1][2]                            ? 
_refine.aniso_B[1][3]                            ? 
_refine.aniso_B[2][2]                            ? 
_refine.aniso_B[2][3]                            ? 
_refine.aniso_B[3][3]                            ? 
_refine.details                                  ? 
_refine.B_iso_min                                ? 
_refine.B_iso_max                                ? 
_refine.correlation_coeff_Fo_to_Fc               ? 
_refine.correlation_coeff_Fo_to_Fc_free          ? 
_refine.pdbx_solvent_vdw_probe_radii             ? 
_refine.pdbx_solvent_ion_probe_radii             ? 
_refine.pdbx_solvent_shrinkage_radii             ? 
_refine.overall_SU_R_Cruickshank_DPI             ? 
_refine.overall_SU_R_free                        ? 
_refine.overall_SU_B                             ? 
_refine.overall_SU_ML                            ? 
_refine.pdbx_overall_ESU_R                       ? 
_refine.pdbx_overall_ESU_R_Free                  ? 
_refine.pdbx_data_cutoff_high_rms_absF           ? 
_refine.ls_wR_factor_R_free                      ? 
_refine.ls_wR_factor_R_work                      ? 
_refine.overall_FOM_free_R_set                   ? 
_refine.overall_FOM_work_R_set                   ? 
_refine.pdbx_refine_id                           'X-RAY DIFFRACTION' 
_refine.pdbx_diffrn_id                           1 
_refine.pdbx_TLS_residual_ADP_flag               ? 
_refine.pdbx_overall_phase_error                 ? 
_refine.pdbx_overall_SU_R_free_Cruickshank_DPI   ? 
_refine.pdbx_overall_SU_R_Blow_DPI               ? 
_refine.pdbx_overall_SU_R_free_Blow_DPI          ? 
# 
_refine_analyze.entry_id                        1XTR 
_refine_analyze.Luzzati_coordinate_error_obs    0.35 
_refine_analyze.Luzzati_sigma_a_obs             0.62 
_refine_analyze.Luzzati_d_res_low_obs           6.00 
_refine_analyze.Luzzati_coordinate_error_free   0.40 
_refine_analyze.Luzzati_sigma_a_free            0.63 
_refine_analyze.Luzzati_d_res_low_free          ? 
_refine_analyze.number_disordered_residues      ? 
_refine_analyze.occupancy_sum_non_hydrogen      ? 
_refine_analyze.occupancy_sum_hydrogen          ? 
_refine_analyze.pdbx_Luzzati_d_res_high_obs     ? 
_refine_analyze.pdbx_refine_id                  'X-RAY DIFFRACTION' 
# 
_refine_hist.pdbx_refine_id                   'X-RAY DIFFRACTION' 
_refine_hist.cycle_id                         LAST 
_refine_hist.pdbx_number_atoms_protein        1351 
_refine_hist.pdbx_number_atoms_nucleic_acid   0 
_refine_hist.pdbx_number_atoms_ligand         39 
_refine_hist.number_atoms_solvent             55 
_refine_hist.number_atoms_total               1445 
_refine_hist.d_res_high                       2.65 
_refine_hist.d_res_low                        12.0 
# 
loop_
_refine_ls_restr.type 
_refine_ls_restr.dev_ideal 
_refine_ls_restr.dev_ideal_target 
_refine_ls_restr.weight 
_refine_ls_restr.number 
_refine_ls_restr.pdbx_refine_id 
_refine_ls_restr.pdbx_restraint_function 
c_improper_angle_d 0.77  ? ? ? 'X-RAY DIFFRACTION' ? 
c_dihedral_angle_d 23.3  ? ? ? 'X-RAY DIFFRACTION' ? 
c_bond_d           0.007 ? ? ? 'X-RAY DIFFRACTION' ? 
c_angle_deg        1.3   ? ? ? 'X-RAY DIFFRACTION' ? 
# 
loop_
_refine_ls_shell.pdbx_total_number_of_bins_used 
_refine_ls_shell.d_res_high 
_refine_ls_shell.d_res_low 
_refine_ls_shell.number_reflns_R_work 
_refine_ls_shell.R_factor_R_work 
_refine_ls_shell.percent_reflns_obs 
_refine_ls_shell.R_factor_R_free 
_refine_ls_shell.R_factor_R_free_error 
_refine_ls_shell.percent_reflns_R_free 
_refine_ls_shell.number_reflns_R_free 
_refine_ls_shell.number_reflns_obs 
_refine_ls_shell.redundancy_reflns_obs 
_refine_ls_shell.number_reflns_all 
_refine_ls_shell.pdbx_refine_id 
_refine_ls_shell.R_factor_all 
6 2.65 2.81  . 0.371  . 0.4289 . . 53 1137 . . 'X-RAY DIFFRACTION' . 
6 2.81 3.03  . 0.329  . 0.352  . . 50 1188 . . 'X-RAY DIFFRACTION' . 
6 3.03 3.33  . 0.2649 . 0.3122 . . 76 1173 . . 'X-RAY DIFFRACTION' . 
6 3.33 3.79  . 0.2144 . 0.2683 . . 63 1154 . . 'X-RAY DIFFRACTION' . 
6 3.79 4.73  . 0.1431 . 0.1672 . . 57 1168 . . 'X-RAY DIFFRACTION' . 
6 4.73 12.00 . 0.1818 . 0.2251 . . 56 1142 . . 'X-RAY DIFFRACTION' . 
# 
_struct.entry_id                  1XTR 
_struct.title                     'Structure of small GTPase human Rheb in complex with GppNHp' 
_struct.pdbx_model_details        ? 
_struct.pdbx_CASP_flag            ? 
_struct.pdbx_model_type_details   ? 
# 
_struct_keywords.entry_id        1XTR 
_struct_keywords.pdbx_keywords   'SIGNALING PROTEIN' 
_struct_keywords.text            'beta saddle, P-loop, SIGNALING PROTEIN' 
# 
loop_
_struct_asym.id 
_struct_asym.pdbx_blank_PDB_chainid_flag 
_struct_asym.pdbx_modified 
_struct_asym.entity_id 
_struct_asym.details 
A N N 1 ? 
B N N 2 ? 
C N N 3 ? 
D N N 4 ? 
E N N 5 ? 
# 
_struct_biol.id                    1 
_struct_biol.pdbx_parent_biol_id   ? 
_struct_biol.details               ? 
# 
loop_
_struct_conf.conf_type_id 
_struct_conf.id 
_struct_conf.pdbx_PDB_helix_id 
_struct_conf.beg_label_comp_id 
_struct_conf.beg_label_asym_id 
_struct_conf.beg_label_seq_id 
_struct_conf.pdbx_beg_PDB_ins_code 
_struct_conf.end_label_comp_id 
_struct_conf.end_label_asym_id 
_struct_conf.end_label_seq_id 
_struct_conf.pdbx_end_PDB_ins_code 
_struct_conf.beg_auth_comp_id 
_struct_conf.beg_auth_asym_id 
_struct_conf.beg_auth_seq_id 
_struct_conf.end_auth_comp_id 
_struct_conf.end_auth_asym_id 
_struct_conf.end_auth_seq_id 
_struct_conf.pdbx_PDB_helix_class 
_struct_conf.details 
_struct_conf.pdbx_PDB_helix_length 
HELX_P HELX_P1 1 GLY A 18  ? GLU A 28  ? GLY A 18  GLU A 28  1 ? 11 
HELX_P HELX_P2 2 PRO A 71  ? ILE A 76  ? PRO A 71  ILE A 76  5 ? 6  
HELX_P HELX_P3 3 SER A 89  ? GLY A 108 ? SER A 89  GLY A 108 1 ? 20 
HELX_P HELX_P4 4 LEU A 123 ? ARG A 127 ? LEU A 123 ARG A 127 5 ? 5  
HELX_P HELX_P5 5 SER A 130 ? TRP A 141 ? SER A 130 TRP A 141 1 ? 12 
HELX_P HELX_P6 6 GLU A 152 ? GLU A 171 ? GLU A 152 GLU A 171 1 ? 20 
# 
_struct_conf_type.id          HELX_P 
_struct_conf_type.criteria    ? 
_struct_conf_type.reference   ? 
# 
loop_
_struct_conn.id 
_struct_conn.conn_type_id 
_struct_conn.pdbx_leaving_atom_flag 
_struct_conn.pdbx_PDB_id 
_struct_conn.ptnr1_label_asym_id 
_struct_conn.ptnr1_label_comp_id 
_struct_conn.ptnr1_label_seq_id 
_struct_conn.ptnr1_label_atom_id 
_struct_conn.pdbx_ptnr1_label_alt_id 
_struct_conn.pdbx_ptnr1_PDB_ins_code 
_struct_conn.pdbx_ptnr1_standard_comp_id 
_struct_conn.ptnr1_symmetry 
_struct_conn.ptnr2_label_asym_id 
_struct_conn.ptnr2_label_comp_id 
_struct_conn.ptnr2_label_seq_id 
_struct_conn.ptnr2_label_atom_id 
_struct_conn.pdbx_ptnr2_label_alt_id 
_struct_conn.pdbx_ptnr2_PDB_ins_code 
_struct_conn.ptnr1_auth_asym_id 
_struct_conn.ptnr1_auth_comp_id 
_struct_conn.ptnr1_auth_seq_id 
_struct_conn.ptnr2_auth_asym_id 
_struct_conn.ptnr2_auth_comp_id 
_struct_conn.ptnr2_auth_seq_id 
_struct_conn.ptnr2_symmetry 
_struct_conn.pdbx_ptnr3_label_atom_id 
_struct_conn.pdbx_ptnr3_label_seq_id 
_struct_conn.pdbx_ptnr3_label_comp_id 
_struct_conn.pdbx_ptnr3_label_asym_id 
_struct_conn.pdbx_ptnr3_label_alt_id 
_struct_conn.pdbx_ptnr3_PDB_ins_code 
_struct_conn.details 
_struct_conn.pdbx_dist_value 
_struct_conn.pdbx_value_order 
_struct_conn.pdbx_role 
metalc1 metalc ? ? A SER 20 OG  ? ? ? 1_555 B MG  . MG  ? ? A SER 20  A MG  178 1_555 ? ? ? ? ? ? ? 2.291 ? ? 
metalc2 metalc ? ? A THR 38 OG1 ? ? ? 1_555 B MG  . MG  ? ? A THR 38  A MG  178 1_555 ? ? ? ? ? ? ? 2.582 ? ? 
metalc3 metalc ? ? B MG  .  MG  ? ? ? 1_555 C GNP . O2G ? ? A MG  178 A GNP 179 1_555 ? ? ? ? ? ? ? 2.443 ? ? 
metalc4 metalc ? ? B MG  .  MG  ? ? ? 1_555 C GNP . O2B ? ? A MG  178 A GNP 179 1_555 ? ? ? ? ? ? ? 2.574 ? ? 
metalc5 metalc ? ? B MG  .  MG  ? ? ? 1_555 E HOH . O   ? ? A MG  178 A HOH 181 1_555 ? ? ? ? ? ? ? 2.233 ? ? 
metalc6 metalc ? ? B MG  .  MG  ? ? ? 1_555 E HOH . O   ? ? A MG  178 A HOH 182 1_555 ? ? ? ? ? ? ? 2.523 ? ? 
# 
_struct_conn_type.id          metalc 
_struct_conn_type.criteria    ? 
_struct_conn_type.reference   ? 
# 
_struct_sheet.id               A 
_struct_sheet.type             ? 
_struct_sheet.number_strands   6 
_struct_sheet.details          ? 
# 
loop_
_struct_sheet_order.sheet_id 
_struct_sheet_order.range_id_1 
_struct_sheet_order.range_id_2 
_struct_sheet_order.offset 
_struct_sheet_order.sense 
A 1 2 ? anti-parallel 
A 2 3 ? parallel      
A 3 4 ? parallel      
A 4 5 ? parallel      
A 5 6 ? parallel      
# 
loop_
_struct_sheet_range.sheet_id 
_struct_sheet_range.id 
_struct_sheet_range.beg_label_comp_id 
_struct_sheet_range.beg_label_asym_id 
_struct_sheet_range.beg_label_seq_id 
_struct_sheet_range.pdbx_beg_PDB_ins_code 
_struct_sheet_range.end_label_comp_id 
_struct_sheet_range.end_label_asym_id 
_struct_sheet_range.end_label_seq_id 
_struct_sheet_range.pdbx_end_PDB_ins_code 
_struct_sheet_range.beg_auth_comp_id 
_struct_sheet_range.beg_auth_asym_id 
_struct_sheet_range.beg_auth_seq_id 
_struct_sheet_range.end_auth_comp_id 
_struct_sheet_range.end_auth_asym_id 
_struct_sheet_range.end_auth_seq_id 
A 1 GLU A 40  ? VAL A 49  ? GLU A 40  VAL A 49  
A 2 GLN A 52  ? THR A 61  ? GLN A 52  THR A 61  
A 3 SER A 4   ? LEU A 12  ? SER A 4   LEU A 12  
A 4 GLY A 80  ? SER A 86  ? GLY A 80  SER A 86  
A 5 ILE A 114 ? ASN A 119 ? ILE A 114 ASN A 119 
A 6 ALA A 144 ? SER A 148 ? ALA A 144 SER A 148 
# 
loop_
_pdbx_struct_sheet_hbond.sheet_id 
_pdbx_struct_sheet_hbond.range_id_1 
_pdbx_struct_sheet_hbond.range_id_2 
_pdbx_struct_sheet_hbond.range_1_label_atom_id 
_pdbx_struct_sheet_hbond.range_1_label_comp_id 
_pdbx_struct_sheet_hbond.range_1_label_asym_id 
_pdbx_struct_sheet_hbond.range_1_label_seq_id 
_pdbx_struct_sheet_hbond.range_1_PDB_ins_code 
_pdbx_struct_sheet_hbond.range_1_auth_atom_id 
_pdbx_struct_sheet_hbond.range_1_auth_comp_id 
_pdbx_struct_sheet_hbond.range_1_auth_asym_id 
_pdbx_struct_sheet_hbond.range_1_auth_seq_id 
_pdbx_struct_sheet_hbond.range_2_label_atom_id 
_pdbx_struct_sheet_hbond.range_2_label_comp_id 
_pdbx_struct_sheet_hbond.range_2_label_asym_id 
_pdbx_struct_sheet_hbond.range_2_label_seq_id 
_pdbx_struct_sheet_hbond.range_2_PDB_ins_code 
_pdbx_struct_sheet_hbond.range_2_auth_atom_id 
_pdbx_struct_sheet_hbond.range_2_auth_comp_id 
_pdbx_struct_sheet_hbond.range_2_auth_asym_id 
_pdbx_struct_sheet_hbond.range_2_auth_seq_id 
A 1 2 N VAL A 49  ? N VAL A 49  O GLN A 52  ? O GLN A 52  
A 2 3 O HIS A 55  ? O HIS A 55  N LYS A 5   ? N LYS A 5   
A 3 4 N LEU A 12  ? N LEU A 12  O ILE A 82  ? O ILE A 82  
A 4 5 N TYR A 85  ? N TYR A 85  O ASN A 119 ? O ASN A 119 
A 5 6 N LEU A 116 ? N LEU A 116 O ALA A 144 ? O ALA A 144 
# 
loop_
_struct_site.id 
_struct_site.pdbx_evidence_code 
_struct_site.pdbx_auth_asym_id 
_struct_site.pdbx_auth_comp_id 
_struct_site.pdbx_auth_seq_id 
_struct_site.pdbx_auth_ins_code 
_struct_site.pdbx_num_residues 
_struct_site.details 
AC1 Software A MG  178 ? 6  'BINDING SITE FOR RESIDUE MG A 178'  
AC2 Software A GNP 179 ? 22 'BINDING SITE FOR RESIDUE GNP A 179' 
AC3 Software A GOL 180 ? 5  'BINDING SITE FOR RESIDUE GOL A 180' 
# 
loop_
_struct_site_gen.id 
_struct_site_gen.site_id 
_struct_site_gen.pdbx_num_res 
_struct_site_gen.label_comp_id 
_struct_site_gen.label_asym_id 
_struct_site_gen.label_seq_id 
_struct_site_gen.pdbx_auth_ins_code 
_struct_site_gen.auth_comp_id 
_struct_site_gen.auth_asym_id 
_struct_site_gen.auth_seq_id 
_struct_site_gen.label_atom_id 
_struct_site_gen.label_alt_id 
_struct_site_gen.symmetry 
_struct_site_gen.details 
1  AC1 6  SER A 20  ? SER A 20  . ? 1_555 ? 
2  AC1 6  THR A 38  ? THR A 38  . ? 1_555 ? 
3  AC1 6  ASP A 60  ? ASP A 60  . ? 1_555 ? 
4  AC1 6  GNP C .   ? GNP A 179 . ? 1_555 ? 
5  AC1 6  HOH E .   ? HOH A 181 . ? 1_555 ? 
6  AC1 6  HOH E .   ? HOH A 182 . ? 1_555 ? 
7  AC2 22 ARG A 15  ? ARG A 15  . ? 1_555 ? 
8  AC2 22 SER A 16  ? SER A 16  . ? 1_555 ? 
9  AC2 22 VAL A 17  ? VAL A 17  . ? 1_555 ? 
10 AC2 22 GLY A 18  ? GLY A 18  . ? 1_555 ? 
11 AC2 22 LYS A 19  ? LYS A 19  . ? 1_555 ? 
12 AC2 22 SER A 20  ? SER A 20  . ? 1_555 ? 
13 AC2 22 SER A 21  ? SER A 21  . ? 1_555 ? 
14 AC2 22 PHE A 31  ? PHE A 31  . ? 1_555 ? 
15 AC2 22 VAL A 32  ? VAL A 32  . ? 1_555 ? 
16 AC2 22 ASP A 33  ? ASP A 33  . ? 1_555 ? 
17 AC2 22 TYR A 35  ? TYR A 35  . ? 1_555 ? 
18 AC2 22 THR A 38  ? THR A 38  . ? 1_555 ? 
19 AC2 22 GLY A 63  ? GLY A 63  . ? 1_555 ? 
20 AC2 22 ASN A 119 ? ASN A 119 . ? 1_555 ? 
21 AC2 22 LYS A 120 ? LYS A 120 . ? 1_555 ? 
22 AC2 22 ASP A 122 ? ASP A 122 . ? 1_555 ? 
23 AC2 22 LEU A 123 ? LEU A 123 . ? 1_555 ? 
24 AC2 22 SER A 149 ? SER A 149 . ? 1_555 ? 
25 AC2 22 ALA A 150 ? ALA A 150 . ? 1_555 ? 
26 AC2 22 MG  B .   ? MG  A 178 . ? 1_555 ? 
27 AC2 22 HOH E .   ? HOH A 182 . ? 1_555 ? 
28 AC2 22 HOH E .   ? HOH A 186 . ? 1_555 ? 
29 AC3 5  ALA A 62  ? ALA A 62  . ? 1_555 ? 
30 AC3 5  GLY A 63  ? GLY A 63  . ? 1_555 ? 
31 AC3 5  GLN A 64  ? GLN A 64  . ? 1_555 ? 
32 AC3 5  ILE A 69  ? ILE A 69  . ? 1_555 ? 
33 AC3 5  PRO A 71  ? PRO A 71  . ? 1_555 ? 
# 
_atom_sites.entry_id                    1XTR 
_atom_sites.fract_transf_matrix[1][1]   -0.00731011 
_atom_sites.fract_transf_matrix[1][2]   -0.00160209 
_atom_sites.fract_transf_matrix[1][3]   -0.00619490 
_atom_sites.fract_transf_matrix[2][1]   0.00267241 
_atom_sites.fract_transf_matrix[2][2]   0.00817429 
_atom_sites.fract_transf_matrix[2][3]   -0.00526749 
_atom_sites.fract_transf_matrix[3][1]   0.01256741 
_atom_sites.fract_transf_matrix[3][2]   -0.01171297 
_atom_sites.fract_transf_matrix[3][3]   -0.01180066 
_atom_sites.fract_transf_vector[1]      0.324592 
_atom_sites.fract_transf_vector[2]      0.847178 
_atom_sites.fract_transf_vector[3]      1.421999 
# 
loop_
_atom_type.symbol 
C  
MG 
N  
O  
P  
S  
# 
loop_
_atom_site.group_PDB 
_atom_site.id 
_atom_site.type_symbol 
_atom_site.label_atom_id 
_atom_site.label_alt_id 
_atom_site.label_comp_id 
_atom_site.label_asym_id 
_atom_site.label_entity_id 
_atom_site.label_seq_id 
_atom_site.pdbx_PDB_ins_code 
_atom_site.Cartn_x 
_atom_site.Cartn_y 
_atom_site.Cartn_z 
_atom_site.occupancy 
_atom_site.B_iso_or_equiv 
_atom_site.pdbx_formal_charge 
_atom_site.auth_seq_id 
_atom_site.auth_comp_id 
_atom_site.auth_asym_id 
_atom_site.auth_atom_id 
_atom_site.pdbx_PDB_model_num 
ATOM   1    N  N     . PRO A 1 2   ? 7.188   -15.011 -20.192 1.00 43.35 ? 2   PRO A N     1 
ATOM   2    C  CA    . PRO A 1 2   ? 7.299   -13.678 -20.835 1.00 42.03 ? 2   PRO A CA    1 
ATOM   3    C  C     . PRO A 1 2   ? 8.330   -12.840 -20.097 1.00 41.55 ? 2   PRO A C     1 
ATOM   4    O  O     . PRO A 1 2   ? 8.063   -12.362 -18.996 1.00 41.92 ? 2   PRO A O     1 
ATOM   5    C  CB    . PRO A 1 2   ? 5.922   -13.038 -20.758 1.00 42.57 ? 2   PRO A CB    1 
ATOM   6    C  CG    . PRO A 1 2   ? 5.325   -13.739 -19.542 1.00 43.66 ? 2   PRO A CG    1 
ATOM   7    C  CD    . PRO A 1 2   ? 5.844   -15.184 -19.611 1.00 42.69 ? 2   PRO A CD    1 
ATOM   8    N  N     . GLN A 1 3   ? 9.499   -12.664 -20.710 1.00 41.10 ? 3   GLN A N     1 
ATOM   9    C  CA    . GLN A 1 3   ? 10.607  -11.904 -20.118 1.00 41.90 ? 3   GLN A CA    1 
ATOM   10   C  C     . GLN A 1 3   ? 10.191  -10.807 -19.126 1.00 42.54 ? 3   GLN A C     1 
ATOM   11   O  O     . GLN A 1 3   ? 10.826  -10.637 -18.076 1.00 42.40 ? 3   GLN A O     1 
ATOM   12   C  CB    . GLN A 1 3   ? 11.476  -11.317 -21.236 1.00 41.74 ? 3   GLN A CB    1 
ATOM   13   C  CG    . GLN A 1 3   ? 12.768  -10.652 -20.784 1.00 42.36 ? 3   GLN A CG    1 
ATOM   14   C  CD    . GLN A 1 3   ? 12.589  -9.173  -20.470 1.00 45.65 ? 3   GLN A CD    1 
ATOM   15   O  OE1   . GLN A 1 3   ? 11.969  -8.431  -21.243 1.00 46.54 ? 3   GLN A OE1   1 
ATOM   16   N  NE2   . GLN A 1 3   ? 13.145  -8.733  -19.343 1.00 44.86 ? 3   GLN A NE2   1 
ATOM   17   N  N     . SER A 1 4   ? 9.128   -10.074 -19.450 1.00 42.22 ? 4   SER A N     1 
ATOM   18   C  CA    . SER A 1 4   ? 8.633   -9.014  -18.573 1.00 41.17 ? 4   SER A CA    1 
ATOM   19   C  C     . SER A 1 4   ? 7.105   -8.919  -18.530 1.00 40.61 ? 4   SER A C     1 
ATOM   20   O  O     . SER A 1 4   ? 6.434   -9.082  -19.551 1.00 41.11 ? 4   SER A O     1 
ATOM   21   C  CB    . SER A 1 4   ? 9.203   -7.664  -18.999 1.00 41.45 ? 4   SER A CB    1 
ATOM   22   O  OG    . SER A 1 4   ? 8.509   -6.618  -18.350 1.00 40.88 ? 4   SER A OG    1 
ATOM   23   N  N     . LYS A 1 5   ? 6.573   -8.663  -17.335 1.00 38.67 ? 5   LYS A N     1 
ATOM   24   C  CA    . LYS A 1 5   ? 5.134   -8.521  -17.113 1.00 36.72 ? 5   LYS A CA    1 
ATOM   25   C  C     . LYS A 1 5   ? 4.863   -7.118  -16.582 1.00 35.69 ? 5   LYS A C     1 
ATOM   26   O  O     . LYS A 1 5   ? 5.721   -6.525  -15.938 1.00 36.64 ? 5   LYS A O     1 
ATOM   27   C  CB    . LYS A 1 5   ? 4.627   -9.531  -16.083 1.00 35.28 ? 5   LYS A CB    1 
ATOM   28   C  CG    . LYS A 1 5   ? 4.724   -10.980 -16.498 1.00 35.16 ? 5   LYS A CG    1 
ATOM   29   C  CD    . LYS A 1 5   ? 4.086   -11.877 -15.446 1.00 34.54 ? 5   LYS A CD    1 
ATOM   30   C  CE    . LYS A 1 5   ? 4.203   -13.349 -15.818 1.00 36.29 ? 5   LYS A CE    1 
ATOM   31   N  NZ    . LYS A 1 5   ? 3.528   -14.237 -14.834 1.00 36.21 ? 5   LYS A NZ    1 
ATOM   32   N  N     . SER A 1 6   ? 3.676   -6.589  -16.851 1.00 33.27 ? 6   SER A N     1 
ATOM   33   C  CA    . SER A 1 6   ? 3.334   -5.260  -16.376 1.00 30.78 ? 6   SER A CA    1 
ATOM   34   C  C     . SER A 1 6   ? 2.174   -5.331  -15.405 1.00 29.63 ? 6   SER A C     1 
ATOM   35   O  O     . SER A 1 6   ? 1.145   -5.952  -15.673 1.00 28.72 ? 6   SER A O     1 
ATOM   36   C  CB    . SER A 1 6   ? 2.984   -4.341  -17.546 1.00 31.90 ? 6   SER A CB    1 
ATOM   37   O  OG    . SER A 1 6   ? 4.132   -4.070  -18.336 1.00 32.06 ? 6   SER A OG    1 
ATOM   38   N  N     . ARG A 1 7   ? 2.354   -4.687  -14.263 1.00 27.02 ? 7   ARG A N     1 
ATOM   39   C  CA    . ARG A 1 7   ? 1.338   -4.681  -13.236 1.00 23.92 ? 7   ARG A CA    1 
ATOM   40   C  C     . ARG A 1 7   ? 1.163   -3.273  -12.701 1.00 22.65 ? 7   ARG A C     1 
ATOM   41   O  O     . ARG A 1 7   ? 2.141   -2.540  -12.533 1.00 22.87 ? 7   ARG A O     1 
ATOM   42   C  CB    . ARG A 1 7   ? 1.751   -5.620  -12.111 1.00 24.14 ? 7   ARG A CB    1 
ATOM   43   C  CG    . ARG A 1 7   ? 1.809   -7.072  -12.519 1.00 24.72 ? 7   ARG A CG    1 
ATOM   44   C  CD    . ARG A 1 7   ? 0.418   -7.568  -12.804 1.00 28.72 ? 7   ARG A CD    1 
ATOM   45   N  NE    . ARG A 1 7   ? 0.357   -9.007  -13.053 1.00 31.18 ? 7   ARG A NE    1 
ATOM   46   C  CZ    . ARG A 1 7   ? 0.855   -9.603  -14.130 1.00 32.00 ? 7   ARG A CZ    1 
ATOM   47   N  NH1   . ARG A 1 7   ? 1.462   -8.890  -15.073 1.00 31.41 ? 7   ARG A NH1   1 
ATOM   48   N  NH2   . ARG A 1 7   ? 0.726   -10.914 -14.268 1.00 32.96 ? 7   ARG A NH2   1 
ATOM   49   N  N     . LYS A 1 8   ? -0.086  -2.890  -12.455 1.00 20.64 ? 8   LYS A N     1 
ATOM   50   C  CA    . LYS A 1 8   ? -0.379  -1.574  -11.923 1.00 19.15 ? 8   LYS A CA    1 
ATOM   51   C  C     . LYS A 1 8   ? -0.831  -1.703  -10.472 1.00 18.15 ? 8   LYS A C     1 
ATOM   52   O  O     . LYS A 1 8   ? -1.787  -2.419  -10.173 1.00 17.46 ? 8   LYS A O     1 
ATOM   53   C  CB    . LYS A 1 8   ? -1.460  -0.872  -12.758 1.00 17.87 ? 8   LYS A CB    1 
ATOM   54   C  CG    . LYS A 1 8   ? -1.875  0.466   -12.163 1.00 20.16 ? 8   LYS A CG    1 
ATOM   55   C  CD    . LYS A 1 8   ? -2.130  1.540   -13.204 1.00 23.11 ? 8   LYS A CD    1 
ATOM   56   C  CE    . LYS A 1 8   ? -3.521  1.436   -13.821 1.00 26.98 ? 8   LYS A CE    1 
ATOM   57   N  NZ    . LYS A 1 8   ? -3.819  2.545   -14.798 1.00 26.45 ? 8   LYS A NZ    1 
ATOM   58   N  N     . ILE A 1 9   ? -0.123  -1.019  -9.578  1.00 16.79 ? 9   ILE A N     1 
ATOM   59   C  CA    . ILE A 1 9   ? -0.436  -1.040  -8.153  1.00 17.57 ? 9   ILE A CA    1 
ATOM   60   C  C     . ILE A 1 9   ? -0.850  0.327   -7.620  1.00 16.02 ? 9   ILE A C     1 
ATOM   61   O  O     . ILE A 1 9   ? -0.229  1.337   -7.931  1.00 14.31 ? 9   ILE A O     1 
ATOM   62   C  CB    . ILE A 1 9   ? 0.774   -1.514  -7.308  1.00 19.57 ? 9   ILE A CB    1 
ATOM   63   C  CG1   . ILE A 1 9   ? 0.905   -3.039  -7.354  1.00 19.36 ? 9   ILE A CG1   1 
ATOM   64   C  CG2   . ILE A 1 9   ? 0.590   -1.075  -5.853  1.00 19.84 ? 9   ILE A CG2   1 
ATOM   65   C  CD1   . ILE A 1 9   ? 0.935   -3.624  -8.715  1.00 18.52 ? 9   ILE A CD1   1 
ATOM   66   N  N     . ALA A 1 10  ? -1.895  0.345   -6.800  1.00 16.13 ? 10  ALA A N     1 
ATOM   67   C  CA    . ALA A 1 10  ? -2.386  1.582   -6.200  1.00 14.41 ? 10  ALA A CA    1 
ATOM   68   C  C     . ALA A 1 10  ? -2.058  1.571   -4.706  1.00 14.75 ? 10  ALA A C     1 
ATOM   69   O  O     . ALA A 1 10  ? -2.331  0.588   -4.014  1.00 13.86 ? 10  ALA A O     1 
ATOM   70   C  CB    . ALA A 1 10  ? -3.894  1.702   -6.405  1.00 11.30 ? 10  ALA A CB    1 
ATOM   71   N  N     . ILE A 1 11  ? -1.448  2.651   -4.222  1.00 14.67 ? 11  ILE A N     1 
ATOM   72   C  CA    . ILE A 1 11  ? -1.106  2.770   -2.812  1.00 15.06 ? 11  ILE A CA    1 
ATOM   73   C  C     . ILE A 1 11  ? -2.146  3.699   -2.209  1.00 16.91 ? 11  ILE A C     1 
ATOM   74   O  O     . ILE A 1 11  ? -2.162  4.884   -2.501  1.00 18.20 ? 11  ILE A O     1 
ATOM   75   C  CB    . ILE A 1 11  ? 0.303   3.370   -2.607  1.00 14.57 ? 11  ILE A CB    1 
ATOM   76   C  CG1   . ILE A 1 11  ? 1.374   2.457   -3.218  1.00 17.10 ? 11  ILE A CG1   1 
ATOM   77   C  CG2   . ILE A 1 11  ? 0.605   3.482   -1.123  1.00 13.67 ? 11  ILE A CG2   1 
ATOM   78   C  CD1   . ILE A 1 11  ? 1.482   2.496   -4.734  1.00 16.34 ? 11  ILE A CD1   1 
ATOM   79   N  N     . LEU A 1 12  ? -3.028  3.160   -1.375  1.00 19.31 ? 12  LEU A N     1 
ATOM   80   C  CA    . LEU A 1 12  ? -4.087  3.961   -0.780  1.00 19.38 ? 12  LEU A CA    1 
ATOM   81   C  C     . LEU A 1 12  ? -3.945  4.075   0.729   1.00 22.66 ? 12  LEU A C     1 
ATOM   82   O  O     . LEU A 1 12  ? -3.222  3.296   1.357   1.00 22.46 ? 12  LEU A O     1 
ATOM   83   C  CB    . LEU A 1 12  ? -5.438  3.334   -1.103  1.00 17.88 ? 12  LEU A CB    1 
ATOM   84   C  CG    . LEU A 1 12  ? -5.710  2.938   -2.553  1.00 16.28 ? 12  LEU A CG    1 
ATOM   85   C  CD1   . LEU A 1 12  ? -6.737  1.831   -2.571  1.00 16.35 ? 12  LEU A CD1   1 
ATOM   86   C  CD2   . LEU A 1 12  ? -6.178  4.136   -3.358  1.00 15.95 ? 12  LEU A CD2   1 
ATOM   87   N  N     . GLY A 1 13  ? -4.657  5.050   1.300   1.00 26.35 ? 13  GLY A N     1 
ATOM   88   C  CA    . GLY A 1 13  ? -4.641  5.277   2.737   1.00 26.35 ? 13  GLY A CA    1 
ATOM   89   C  C     . GLY A 1 13  ? -4.913  6.715   3.157   1.00 26.81 ? 13  GLY A C     1 
ATOM   90   O  O     . GLY A 1 13  ? -4.981  7.623   2.324   1.00 24.81 ? 13  GLY A O     1 
ATOM   91   N  N     . TYR A 1 14  ? -5.074  6.902   4.468   1.00 28.94 ? 14  TYR A N     1 
ATOM   92   C  CA    . TYR A 1 14  ? -5.314  8.204   5.091   1.00 29.46 ? 14  TYR A CA    1 
ATOM   93   C  C     . TYR A 1 14  ? -4.071  9.068   4.881   1.00 29.61 ? 14  TYR A C     1 
ATOM   94   O  O     . TYR A 1 14  ? -2.999  8.539   4.597   1.00 30.35 ? 14  TYR A O     1 
ATOM   95   C  CB    . TYR A 1 14  ? -5.567  8.006   6.584   1.00 30.77 ? 14  TYR A CB    1 
ATOM   96   C  CG    . TYR A 1 14  ? -5.948  9.259   7.349   1.00 34.14 ? 14  TYR A CG    1 
ATOM   97   C  CD1   . TYR A 1 14  ? -7.012  10.063  6.932   1.00 34.81 ? 14  TYR A CD1   1 
ATOM   98   C  CD2   . TYR A 1 14  ? -5.294  9.597   8.534   1.00 33.43 ? 14  TYR A CD2   1 
ATOM   99   C  CE1   . TYR A 1 14  ? -7.419  11.161  7.683   1.00 34.59 ? 14  TYR A CE1   1 
ATOM   100  C  CE2   . TYR A 1 14  ? -5.693  10.688  9.288   1.00 33.98 ? 14  TYR A CE2   1 
ATOM   101  C  CZ    . TYR A 1 14  ? -6.756  11.462  8.862   1.00 35.44 ? 14  TYR A CZ    1 
ATOM   102  O  OH    . TYR A 1 14  ? -7.181  12.512  9.643   1.00 38.74 ? 14  TYR A OH    1 
ATOM   103  N  N     . ARG A 1 15  ? -4.192  10.382  5.032   1.00 29.20 ? 15  ARG A N     1 
ATOM   104  C  CA    . ARG A 1 15  ? -3.037  11.248  4.806   1.00 30.83 ? 15  ARG A CA    1 
ATOM   105  C  C     . ARG A 1 15  ? -1.923  11.214  5.857   1.00 29.19 ? 15  ARG A C     1 
ATOM   106  O  O     . ARG A 1 15  ? -2.139  10.843  7.012   1.00 28.80 ? 15  ARG A O     1 
ATOM   107  C  CB    . ARG A 1 15  ? -3.498  12.696  4.561   1.00 33.30 ? 15  ARG A CB    1 
ATOM   108  C  CG    . ARG A 1 15  ? -4.560  13.187  5.507   1.00 37.14 ? 15  ARG A CG    1 
ATOM   109  C  CD    . ARG A 1 15  ? -5.596  14.039  4.792   1.00 41.06 ? 15  ARG A CD    1 
ATOM   110  N  NE    . ARG A 1 15  ? -6.792  14.175  5.623   1.00 46.09 ? 15  ARG A NE    1 
ATOM   111  C  CZ    . ARG A 1 15  ? -8.034  14.304  5.157   1.00 47.79 ? 15  ARG A CZ    1 
ATOM   112  N  NH1   . ARG A 1 15  ? -8.265  14.324  3.843   1.00 48.19 ? 15  ARG A NH1   1 
ATOM   113  N  NH2   . ARG A 1 15  ? -9.048  14.388  6.012   1.00 46.98 ? 15  ARG A NH2   1 
ATOM   114  N  N     . SER A 1 16  ? -0.719  11.580  5.421   1.00 27.57 ? 16  SER A N     1 
ATOM   115  C  CA    . SER A 1 16  ? 0.463   11.623  6.280   1.00 26.69 ? 16  SER A CA    1 
ATOM   116  C  C     . SER A 1 16  ? 1.004   10.271  6.725   1.00 23.78 ? 16  SER A C     1 
ATOM   117  O  O     . SER A 1 16  ? 2.024   10.217  7.399   1.00 24.76 ? 16  SER A O     1 
ATOM   118  C  CB    . SER A 1 16  ? 0.188   12.468  7.534   1.00 28.84 ? 16  SER A CB    1 
ATOM   119  O  OG    . SER A 1 16  ? -0.043  13.834  7.221   1.00 31.75 ? 16  SER A OG    1 
ATOM   120  N  N     . VAL A 1 17  ? 0.335   9.183   6.361   1.00 21.09 ? 17  VAL A N     1 
ATOM   121  C  CA    . VAL A 1 17  ? 0.784   7.854   6.780   1.00 18.07 ? 17  VAL A CA    1 
ATOM   122  C  C     . VAL A 1 17  ? 2.091   7.417   6.128   1.00 17.31 ? 17  VAL A C     1 
ATOM   123  O  O     . VAL A 1 17  ? 2.777   6.537   6.647   1.00 15.76 ? 17  VAL A O     1 
ATOM   124  C  CB    . VAL A 1 17  ? -0.299  6.788   6.516   1.00 17.80 ? 17  VAL A CB    1 
ATOM   125  C  CG1   . VAL A 1 17  ? -1.584  7.169   7.249   1.00 18.13 ? 17  VAL A CG1   1 
ATOM   126  C  CG2   . VAL A 1 17  ? -0.558  6.652   5.022   1.00 17.55 ? 17  VAL A CG2   1 
ATOM   127  N  N     . GLY A 1 18  ? 2.432   8.037   4.997   1.00 15.71 ? 18  GLY A N     1 
ATOM   128  C  CA    . GLY A 1 18  ? 3.670   7.710   4.318   1.00 14.99 ? 18  GLY A CA    1 
ATOM   129  C  C     . GLY A 1 18  ? 3.534   6.957   3.011   1.00 16.03 ? 18  GLY A C     1 
ATOM   130  O  O     . GLY A 1 18  ? 4.444   6.223   2.614   1.00 16.25 ? 18  GLY A O     1 
ATOM   131  N  N     . LYS A 1 19  ? 2.414   7.141   2.324   1.00 15.62 ? 19  LYS A N     1 
ATOM   132  C  CA    . LYS A 1 19  ? 2.198   6.449   1.064   1.00 16.50 ? 19  LYS A CA    1 
ATOM   133  C  C     . LYS A 1 19  ? 3.295   6.796   0.065   1.00 18.73 ? 19  LYS A C     1 
ATOM   134  O  O     . LYS A 1 19  ? 3.832   5.915   -0.613  1.00 18.99 ? 19  LYS A O     1 
ATOM   135  C  CB    . LYS A 1 19  ? 0.827   6.813   0.481   1.00 13.65 ? 19  LYS A CB    1 
ATOM   136  C  CG    . LYS A 1 19  ? -0.343  6.364   1.336   1.00 13.83 ? 19  LYS A CG    1 
ATOM   137  C  CD    . LYS A 1 19  ? -1.694  6.641   0.671   1.00 14.89 ? 19  LYS A CD    1 
ATOM   138  C  CE    . LYS A 1 19  ? -2.026  8.130   0.612   1.00 13.60 ? 19  LYS A CE    1 
ATOM   139  N  NZ    . LYS A 1 19  ? -2.068  8.747   1.964   1.00 13.35 ? 19  LYS A NZ    1 
ATOM   140  N  N     . SER A 1 20  ? 3.618   8.085   -0.014  1.00 20.11 ? 20  SER A N     1 
ATOM   141  C  CA    . SER A 1 20  ? 4.637   8.590   -0.924  1.00 19.74 ? 20  SER A CA    1 
ATOM   142  C  C     . SER A 1 20  ? 6.023   8.216   -0.451  1.00 21.90 ? 20  SER A C     1 
ATOM   143  O  O     . SER A 1 20  ? 6.809   7.641   -1.200  1.00 24.65 ? 20  SER A O     1 
ATOM   144  C  CB    . SER A 1 20  ? 4.536   10.098  -1.011  1.00 16.71 ? 20  SER A CB    1 
ATOM   145  O  OG    . SER A 1 20  ? 3.234   10.447  -1.403  1.00 16.97 ? 20  SER A OG    1 
ATOM   146  N  N     . SER A 1 21  ? 6.319   8.556   0.797   1.00 21.89 ? 21  SER A N     1 
ATOM   147  C  CA    . SER A 1 21  ? 7.612   8.255   1.394   1.00 22.24 ? 21  SER A CA    1 
ATOM   148  C  C     . SER A 1 21  ? 7.975   6.798   1.121   1.00 22.45 ? 21  SER A C     1 
ATOM   149  O  O     . SER A 1 21  ? 9.071   6.486   0.648   1.00 22.36 ? 21  SER A O     1 
ATOM   150  C  CB    . SER A 1 21  ? 7.546   8.505   2.901   1.00 22.23 ? 21  SER A CB    1 
ATOM   151  O  OG    . SER A 1 21  ? 7.130   9.832   3.187   1.00 23.66 ? 21  SER A OG    1 
ATOM   152  N  N     . LEU A 1 22  ? 7.026   5.913   1.412   1.00 23.28 ? 22  LEU A N     1 
ATOM   153  C  CA    . LEU A 1 22  ? 7.204   4.482   1.221   1.00 22.42 ? 22  LEU A CA    1 
ATOM   154  C  C     . LEU A 1 22  ? 7.413   4.149   -0.255  1.00 21.78 ? 22  LEU A C     1 
ATOM   155  O  O     . LEU A 1 22  ? 8.184   3.258   -0.596  1.00 21.10 ? 22  LEU A O     1 
ATOM   156  C  CB    . LEU A 1 22  ? 5.980   3.744   1.770   1.00 21.62 ? 22  LEU A CB    1 
ATOM   157  C  CG    . LEU A 1 22  ? 6.278   2.431   2.492   1.00 22.55 ? 22  LEU A CG    1 
ATOM   158  C  CD1   . LEU A 1 22  ? 5.011   1.853   3.078   1.00 21.71 ? 22  LEU A CD1   1 
ATOM   159  C  CD2   . LEU A 1 22  ? 6.907   1.458   1.521   1.00 24.51 ? 22  LEU A CD2   1 
ATOM   160  N  N     . THR A 1 23  ? 6.723   4.881   -1.119  1.00 22.22 ? 23  THR A N     1 
ATOM   161  C  CA    . THR A 1 23  ? 6.803   4.691   -2.564  1.00 24.43 ? 23  THR A CA    1 
ATOM   162  C  C     . THR A 1 23  ? 8.129   5.185   -3.156  1.00 25.60 ? 23  THR A C     1 
ATOM   163  O  O     . THR A 1 23  ? 8.751   4.507   -3.982  1.00 24.27 ? 23  THR A O     1 
ATOM   164  C  CB    . THR A 1 23  ? 5.655   5.433   -3.251  1.00 24.79 ? 23  THR A CB    1 
ATOM   165  O  OG1   . THR A 1 23  ? 4.410   4.893   -2.799  1.00 27.16 ? 23  THR A OG1   1 
ATOM   166  C  CG2   . THR A 1 23  ? 5.748   5.296   -4.752  1.00 26.32 ? 23  THR A CG2   1 
ATOM   167  N  N     . ILE A 1 24  ? 8.543   6.379   -2.738  1.00 26.52 ? 24  ILE A N     1 
ATOM   168  C  CA    . ILE A 1 24  ? 9.783   6.984   -3.204  1.00 26.76 ? 24  ILE A CA    1 
ATOM   169  C  C     . ILE A 1 24  ? 10.963  6.169   -2.696  1.00 27.77 ? 24  ILE A C     1 
ATOM   170  O  O     . ILE A 1 24  ? 11.921  5.938   -3.427  1.00 28.47 ? 24  ILE A O     1 
ATOM   171  C  CB    . ILE A 1 24  ? 9.914   8.458   -2.700  1.00 26.95 ? 24  ILE A CB    1 
ATOM   172  C  CG1   . ILE A 1 24  ? 9.105   9.401   -3.590  1.00 25.45 ? 24  ILE A CG1   1 
ATOM   173  C  CG2   . ILE A 1 24  ? 11.372  8.897   -2.689  1.00 28.67 ? 24  ILE A CG2   1 
ATOM   174  C  CD1   . ILE A 1 24  ? 7.616   9.231   -3.489  1.00 26.19 ? 24  ILE A CD1   1 
ATOM   175  N  N     . GLN A 1 25  ? 10.893  5.735   -1.440  1.00 28.09 ? 25  GLN A N     1 
ATOM   176  C  CA    . GLN A 1 25  ? 11.966  4.942   -0.848  1.00 29.55 ? 25  GLN A CA    1 
ATOM   177  C  C     . GLN A 1 25  ? 12.237  3.705   -1.708  1.00 30.18 ? 25  GLN A C     1 
ATOM   178  O  O     . GLN A 1 25  ? 13.387  3.339   -1.955  1.00 31.07 ? 25  GLN A O     1 
ATOM   179  C  CB    . GLN A 1 25  ? 11.580  4.534   0.584   1.00 28.75 ? 25  GLN A CB    1 
ATOM   180  C  CG    . GLN A 1 25  ? 12.527  3.546   1.288   1.00 27.90 ? 25  GLN A CG    1 
ATOM   181  C  CD    . GLN A 1 25  ? 13.949  4.067   1.445   1.00 28.18 ? 25  GLN A CD    1 
ATOM   182  O  OE1   . GLN A 1 25  ? 14.806  3.855   0.582   1.00 27.38 ? 25  GLN A OE1   1 
ATOM   183  N  NE2   . GLN A 1 25  ? 14.206  4.756   2.552   1.00 27.51 ? 25  GLN A NE2   1 
ATOM   184  N  N     . PHE A 1 26  ? 11.165  3.073   -2.165  1.00 30.18 ? 26  PHE A N     1 
ATOM   185  C  CA    . PHE A 1 26  ? 11.267  1.891   -3.003  1.00 30.83 ? 26  PHE A CA    1 
ATOM   186  C  C     . PHE A 1 26  ? 11.770  2.270   -4.391  1.00 32.29 ? 26  PHE A C     1 
ATOM   187  O  O     . PHE A 1 26  ? 12.723  1.688   -4.899  1.00 32.28 ? 26  PHE A O     1 
ATOM   188  C  CB    . PHE A 1 26  ? 9.893   1.232   -3.119  1.00 31.09 ? 26  PHE A CB    1 
ATOM   189  C  CG    . PHE A 1 26  ? 9.797   0.208   -4.212  1.00 31.65 ? 26  PHE A CG    1 
ATOM   190  C  CD1   . PHE A 1 26  ? 10.555  -0.955  -4.165  1.00 30.45 ? 26  PHE A CD1   1 
ATOM   191  C  CD2   . PHE A 1 26  ? 8.943   0.409   -5.291  1.00 31.55 ? 26  PHE A CD2   1 
ATOM   192  C  CE1   . PHE A 1 26  ? 10.462  -1.902  -5.180  1.00 31.66 ? 26  PHE A CE1   1 
ATOM   193  C  CE2   . PHE A 1 26  ? 8.844   -0.532  -6.312  1.00 32.31 ? 26  PHE A CE2   1 
ATOM   194  C  CZ    . PHE A 1 26  ? 9.605   -1.691  -6.258  1.00 31.20 ? 26  PHE A CZ    1 
ATOM   195  N  N     . VAL A 1 27  ? 11.121  3.264   -4.986  1.00 34.62 ? 27  VAL A N     1 
ATOM   196  C  CA    . VAL A 1 27  ? 11.452  3.738   -6.329  1.00 35.98 ? 27  VAL A CA    1 
ATOM   197  C  C     . VAL A 1 27  ? 12.811  4.428   -6.476  1.00 36.95 ? 27  VAL A C     1 
ATOM   198  O  O     . VAL A 1 27  ? 13.642  4.006   -7.276  1.00 37.50 ? 27  VAL A O     1 
ATOM   199  C  CB    . VAL A 1 27  ? 10.360  4.702   -6.844  1.00 35.32 ? 27  VAL A CB    1 
ATOM   200  C  CG1   . VAL A 1 27  ? 10.667  5.124   -8.269  1.00 34.49 ? 27  VAL A CG1   1 
ATOM   201  C  CG2   . VAL A 1 27  ? 8.999   4.027   -6.772  1.00 35.26 ? 27  VAL A CG2   1 
ATOM   202  N  N     . GLU A 1 28  ? 13.034  5.490   -5.711  1.00 37.98 ? 28  GLU A N     1 
ATOM   203  C  CA    . GLU A 1 28  ? 14.285  6.236   -5.791  1.00 38.95 ? 28  GLU A CA    1 
ATOM   204  C  C     . GLU A 1 28  ? 15.351  5.747   -4.810  1.00 39.69 ? 28  GLU A C     1 
ATOM   205  O  O     . GLU A 1 28  ? 16.537  5.767   -5.120  1.00 38.37 ? 28  GLU A O     1 
ATOM   206  C  CB    . GLU A 1 28  ? 13.996  7.720   -5.579  1.00 39.18 ? 28  GLU A CB    1 
ATOM   207  C  CG    . GLU A 1 28  ? 12.924  8.248   -6.524  1.00 40.80 ? 28  GLU A CG    1 
ATOM   208  C  CD    . GLU A 1 28  ? 12.440  9.625   -6.140  1.00 42.74 ? 28  GLU A CD    1 
ATOM   209  O  OE1   . GLU A 1 28  ? 11.382  10.062  -6.653  1.00 41.63 ? 28  GLU A OE1   1 
ATOM   210  O  OE2   . GLU A 1 28  ? 13.125  10.271  -5.320  1.00 44.17 ? 28  GLU A OE2   1 
ATOM   211  N  N     . GLY A 1 29  ? 14.929  5.316   -3.625  1.00 41.85 ? 29  GLY A N     1 
ATOM   212  C  CA    . GLY A 1 29  ? 15.883  4.808   -2.655  1.00 44.67 ? 29  GLY A CA    1 
ATOM   213  C  C     . GLY A 1 29  ? 16.259  5.736   -1.517  1.00 46.59 ? 29  GLY A C     1 
ATOM   214  O  O     . GLY A 1 29  ? 17.071  5.379   -0.664  1.00 45.52 ? 29  GLY A O     1 
ATOM   215  N  N     . GLN A 1 30  ? 15.681  6.928   -1.493  1.00 48.75 ? 30  GLN A N     1 
ATOM   216  C  CA    . GLN A 1 30  ? 15.988  7.871   -0.433  1.00 51.83 ? 30  GLN A CA    1 
ATOM   217  C  C     . GLN A 1 30  ? 14.760  8.102   0.421   1.00 52.21 ? 30  GLN A C     1 
ATOM   218  O  O     . GLN A 1 30  ? 13.700  7.539   0.164   1.00 52.95 ? 30  GLN A O     1 
ATOM   219  C  CB    . GLN A 1 30  ? 16.445  9.205   -1.014  1.00 55.39 ? 30  GLN A CB    1 
ATOM   220  C  CG    . GLN A 1 30  ? 17.717  9.147   -1.833  1.00 60.21 ? 30  GLN A CG    1 
ATOM   221  C  CD    . GLN A 1 30  ? 18.113  10.514  -2.359  1.00 63.76 ? 30  GLN A CD    1 
ATOM   222  O  OE1   . GLN A 1 30  ? 19.116  10.657  -3.066  1.00 65.64 ? 30  GLN A OE1   1 
ATOM   223  N  NE2   . GLN A 1 30  ? 17.321  11.536  -2.016  1.00 64.70 ? 30  GLN A NE2   1 
ATOM   224  N  N     . PHE A 1 31  ? 14.914  8.942   1.439   1.00 52.18 ? 31  PHE A N     1 
ATOM   225  C  CA    . PHE A 1 31  ? 13.819  9.272   2.329   1.00 51.54 ? 31  PHE A CA    1 
ATOM   226  C  C     . PHE A 1 31  ? 13.659  10.779  2.390   1.00 52.31 ? 31  PHE A C     1 
ATOM   227  O  O     . PHE A 1 31  ? 14.524  11.491  2.891   1.00 51.50 ? 31  PHE A O     1 
ATOM   228  C  CB    . PHE A 1 31  ? 14.083  8.729   3.733   1.00 51.80 ? 31  PHE A CB    1 
ATOM   229  C  CG    . PHE A 1 31  ? 13.027  9.105   4.731   1.00 51.36 ? 31  PHE A CG    1 
ATOM   230  C  CD1   . PHE A 1 31  ? 11.747  8.581   4.638   1.00 50.78 ? 31  PHE A CD1   1 
ATOM   231  C  CD2   . PHE A 1 31  ? 13.298  10.027  5.733   1.00 51.74 ? 31  PHE A CD2   1 
ATOM   232  C  CE1   . PHE A 1 31  ? 10.753  8.972   5.525   1.00 50.80 ? 31  PHE A CE1   1 
ATOM   233  C  CE2   . PHE A 1 31  ? 12.307  10.424  6.624   1.00 51.81 ? 31  PHE A CE2   1 
ATOM   234  C  CZ    . PHE A 1 31  ? 11.033  9.895   6.518   1.00 50.83 ? 31  PHE A CZ    1 
ATOM   235  N  N     . VAL A 1 32  ? 12.542  11.262  1.871   1.00 54.45 ? 32  VAL A N     1 
ATOM   236  C  CA    . VAL A 1 32  ? 12.254  12.686  1.866   1.00 56.69 ? 32  VAL A CA    1 
ATOM   237  C  C     . VAL A 1 32  ? 11.439  13.069  3.102   1.00 58.42 ? 32  VAL A C     1 
ATOM   238  O  O     . VAL A 1 32  ? 10.506  12.362  3.486   1.00 58.39 ? 32  VAL A O     1 
ATOM   239  C  CB    . VAL A 1 32  ? 11.471  13.074  0.583   1.00 56.22 ? 32  VAL A CB    1 
ATOM   240  C  CG1   . VAL A 1 32  ? 12.364  12.912  -0.638  1.00 55.93 ? 32  VAL A CG1   1 
ATOM   241  C  CG2   . VAL A 1 32  ? 10.241  12.187  0.431   1.00 55.64 ? 32  VAL A CG2   1 
ATOM   242  N  N     . ASP A 1 33  ? 11.803  14.178  3.736   1.00 60.22 ? 33  ASP A N     1 
ATOM   243  C  CA    . ASP A 1 33  ? 11.072  14.634  4.910   1.00 62.70 ? 33  ASP A CA    1 
ATOM   244  C  C     . ASP A 1 33  ? 10.049  15.659  4.453   1.00 63.65 ? 33  ASP A C     1 
ATOM   245  O  O     . ASP A 1 33  ? 8.991   15.823  5.061   1.00 63.46 ? 33  ASP A O     1 
ATOM   246  C  CB    . ASP A 1 33  ? 12.013  15.287  5.918   1.00 64.83 ? 33  ASP A CB    1 
ATOM   247  C  CG    . ASP A 1 33  ? 11.330  15.574  7.247   1.00 67.45 ? 33  ASP A CG    1 
ATOM   248  O  OD1   . ASP A 1 33  ? 10.144  15.973  7.237   1.00 67.28 ? 33  ASP A OD1   1 
ATOM   249  O  OD2   . ASP A 1 33  ? 11.981  15.407  8.302   1.00 68.92 ? 33  ASP A OD2   1 
ATOM   250  N  N     . SER A 1 34  ? 10.385  16.344  3.366   1.00 65.25 ? 34  SER A N     1 
ATOM   251  C  CA    . SER A 1 34  ? 9.539   17.377  2.779   1.00 66.22 ? 34  SER A CA    1 
ATOM   252  C  C     . SER A 1 34  ? 8.095   16.927  2.581   1.00 66.36 ? 34  SER A C     1 
ATOM   253  O  O     . SER A 1 34  ? 7.744   16.404  1.519   1.00 67.17 ? 34  SER A O     1 
ATOM   254  C  CB    . SER A 1 34  ? 10.122  17.810  1.432   1.00 66.21 ? 34  SER A CB    1 
ATOM   255  O  OG    . SER A 1 34  ? 11.501  18.131  1.552   1.00 67.03 ? 34  SER A OG    1 
ATOM   256  N  N     . TYR A 1 35  ? 7.258   17.136  3.594   1.00 65.97 ? 35  TYR A N     1 
ATOM   257  C  CA    . TYR A 1 35  ? 5.857   16.743  3.493   1.00 65.67 ? 35  TYR A CA    1 
ATOM   258  C  C     . TYR A 1 35  ? 5.078   17.557  2.460   1.00 64.39 ? 35  TYR A C     1 
ATOM   259  O  O     . TYR A 1 35  ? 4.774   18.734  2.677   1.00 63.63 ? 35  TYR A O     1 
ATOM   260  C  CB    . TYR A 1 35  ? 5.136   16.872  4.837   1.00 67.19 ? 35  TYR A CB    1 
ATOM   261  C  CG    . TYR A 1 35  ? 3.669   16.508  4.721   1.00 68.26 ? 35  TYR A CG    1 
ATOM   262  C  CD1   . TYR A 1 35  ? 3.282   15.207  4.400   1.00 68.47 ? 35  TYR A CD1   1 
ATOM   263  C  CD2   . TYR A 1 35  ? 2.673   17.474  4.859   1.00 68.52 ? 35  TYR A CD2   1 
ATOM   264  C  CE1   . TYR A 1 35  ? 1.946   14.871  4.215   1.00 68.21 ? 35  TYR A CE1   1 
ATOM   265  C  CE2   . TYR A 1 35  ? 1.327   17.147  4.676   1.00 68.99 ? 35  TYR A CE2   1 
ATOM   266  C  CZ    . TYR A 1 35  ? 0.973   15.842  4.353   1.00 68.23 ? 35  TYR A CZ    1 
ATOM   267  O  OH    . TYR A 1 35  ? -0.348  15.505  4.164   1.00 66.86 ? 35  TYR A OH    1 
ATOM   268  N  N     . ASP A 1 36  ? 4.749   16.913  1.345   1.00 62.19 ? 36  ASP A N     1 
ATOM   269  C  CA    . ASP A 1 36  ? 3.992   17.551  0.280   1.00 59.41 ? 36  ASP A CA    1 
ATOM   270  C  C     . ASP A 1 36  ? 2.689   16.800  0.079   1.00 56.31 ? 36  ASP A C     1 
ATOM   271  O  O     . ASP A 1 36  ? 2.692   15.626  -0.282  1.00 55.97 ? 36  ASP A O     1 
ATOM   272  C  CB    . ASP A 1 36  ? 4.797   17.536  -1.017  1.00 61.16 ? 36  ASP A CB    1 
ATOM   273  C  CG    . ASP A 1 36  ? 5.989   18.463  -0.969  1.00 63.21 ? 36  ASP A CG    1 
ATOM   274  O  OD1   . ASP A 1 36  ? 5.828   19.654  -1.312  1.00 65.22 ? 36  ASP A OD1   1 
ATOM   275  O  OD2   . ASP A 1 36  ? 7.083   18.008  -0.571  1.00 63.71 ? 36  ASP A OD2   1 
ATOM   276  N  N     . PRO A 1 37  ? 1.551   17.459  0.337   1.00 54.27 ? 37  PRO A N     1 
ATOM   277  C  CA    . PRO A 1 37  ? 0.270   16.773  0.148   1.00 51.72 ? 37  PRO A CA    1 
ATOM   278  C  C     . PRO A 1 37  ? 0.260   16.342  -1.312  1.00 49.02 ? 37  PRO A C     1 
ATOM   279  O  O     . PRO A 1 37  ? 0.591   17.138  -2.191  1.00 51.14 ? 37  PRO A O     1 
ATOM   280  C  CB    . PRO A 1 37  ? -0.752  17.864  0.446   1.00 52.67 ? 37  PRO A CB    1 
ATOM   281  C  CG    . PRO A 1 37  ? -0.025  18.747  1.434   1.00 53.67 ? 37  PRO A CG    1 
ATOM   282  C  CD    . PRO A 1 37  ? 1.351   18.835  0.827   1.00 54.35 ? 37  PRO A CD    1 
ATOM   283  N  N     . THR A 1 38  ? -0.108  15.097  -1.579  1.00 44.33 ? 38  THR A N     1 
ATOM   284  C  CA    . THR A 1 38  ? -0.092  14.607  -2.947  1.00 40.34 ? 38  THR A CA    1 
ATOM   285  C  C     . THR A 1 38  ? -1.408  14.682  -3.694  1.00 38.56 ? 38  THR A C     1 
ATOM   286  O  O     . THR A 1 38  ? -2.465  14.442  -3.121  1.00 38.10 ? 38  THR A O     1 
ATOM   287  C  CB    . THR A 1 38  ? 0.406   13.162  -2.984  1.00 39.90 ? 38  THR A CB    1 
ATOM   288  O  OG1   . THR A 1 38  ? 1.801   13.139  -2.664  1.00 38.23 ? 38  THR A OG1   1 
ATOM   289  C  CG2   . THR A 1 38  ? 0.184   12.544  -4.352  1.00 40.40 ? 38  THR A CG2   1 
ATOM   290  N  N     . ILE A 1 39  ? -1.328  15.029  -4.977  1.00 36.89 ? 39  ILE A N     1 
ATOM   291  C  CA    . ILE A 1 39  ? -2.507  15.109  -5.836  1.00 36.73 ? 39  ILE A CA    1 
ATOM   292  C  C     . ILE A 1 39  ? -2.619  13.698  -6.417  1.00 35.10 ? 39  ILE A C     1 
ATOM   293  O  O     . ILE A 1 39  ? -3.655  13.033  -6.305  1.00 33.73 ? 39  ILE A O     1 
ATOM   294  C  CB    . ILE A 1 39  ? -2.310  16.119  -6.998  1.00 37.68 ? 39  ILE A CB    1 
ATOM   295  C  CG1   . ILE A 1 39  ? -1.421  17.289  -6.552  1.00 37.67 ? 39  ILE A CG1   1 
ATOM   296  C  CG2   . ILE A 1 39  ? -3.663  16.640  -7.461  1.00 35.81 ? 39  ILE A CG2   1 
ATOM   297  C  CD1   . ILE A 1 39  ? -2.033  18.189  -5.509  1.00 38.48 ? 39  ILE A CD1   1 
ATOM   298  N  N     . GLU A 1 40  ? -1.524  13.267  -7.038  1.00 33.28 ? 40  GLU A N     1 
ATOM   299  C  CA    . GLU A 1 40  ? -1.386  11.934  -7.614  1.00 31.30 ? 40  GLU A CA    1 
ATOM   300  C  C     . GLU A 1 40  ? -0.083  11.812  -8.385  1.00 31.23 ? 40  GLU A C     1 
ATOM   301  O  O     . GLU A 1 40  ? 0.138   12.531  -9.358  1.00 32.92 ? 40  GLU A O     1 
ATOM   302  C  CB    . GLU A 1 40  ? -2.536  11.578  -8.551  1.00 28.01 ? 40  GLU A CB    1 
ATOM   303  C  CG    . GLU A 1 40  ? -2.710  10.075  -8.656  1.00 26.08 ? 40  GLU A CG    1 
ATOM   304  C  CD    . GLU A 1 40  ? -3.385  9.640   -9.924  1.00 26.96 ? 40  GLU A CD    1 
ATOM   305  O  OE1   . GLU A 1 40  ? -2.872  10.004  -11.000 1.00 29.45 ? 40  GLU A OE1   1 
ATOM   306  O  OE2   . GLU A 1 40  ? -4.414  8.932   -9.857  1.00 24.60 ? 40  GLU A OE2   1 
ATOM   307  N  N     . ASN A 1 41  ? 0.778   10.903  -7.937  1.00 29.98 ? 41  ASN A N     1 
ATOM   308  C  CA    . ASN A 1 41  ? 2.056   10.659  -8.588  1.00 28.67 ? 41  ASN A CA    1 
ATOM   309  C  C     . ASN A 1 41  ? 2.072   9.260   -9.178  1.00 28.37 ? 41  ASN A C     1 
ATOM   310  O  O     . ASN A 1 41  ? 1.336   8.372   -8.748  1.00 27.15 ? 41  ASN A O     1 
ATOM   311  C  CB    . ASN A 1 41  ? 3.204   10.805  -7.596  1.00 29.31 ? 41  ASN A CB    1 
ATOM   312  C  CG    . ASN A 1 41  ? 3.331   12.210  -7.068  1.00 30.21 ? 41  ASN A CG    1 
ATOM   313  O  OD1   . ASN A 1 41  ? 3.623   13.144  -7.813  1.00 30.09 ? 41  ASN A OD1   1 
ATOM   314  N  ND2   . ASN A 1 41  ? 3.108   12.373  -5.772  1.00 32.00 ? 41  ASN A ND2   1 
ATOM   315  N  N     . THR A 1 42  ? 2.927   9.066   -10.169 1.00 29.36 ? 42  THR A N     1 
ATOM   316  C  CA    . THR A 1 42  ? 3.037   7.781   -10.835 1.00 29.17 ? 42  THR A CA    1 
ATOM   317  C  C     . THR A 1 42  ? 4.472   7.512   -11.226 1.00 29.09 ? 42  THR A C     1 
ATOM   318  O  O     . THR A 1 42  ? 5.085   8.300   -11.944 1.00 29.38 ? 42  THR A O     1 
ATOM   319  C  CB    . THR A 1 42  ? 2.169   7.744   -12.111 1.00 29.19 ? 42  THR A CB    1 
ATOM   320  O  OG1   . THR A 1 42  ? 0.804   7.493   -11.754 1.00 28.88 ? 42  THR A OG1   1 
ATOM   321  C  CG2   . THR A 1 42  ? 2.667   6.672   -13.069 1.00 30.17 ? 42  THR A CG2   1 
ATOM   322  N  N     . PHE A 1 43  ? 5.009   6.399   -10.741 1.00 28.96 ? 43  PHE A N     1 
ATOM   323  C  CA    . PHE A 1 43  ? 6.371   6.017   -11.071 1.00 28.70 ? 43  PHE A CA    1 
ATOM   324  C  C     . PHE A 1 43  ? 6.317   4.631   -11.676 1.00 28.86 ? 43  PHE A C     1 
ATOM   325  O  O     . PHE A 1 43  ? 5.487   3.812   -11.278 1.00 29.50 ? 43  PHE A O     1 
ATOM   326  C  CB    . PHE A 1 43  ? 7.252   5.975   -9.826  1.00 28.04 ? 43  PHE A CB    1 
ATOM   327  C  CG    . PHE A 1 43  ? 7.087   7.155   -8.924  1.00 28.16 ? 43  PHE A CG    1 
ATOM   328  C  CD1   . PHE A 1 43  ? 5.990   7.247   -8.075  1.00 28.64 ? 43  PHE A CD1   1 
ATOM   329  C  CD2   . PHE A 1 43  ? 8.035   8.167   -8.909  1.00 27.50 ? 43  PHE A CD2   1 
ATOM   330  C  CE1   . PHE A 1 43  ? 5.842   8.328   -7.222  1.00 28.12 ? 43  PHE A CE1   1 
ATOM   331  C  CE2   . PHE A 1 43  ? 7.895   9.252   -8.060  1.00 27.57 ? 43  PHE A CE2   1 
ATOM   332  C  CZ    . PHE A 1 43  ? 6.797   9.332   -7.214  1.00 28.37 ? 43  PHE A CZ    1 
ATOM   333  N  N     . THR A 1 44  ? 7.182   4.377   -12.653 1.00 28.70 ? 44  THR A N     1 
ATOM   334  C  CA    . THR A 1 44  ? 7.241   3.064   -13.275 1.00 28.45 ? 44  THR A CA    1 
ATOM   335  C  C     . THR A 1 44  ? 8.556   2.441   -12.857 1.00 29.08 ? 44  THR A C     1 
ATOM   336  O  O     . THR A 1 44  ? 9.614   2.772   -13.391 1.00 30.41 ? 44  THR A O     1 
ATOM   337  C  CB    . THR A 1 44  ? 7.169   3.151   -14.799 1.00 27.91 ? 44  THR A CB    1 
ATOM   338  O  OG1   . THR A 1 44  ? 5.901   3.699   -15.174 1.00 29.17 ? 44  THR A OG1   1 
ATOM   339  C  CG2   . THR A 1 44  ? 7.310   1.771   -15.418 1.00 27.20 ? 44  THR A CG2   1 
ATOM   340  N  N     . LYS A 1 45  ? 8.474   1.560   -11.865 1.00 29.15 ? 45  LYS A N     1 
ATOM   341  C  CA    . LYS A 1 45  ? 9.639   0.875   -11.328 1.00 27.56 ? 45  LYS A CA    1 
ATOM   342  C  C     . LYS A 1 45  ? 9.716   -0.507  -11.956 1.00 27.76 ? 45  LYS A C     1 
ATOM   343  O  O     . LYS A 1 45  ? 8.701   -1.134  -12.251 1.00 29.38 ? 45  LYS A O     1 
ATOM   344  C  CB    . LYS A 1 45  ? 9.515   0.750   -9.808  1.00 27.49 ? 45  LYS A CB    1 
ATOM   345  C  CG    . LYS A 1 45  ? 10.724  0.158   -9.102  1.00 25.65 ? 45  LYS A CG    1 
ATOM   346  C  CD    . LYS A 1 45  ? 11.901  1.093   -9.205  1.00 27.70 ? 45  LYS A CD    1 
ATOM   347  C  CE    . LYS A 1 45  ? 13.074  0.589   -8.400  1.00 29.52 ? 45  LYS A CE    1 
ATOM   348  N  NZ    . LYS A 1 45  ? 14.246  1.500   -8.533  1.00 31.36 ? 45  LYS A NZ    1 
ATOM   349  N  N     . LEU A 1 46  ? 10.938  -0.972  -12.151 1.00 27.24 ? 46  LEU A N     1 
ATOM   350  C  CA    . LEU A 1 46  ? 11.204  -2.268  -12.745 1.00 26.13 ? 46  LEU A CA    1 
ATOM   351  C  C     . LEU A 1 46  ? 11.768  -3.125  -11.615 1.00 25.72 ? 46  LEU A C     1 
ATOM   352  O  O     . LEU A 1 46  ? 12.748  -2.732  -10.979 1.00 26.32 ? 46  LEU A O     1 
ATOM   353  C  CB    . LEU A 1 46  ? 12.250  -2.074  -13.852 1.00 28.28 ? 46  LEU A CB    1 
ATOM   354  C  CG    . LEU A 1 46  ? 12.615  -3.100  -14.923 1.00 28.83 ? 46  LEU A CG    1 
ATOM   355  C  CD1   . LEU A 1 46  ? 13.108  -4.353  -14.239 1.00 31.01 ? 46  LEU A CD1   1 
ATOM   356  C  CD2   . LEU A 1 46  ? 11.421  -3.382  -15.838 1.00 27.61 ? 46  LEU A CD2   1 
ATOM   357  N  N     . ILE A 1 47  ? 11.144  -4.263  -11.327 1.00 24.81 ? 47  ILE A N     1 
ATOM   358  C  CA    . ILE A 1 47  ? 11.658  -5.142  -10.274 1.00 24.57 ? 47  ILE A CA    1 
ATOM   359  C  C     . ILE A 1 47  ? 11.325  -6.602  -10.518 1.00 23.93 ? 47  ILE A C     1 
ATOM   360  O  O     . ILE A 1 47  ? 10.235  -6.928  -10.985 1.00 23.95 ? 47  ILE A O     1 
ATOM   361  C  CB    . ILE A 1 47  ? 11.116  -4.785  -8.879  1.00 25.24 ? 47  ILE A CB    1 
ATOM   362  C  CG1   . ILE A 1 47  ? 9.707   -5.331  -8.704  1.00 23.87 ? 47  ILE A CG1   1 
ATOM   363  C  CG2   . ILE A 1 47  ? 11.136  -3.279  -8.677  1.00 28.04 ? 47  ILE A CG2   1 
ATOM   364  C  CD1   . ILE A 1 47  ? 9.331   -5.436  -7.262  1.00 25.76 ? 47  ILE A CD1   1 
ATOM   365  N  N     . THR A 1 48  ? 12.260  -7.487  -10.186 1.00 23.21 ? 48  THR A N     1 
ATOM   366  C  CA    . THR A 1 48  ? 12.028  -8.910  -10.384 1.00 23.76 ? 48  THR A CA    1 
ATOM   367  C  C     . THR A 1 48  ? 11.659  -9.654  -9.104  1.00 24.31 ? 48  THR A C     1 
ATOM   368  O  O     . THR A 1 48  ? 12.214  -9.401  -8.031  1.00 23.16 ? 48  THR A O     1 
ATOM   369  C  CB    . THR A 1 48  ? 13.245  -9.587  -11.062 1.00 23.57 ? 48  THR A CB    1 
ATOM   370  O  OG1   . THR A 1 48  ? 13.230  -10.994 -10.784 1.00 21.25 ? 48  THR A OG1   1 
ATOM   371  C  CG2   . THR A 1 48  ? 14.537  -8.965  -10.588 1.00 23.15 ? 48  THR A CG2   1 
ATOM   372  N  N     . VAL A 1 49  ? 10.699  -10.567 -9.242  1.00 25.66 ? 49  VAL A N     1 
ATOM   373  C  CA    . VAL A 1 49  ? 10.186  -11.379 -8.137  1.00 26.51 ? 49  VAL A CA    1 
ATOM   374  C  C     . VAL A 1 49  ? 10.170  -12.861 -8.540  1.00 27.54 ? 49  VAL A C     1 
ATOM   375  O  O     . VAL A 1 49  ? 9.459   -13.253 -9.471  1.00 28.41 ? 49  VAL A O     1 
ATOM   376  C  CB    . VAL A 1 49  ? 8.745   -10.947 -7.763  1.00 24.93 ? 49  VAL A CB    1 
ATOM   377  C  CG1   . VAL A 1 49  ? 8.212   -11.798 -6.631  1.00 24.25 ? 49  VAL A CG1   1 
ATOM   378  C  CG2   . VAL A 1 49  ? 8.731   -9.495  -7.374  1.00 25.03 ? 49  VAL A CG2   1 
ATOM   379  N  N     . ASN A 1 50  ? 10.955  -13.671 -7.832  1.00 27.28 ? 50  ASN A N     1 
ATOM   380  C  CA    . ASN A 1 50  ? 11.055  -15.101 -8.096  1.00 26.32 ? 50  ASN A CA    1 
ATOM   381  C  C     . ASN A 1 50  ? 11.532  -15.391 -9.515  1.00 27.37 ? 50  ASN A C     1 
ATOM   382  O  O     . ASN A 1 50  ? 11.036  -16.312 -10.176 1.00 27.68 ? 50  ASN A O     1 
ATOM   383  C  CB    . ASN A 1 50  ? 9.707   -15.780 -7.869  1.00 26.03 ? 50  ASN A CB    1 
ATOM   384  C  CG    . ASN A 1 50  ? 9.207   -15.611 -6.460  1.00 26.57 ? 50  ASN A CG    1 
ATOM   385  O  OD1   . ASN A 1 50  ? 9.946   -15.817 -5.502  1.00 27.06 ? 50  ASN A OD1   1 
ATOM   386  N  ND2   . ASN A 1 50  ? 7.939   -15.244 -6.322  1.00 27.47 ? 50  ASN A ND2   1 
ATOM   387  N  N     . GLY A 1 51  ? 12.491  -14.607 -9.989  1.00 27.25 ? 51  GLY A N     1 
ATOM   388  C  CA    . GLY A 1 51  ? 12.996  -14.828 -11.329 1.00 30.47 ? 51  GLY A CA    1 
ATOM   389  C  C     . GLY A 1 51  ? 12.212  -14.100 -12.402 1.00 32.27 ? 51  GLY A C     1 
ATOM   390  O  O     . GLY A 1 51  ? 12.746  -13.790 -13.470 1.00 33.59 ? 51  GLY A O     1 
ATOM   391  N  N     . GLN A 1 52  ? 10.942  -13.822 -12.131 1.00 33.03 ? 52  GLN A N     1 
ATOM   392  C  CA    . GLN A 1 52  ? 10.120  -13.109 -13.096 1.00 33.70 ? 52  GLN A CA    1 
ATOM   393  C  C     . GLN A 1 52  ? 10.296  -11.609 -12.935 1.00 33.67 ? 52  GLN A C     1 
ATOM   394  O  O     . GLN A 1 52  ? 10.079  -11.065 -11.855 1.00 33.90 ? 52  GLN A O     1 
ATOM   395  C  CB    . GLN A 1 52  ? 8.644   -13.450 -12.913 1.00 33.47 ? 52  GLN A CB    1 
ATOM   396  C  CG    . GLN A 1 52  ? 7.740   -12.727 -13.902 1.00 33.29 ? 52  GLN A CG    1 
ATOM   397  C  CD    . GLN A 1 52  ? 8.077   -13.058 -15.342 1.00 33.61 ? 52  GLN A CD    1 
ATOM   398  O  OE1   . GLN A 1 52  ? 8.034   -14.219 -15.749 1.00 34.22 ? 52  GLN A OE1   1 
ATOM   399  N  NE2   . GLN A 1 52  ? 8.419   -12.038 -16.120 1.00 32.79 ? 52  GLN A NE2   1 
ATOM   400  N  N     . GLU A 1 53  ? 10.698  -10.937 -14.005 1.00 34.46 ? 53  GLU A N     1 
ATOM   401  C  CA    . GLU A 1 53  ? 10.862  -9.492  -13.939 1.00 35.69 ? 53  GLU A CA    1 
ATOM   402  C  C     . GLU A 1 53  ? 9.513   -8.843  -14.196 1.00 35.08 ? 53  GLU A C     1 
ATOM   403  O  O     . GLU A 1 53  ? 8.725   -9.337  -15.006 1.00 34.71 ? 53  GLU A O     1 
ATOM   404  C  CB    . GLU A 1 53  ? 11.874  -8.991  -14.974 1.00 36.57 ? 53  GLU A CB    1 
ATOM   405  C  CG    . GLU A 1 53  ? 11.929  -7.472  -15.040 1.00 40.16 ? 53  GLU A CG    1 
ATOM   406  C  CD    . GLU A 1 53  ? 13.043  -6.951  -15.922 1.00 43.26 ? 53  GLU A CD    1 
ATOM   407  O  OE1   . GLU A 1 53  ? 14.223  -7.159  -15.571 1.00 45.64 ? 53  GLU A OE1   1 
ATOM   408  O  OE2   . GLU A 1 53  ? 12.741  -6.327  -16.964 1.00 44.89 ? 53  GLU A OE2   1 
ATOM   409  N  N     . TYR A 1 54  ? 9.245   -7.744  -13.497 1.00 33.83 ? 54  TYR A N     1 
ATOM   410  C  CA    . TYR A 1 54  ? 7.986   -7.032  -13.663 1.00 32.14 ? 54  TYR A CA    1 
ATOM   411  C  C     . TYR A 1 54  ? 8.194   -5.569  -13.997 1.00 32.53 ? 54  TYR A C     1 
ATOM   412  O  O     . TYR A 1 54  ? 9.237   -4.985  -13.703 1.00 31.34 ? 54  TYR A O     1 
ATOM   413  C  CB    . TYR A 1 54  ? 7.142   -7.119  -12.391 1.00 29.19 ? 54  TYR A CB    1 
ATOM   414  C  CG    . TYR A 1 54  ? 6.564   -8.483  -12.107 1.00 26.82 ? 54  TYR A CG    1 
ATOM   415  C  CD1   . TYR A 1 54  ? 5.336   -8.863  -12.632 1.00 23.59 ? 54  TYR A CD1   1 
ATOM   416  C  CD2   . TYR A 1 54  ? 7.244   -9.390  -11.293 1.00 25.48 ? 54  TYR A CD2   1 
ATOM   417  C  CE1   . TYR A 1 54  ? 4.798   -10.109 -12.349 1.00 22.76 ? 54  TYR A CE1   1 
ATOM   418  C  CE2   . TYR A 1 54  ? 6.716   -10.634 -11.008 1.00 23.19 ? 54  TYR A CE2   1 
ATOM   419  C  CZ    . TYR A 1 54  ? 5.493   -10.989 -11.536 1.00 23.03 ? 54  TYR A CZ    1 
ATOM   420  O  OH    . TYR A 1 54  ? 4.964   -12.228 -11.244 1.00 24.85 ? 54  TYR A OH    1 
ATOM   421  N  N     . HIS A 1 55  ? 7.175   -5.000  -14.627 1.00 34.79 ? 55  HIS A N     1 
ATOM   422  C  CA    . HIS A 1 55  ? 7.135   -3.600  -15.006 1.00 36.59 ? 55  HIS A CA    1 
ATOM   423  C  C     . HIS A 1 55  ? 6.004   -3.054  -14.156 1.00 36.05 ? 55  HIS A C     1 
ATOM   424  O  O     . HIS A 1 55  ? 4.831   -3.135  -14.530 1.00 36.92 ? 55  HIS A O     1 
ATOM   425  C  CB    . HIS A 1 55  ? 6.812   -3.456  -16.494 1.00 39.64 ? 55  HIS A CB    1 
ATOM   426  C  CG    . HIS A 1 55  ? 8.019   -3.229  -17.349 1.00 44.43 ? 55  HIS A CG    1 
ATOM   427  N  ND1   . HIS A 1 55  ? 8.476   -1.969  -17.674 1.00 47.82 ? 55  HIS A ND1   1 
ATOM   428  C  CD2   . HIS A 1 55  ? 8.893   -4.099  -17.908 1.00 46.02 ? 55  HIS A CD2   1 
ATOM   429  C  CE1   . HIS A 1 55  ? 9.579   -2.073  -18.394 1.00 48.40 ? 55  HIS A CE1   1 
ATOM   430  N  NE2   . HIS A 1 55  ? 9.854   -3.356  -18.549 1.00 48.41 ? 55  HIS A NE2   1 
ATOM   431  N  N     . LEU A 1 56  ? 6.368   -2.527  -12.993 1.00 34.94 ? 56  LEU A N     1 
ATOM   432  C  CA    . LEU A 1 56  ? 5.400   -1.986  -12.056 1.00 34.78 ? 56  LEU A CA    1 
ATOM   433  C  C     . LEU A 1 56  ? 5.033   -0.539  -12.268 1.00 34.83 ? 56  LEU A C     1 
ATOM   434  O  O     . LEU A 1 56  ? 5.893   0.349   -12.235 1.00 33.88 ? 56  LEU A O     1 
ATOM   435  C  CB    . LEU A 1 56  ? 5.915   -2.115  -10.633 1.00 35.43 ? 56  LEU A CB    1 
ATOM   436  C  CG    . LEU A 1 56  ? 6.107   -3.532  -10.143 1.00 38.16 ? 56  LEU A CG    1 
ATOM   437  C  CD1   . LEU A 1 56  ? 6.682   -3.483  -8.734  1.00 39.79 ? 56  LEU A CD1   1 
ATOM   438  C  CD2   . LEU A 1 56  ? 4.777   -4.271  -10.199 1.00 37.01 ? 56  LEU A CD2   1 
ATOM   439  N  N     . GLN A 1 57  ? 3.747   -0.308  -12.478 1.00 34.34 ? 57  GLN A N     1 
ATOM   440  C  CA    . GLN A 1 57  ? 3.251   1.042   -12.624 1.00 34.37 ? 57  GLN A CA    1 
ATOM   441  C  C     . GLN A 1 57  ? 2.563   1.315   -11.283 1.00 33.09 ? 57  GLN A C     1 
ATOM   442  O  O     . GLN A 1 57  ? 1.469   0.809   -11.017 1.00 32.06 ? 57  GLN A O     1 
ATOM   443  C  CB    . GLN A 1 57  ? 2.258   1.139   -13.780 1.00 35.25 ? 57  GLN A CB    1 
ATOM   444  C  CG    . GLN A 1 57  ? 1.828   2.562   -14.063 1.00 38.38 ? 57  GLN A CG    1 
ATOM   445  C  CD    . GLN A 1 57  ? 0.991   2.682   -15.320 1.00 41.02 ? 57  GLN A CD    1 
ATOM   446  O  OE1   . GLN A 1 57  ? -0.136  2.193   -15.379 1.00 42.21 ? 57  GLN A OE1   1 
ATOM   447  N  NE2   . GLN A 1 57  ? 1.544   3.337   -16.338 1.00 42.39 ? 57  GLN A NE2   1 
ATOM   448  N  N     . LEU A 1 58  ? 3.236   2.082   -10.428 1.00 30.77 ? 58  LEU A N     1 
ATOM   449  C  CA    . LEU A 1 58  ? 2.711   2.415   -9.111  1.00 28.41 ? 58  LEU A CA    1 
ATOM   450  C  C     . LEU A 1 58  ? 1.957   3.740   -9.126  1.00 26.87 ? 58  LEU A C     1 
ATOM   451  O  O     . LEU A 1 58  ? 2.440   4.725   -9.686  1.00 26.27 ? 58  LEU A O     1 
ATOM   452  C  CB    . LEU A 1 58  ? 3.853   2.512   -8.097  1.00 29.11 ? 58  LEU A CB    1 
ATOM   453  C  CG    . LEU A 1 58  ? 4.806   1.322   -7.973  1.00 31.94 ? 58  LEU A CG    1 
ATOM   454  C  CD1   . LEU A 1 58  ? 5.933   1.679   -7.010  1.00 32.02 ? 58  LEU A CD1   1 
ATOM   455  C  CD2   . LEU A 1 58  ? 4.050   0.088   -7.492  1.00 33.87 ? 58  LEU A CD2   1 
ATOM   456  N  N     . VAL A 1 59  ? 0.774   3.758   -8.509  1.00 25.33 ? 59  VAL A N     1 
ATOM   457  C  CA    . VAL A 1 59  ? -0.034  4.972   -8.422  1.00 24.55 ? 59  VAL A CA    1 
ATOM   458  C  C     . VAL A 1 59  ? -0.172  5.414   -6.964  1.00 23.77 ? 59  VAL A C     1 
ATOM   459  O  O     . VAL A 1 59  ? -0.969  4.859   -6.214  1.00 24.21 ? 59  VAL A O     1 
ATOM   460  C  CB    . VAL A 1 59  ? -1.455  4.769   -9.005  1.00 23.94 ? 59  VAL A CB    1 
ATOM   461  C  CG1   . VAL A 1 59  ? -2.166  6.115   -9.106  1.00 22.96 ? 59  VAL A CG1   1 
ATOM   462  C  CG2   . VAL A 1 59  ? -1.375  4.110   -10.370 1.00 22.68 ? 59  VAL A CG2   1 
ATOM   463  N  N     . ASP A 1 60  ? 0.618   6.413   -6.581  1.00 23.65 ? 60  ASP A N     1 
ATOM   464  C  CA    . ASP A 1 60  ? 0.621   6.976   -5.229  1.00 23.83 ? 60  ASP A CA    1 
ATOM   465  C  C     . ASP A 1 60  ? -0.558  7.954   -5.110  1.00 24.03 ? 60  ASP A C     1 
ATOM   466  O  O     . ASP A 1 60  ? -0.461  9.119   -5.498  1.00 24.88 ? 60  ASP A O     1 
ATOM   467  C  CB    . ASP A 1 60  ? 1.962   7.685   -5.003  1.00 23.87 ? 60  ASP A CB    1 
ATOM   468  C  CG    . ASP A 1 60  ? 2.031   8.411   -3.687  1.00 25.17 ? 60  ASP A CG    1 
ATOM   469  O  OD1   . ASP A 1 60  ? 1.413   7.935   -2.716  1.00 25.65 ? 60  ASP A OD1   1 
ATOM   470  O  OD2   . ASP A 1 60  ? 2.724   9.452   -3.621  1.00 25.48 ? 60  ASP A OD2   1 
ATOM   471  N  N     . THR A 1 61  ? -1.671  7.471   -4.570  1.00 23.54 ? 61  THR A N     1 
ATOM   472  C  CA    . THR A 1 61  ? -2.889  8.271   -4.448  1.00 25.43 ? 61  THR A CA    1 
ATOM   473  C  C     . THR A 1 61  ? -2.904  9.367   -3.383  1.00 26.56 ? 61  THR A C     1 
ATOM   474  O  O     . THR A 1 61  ? -2.104  9.357   -2.454  1.00 27.40 ? 61  THR A O     1 
ATOM   475  C  CB    . THR A 1 61  ? -4.112  7.352   -4.206  1.00 26.45 ? 61  THR A CB    1 
ATOM   476  O  OG1   . THR A 1 61  ? -4.031  6.763   -2.900  1.00 26.49 ? 61  THR A OG1   1 
ATOM   477  C  CG2   . THR A 1 61  ? -4.151  6.245   -5.247  1.00 25.95 ? 61  THR A CG2   1 
ATOM   478  N  N     . ALA A 1 62  ? -3.823  10.321  -3.534  1.00 27.22 ? 62  ALA A N     1 
ATOM   479  C  CA    . ALA A 1 62  ? -3.971  11.417  -2.574  1.00 27.93 ? 62  ALA A CA    1 
ATOM   480  C  C     . ALA A 1 62  ? -4.726  10.886  -1.354  1.00 29.10 ? 62  ALA A C     1 
ATOM   481  O  O     . ALA A 1 62  ? -5.682  10.117  -1.489  1.00 30.76 ? 62  ALA A O     1 
ATOM   482  C  CB    . ALA A 1 62  ? -4.745  12.558  -3.204  1.00 27.37 ? 62  ALA A CB    1 
ATOM   483  N  N     . GLY A 1 63  ? -4.307  11.294  -0.165  1.00 28.43 ? 63  GLY A N     1 
ATOM   484  C  CA    . GLY A 1 63  ? -4.963  10.809  1.036   1.00 28.44 ? 63  GLY A CA    1 
ATOM   485  C  C     . GLY A 1 63  ? -6.448  11.106  1.175   1.00 28.42 ? 63  GLY A C     1 
ATOM   486  O  O     . GLY A 1 63  ? -6.905  12.231  0.943   1.00 28.22 ? 63  GLY A O     1 
ATOM   487  N  N     . GLN A 1 64  ? -7.206  10.086  1.560   1.00 27.13 ? 64  GLN A N     1 
ATOM   488  C  CA    . GLN A 1 64  ? -8.638  10.245  1.759   1.00 27.47 ? 64  GLN A CA    1 
ATOM   489  C  C     . GLN A 1 64  ? -8.995  9.933   3.204   1.00 27.41 ? 64  GLN A C     1 
ATOM   490  O  O     . GLN A 1 64  ? -8.111  9.661   4.011   1.00 26.98 ? 64  GLN A O     1 
ATOM   491  C  CB    . GLN A 1 64  ? -9.424  9.347   0.794   1.00 26.58 ? 64  GLN A CB    1 
ATOM   492  C  CG    . GLN A 1 64  ? -8.726  8.074   0.390   1.00 25.88 ? 64  GLN A CG    1 
ATOM   493  C  CD    . GLN A 1 64  ? -9.449  7.337   -0.727  1.00 25.72 ? 64  GLN A CD    1 
ATOM   494  O  OE1   . GLN A 1 64  ? -10.548 6.817   -0.536  1.00 25.84 ? 64  GLN A OE1   1 
ATOM   495  N  NE2   . GLN A 1 64  ? -8.832  7.292   -1.899  1.00 25.10 ? 64  GLN A NE2   1 
ATOM   496  N  N     . ASP A 1 65  ? -10.283 9.996   3.537   1.00 27.28 ? 65  ASP A N     1 
ATOM   497  C  CA    . ASP A 1 65  ? -10.719 9.712   4.895   1.00 29.13 ? 65  ASP A CA    1 
ATOM   498  C  C     . ASP A 1 65  ? -12.044 8.957   4.948   1.00 30.73 ? 65  ASP A C     1 
ATOM   499  O  O     . ASP A 1 65  ? -12.415 8.269   4.000   1.00 30.13 ? 65  ASP A O     1 
ATOM   500  C  CB    . ASP A 1 65  ? -10.827 11.007  5.704   1.00 30.88 ? 65  ASP A CB    1 
ATOM   501  C  CG    . ASP A 1 65  ? -11.757 12.016  5.071   1.00 32.03 ? 65  ASP A CG    1 
ATOM   502  O  OD1   . ASP A 1 65  ? -12.811 11.607  4.542   1.00 33.76 ? 65  ASP A OD1   1 
ATOM   503  O  OD2   . ASP A 1 65  ? -11.439 13.222  5.113   1.00 32.33 ? 65  ASP A OD2   1 
ATOM   504  N  N     . GLU A 1 66  ? -12.758 9.088   6.064   1.00 32.20 ? 66  GLU A N     1 
ATOM   505  C  CA    . GLU A 1 66  ? -14.028 8.398   6.240   1.00 33.17 ? 66  GLU A CA    1 
ATOM   506  C  C     . GLU A 1 66  ? -15.052 8.838   5.224   1.00 34.28 ? 66  GLU A C     1 
ATOM   507  O  O     . GLU A 1 66  ? -15.756 8.014   4.649   1.00 36.29 ? 66  GLU A O     1 
ATOM   508  C  CB    . GLU A 1 66  ? -14.585 8.659   7.628   1.00 32.66 ? 66  GLU A CB    1 
ATOM   509  C  CG    . GLU A 1 66  ? -13.533 8.689   8.676   1.00 34.99 ? 66  GLU A CG    1 
ATOM   510  C  CD    . GLU A 1 66  ? -13.485 10.017  9.354   1.00 34.88 ? 66  GLU A CD    1 
ATOM   511  O  OE1   . GLU A 1 66  ? -14.473 10.347  10.036  1.00 36.93 ? 66  GLU A OE1   1 
ATOM   512  O  OE2   . GLU A 1 66  ? -12.473 10.730  9.197   1.00 35.49 ? 66  GLU A OE2   1 
ATOM   513  N  N     . TYR A 1 67  ? -15.155 10.142  5.017   1.00 35.56 ? 67  TYR A N     1 
ATOM   514  C  CA    . TYR A 1 67  ? -16.116 10.652  4.060   1.00 38.11 ? 67  TYR A CA    1 
ATOM   515  C  C     . TYR A 1 67  ? -15.418 11.241  2.850   1.00 40.26 ? 67  TYR A C     1 
ATOM   516  O  O     . TYR A 1 67  ? -15.151 12.448  2.790   1.00 42.27 ? 67  TYR A O     1 
ATOM   517  C  CB    . TYR A 1 67  ? -17.025 11.713  4.688   1.00 38.36 ? 67  TYR A CB    1 
ATOM   518  C  CG    . TYR A 1 67  ? -16.874 11.935  6.177   1.00 38.96 ? 67  TYR A CG    1 
ATOM   519  C  CD1   . TYR A 1 67  ? -15.759 12.596  6.698   1.00 38.53 ? 67  TYR A CD1   1 
ATOM   520  C  CD2   . TYR A 1 67  ? -17.888 11.551  7.059   1.00 38.88 ? 67  TYR A CD2   1 
ATOM   521  C  CE1   . TYR A 1 67  ? -15.660 12.880  8.059   1.00 39.87 ? 67  TYR A CE1   1 
ATOM   522  C  CE2   . TYR A 1 67  ? -17.802 11.828  8.425   1.00 40.34 ? 67  TYR A CE2   1 
ATOM   523  C  CZ    . TYR A 1 67  ? -16.689 12.497  8.919   1.00 41.07 ? 67  TYR A CZ    1 
ATOM   524  O  OH    . TYR A 1 67  ? -16.626 12.817  10.261  1.00 41.51 ? 67  TYR A OH    1 
ATOM   525  N  N     . SER A 1 68  ? -15.107 10.376  1.892   1.00 40.23 ? 68  SER A N     1 
ATOM   526  C  CA    . SER A 1 68  ? -14.461 10.795  0.658   1.00 39.34 ? 68  SER A CA    1 
ATOM   527  C  C     . SER A 1 68  ? -14.777 9.731   -0.369  1.00 39.57 ? 68  SER A C     1 
ATOM   528  O  O     . SER A 1 68  ? -14.666 8.538   -0.088  1.00 40.61 ? 68  SER A O     1 
ATOM   529  C  CB    . SER A 1 68  ? -12.945 10.945  0.842   1.00 36.68 ? 68  SER A CB    1 
ATOM   530  O  OG    . SER A 1 68  ? -12.375 9.777   1.378   1.00 34.31 ? 68  SER A OG    1 
ATOM   531  N  N     . ILE A 1 69  ? -15.206 10.178  -1.545  1.00 39.12 ? 69  ILE A N     1 
ATOM   532  C  CA    . ILE A 1 69  ? -15.577 9.291   -2.642  1.00 38.11 ? 69  ILE A CA    1 
ATOM   533  C  C     . ILE A 1 69  ? -14.384 8.451   -3.069  1.00 37.82 ? 69  ILE A C     1 
ATOM   534  O  O     . ILE A 1 69  ? -13.316 8.994   -3.356  1.00 39.80 ? 69  ILE A O     1 
ATOM   535  C  CB    . ILE A 1 69  ? -16.047 10.102  -3.874  1.00 38.10 ? 69  ILE A CB    1 
ATOM   536  C  CG1   . ILE A 1 69  ? -17.081 11.156  -3.460  1.00 40.71 ? 69  ILE A CG1   1 
ATOM   537  C  CG2   . ILE A 1 69  ? -16.614 9.169   -4.920  1.00 36.84 ? 69  ILE A CG2   1 
ATOM   538  C  CD1   . ILE A 1 69  ? -18.378 10.601  -2.891  1.00 41.31 ? 69  ILE A CD1   1 
ATOM   539  N  N     . PHE A 1 70  ? -14.554 7.134   -3.111  1.00 35.19 ? 70  PHE A N     1 
ATOM   540  C  CA    . PHE A 1 70  ? -13.468 6.275   -3.543  1.00 33.90 ? 70  PHE A CA    1 
ATOM   541  C  C     . PHE A 1 70  ? -13.383 6.333   -5.065  1.00 33.43 ? 70  PHE A C     1 
ATOM   542  O  O     . PHE A 1 70  ? -14.192 5.718   -5.755  1.00 34.16 ? 70  PHE A O     1 
ATOM   543  C  CB    . PHE A 1 70  ? -13.706 4.837   -3.096  1.00 35.42 ? 70  PHE A CB    1 
ATOM   544  C  CG    . PHE A 1 70  ? -12.600 3.903   -3.488  1.00 36.11 ? 70  PHE A CG    1 
ATOM   545  C  CD1   . PHE A 1 70  ? -12.496 3.437   -4.788  1.00 35.47 ? 70  PHE A CD1   1 
ATOM   546  C  CD2   . PHE A 1 70  ? -11.628 3.538   -2.569  1.00 37.26 ? 70  PHE A CD2   1 
ATOM   547  C  CE1   . PHE A 1 70  ? -11.442 2.626   -5.167  1.00 36.13 ? 70  PHE A CE1   1 
ATOM   548  C  CE2   . PHE A 1 70  ? -10.570 2.726   -2.940  1.00 37.49 ? 70  PHE A CE2   1 
ATOM   549  C  CZ    . PHE A 1 70  ? -10.476 2.270   -4.241  1.00 37.27 ? 70  PHE A CZ    1 
ATOM   550  N  N     . PRO A 1 71  ? -12.386 7.062   -5.603  1.00 31.83 ? 71  PRO A N     1 
ATOM   551  C  CA    . PRO A 1 71  ? -12.123 7.257   -7.034  1.00 30.57 ? 71  PRO A CA    1 
ATOM   552  C  C     . PRO A 1 71  ? -12.449 6.056   -7.895  1.00 30.10 ? 71  PRO A C     1 
ATOM   553  O  O     . PRO A 1 71  ? -11.813 5.017   -7.774  1.00 30.37 ? 71  PRO A O     1 
ATOM   554  C  CB    . PRO A 1 71  ? -10.639 7.580   -7.065  1.00 31.22 ? 71  PRO A CB    1 
ATOM   555  C  CG    . PRO A 1 71  ? -10.455 8.345   -5.824  1.00 31.15 ? 71  PRO A CG    1 
ATOM   556  C  CD    . PRO A 1 71  ? -11.242 7.545   -4.810  1.00 32.04 ? 71  PRO A CD    1 
ATOM   557  N  N     . GLN A 1 72  ? -13.418 6.207   -8.789  1.00 31.19 ? 72  GLN A N     1 
ATOM   558  C  CA    . GLN A 1 72  ? -13.806 5.095   -9.636  1.00 32.50 ? 72  GLN A CA    1 
ATOM   559  C  C     . GLN A 1 72  ? -12.710 4.579   -10.555 1.00 32.80 ? 72  GLN A C     1 
ATOM   560  O  O     . GLN A 1 72  ? -12.766 3.427   -10.971 1.00 33.70 ? 72  GLN A O     1 
ATOM   561  C  CB    . GLN A 1 72  ? -15.050 5.439   -10.454 1.00 33.98 ? 72  GLN A CB    1 
ATOM   562  C  CG    . GLN A 1 72  ? -15.536 4.263   -11.300 1.00 36.63 ? 72  GLN A CG    1 
ATOM   563  C  CD    . GLN A 1 72  ? -16.949 4.434   -11.822 1.00 37.68 ? 72  GLN A CD    1 
ATOM   564  O  OE1   . GLN A 1 72  ? -17.284 5.446   -12.447 1.00 38.82 ? 72  GLN A OE1   1 
ATOM   565  N  NE2   . GLN A 1 72  ? -17.787 3.433   -11.576 1.00 37.60 ? 72  GLN A NE2   1 
ATOM   566  N  N     . THR A 1 73  ? -11.719 5.403   -10.883 1.00 33.19 ? 73  THR A N     1 
ATOM   567  C  CA    . THR A 1 73  ? -10.637 4.930   -11.748 1.00 34.80 ? 73  THR A CA    1 
ATOM   568  C  C     . THR A 1 73  ? -9.712  3.959   -11.008 1.00 35.43 ? 73  THR A C     1 
ATOM   569  O  O     . THR A 1 73  ? -9.052  3.118   -11.631 1.00 36.38 ? 73  THR A O     1 
ATOM   570  C  CB    . THR A 1 73  ? -9.783  6.079   -12.304 1.00 34.39 ? 73  THR A CB    1 
ATOM   571  O  OG1   . THR A 1 73  ? -9.383  6.942   -11.234 1.00 34.53 ? 73  THR A OG1   1 
ATOM   572  C  CG2   . THR A 1 73  ? -10.560 6.855   -13.347 1.00 35.39 ? 73  THR A CG2   1 
ATOM   573  N  N     . TYR A 1 74  ? -9.660  4.080   -9.682  1.00 34.37 ? 74  TYR A N     1 
ATOM   574  C  CA    . TYR A 1 74  ? -8.839  3.187   -8.876  1.00 33.08 ? 74  TYR A CA    1 
ATOM   575  C  C     . TYR A 1 74  ? -9.649  1.928   -8.633  1.00 34.41 ? 74  TYR A C     1 
ATOM   576  O  O     . TYR A 1 74  ? -9.275  1.074   -7.828  1.00 34.30 ? 74  TYR A O     1 
ATOM   577  C  CB    . TYR A 1 74  ? -8.487  3.821   -7.536  1.00 29.36 ? 74  TYR A CB    1 
ATOM   578  C  CG    . TYR A 1 74  ? -7.676  5.085   -7.641  1.00 27.00 ? 74  TYR A CG    1 
ATOM   579  C  CD1   . TYR A 1 74  ? -6.782  5.281   -8.694  1.00 24.46 ? 74  TYR A CD1   1 
ATOM   580  C  CD2   . TYR A 1 74  ? -7.762  6.067   -6.655  1.00 26.32 ? 74  TYR A CD2   1 
ATOM   581  C  CE1   . TYR A 1 74  ? -5.994  6.424   -8.758  1.00 23.87 ? 74  TYR A CE1   1 
ATOM   582  C  CE2   . TYR A 1 74  ? -6.976  7.212   -6.709  1.00 24.83 ? 74  TYR A CE2   1 
ATOM   583  C  CZ    . TYR A 1 74  ? -6.095  7.381   -7.760  1.00 24.03 ? 74  TYR A CZ    1 
ATOM   584  O  OH    . TYR A 1 74  ? -5.307  8.500   -7.793  1.00 23.87 ? 74  TYR A OH    1 
ATOM   585  N  N     . SER A 1 75  ? -10.770 1.834   -9.342  1.00 35.79 ? 75  SER A N     1 
ATOM   586  C  CA    . SER A 1 75  ? -11.679 0.698   -9.250  1.00 36.75 ? 75  SER A CA    1 
ATOM   587  C  C     . SER A 1 75  ? -11.434 -0.278  -10.405 1.00 38.01 ? 75  SER A C     1 
ATOM   588  O  O     . SER A 1 75  ? -11.732 -1.475  -10.300 1.00 38.27 ? 75  SER A O     1 
ATOM   589  C  CB    . SER A 1 75  ? -13.130 1.202   -9.281  1.00 34.76 ? 75  SER A CB    1 
ATOM   590  O  OG    . SER A 1 75  ? -14.048 0.149   -9.504  1.00 35.13 ? 75  SER A OG    1 
ATOM   591  N  N     . ILE A 1 76  ? -10.876 0.234   -11.500 1.00 37.86 ? 76  ILE A N     1 
ATOM   592  C  CA    . ILE A 1 76  ? -10.611 -0.587  -12.674 1.00 39.32 ? 76  ILE A CA    1 
ATOM   593  C  C     . ILE A 1 76  ? -9.140  -0.600  -13.051 1.00 40.33 ? 76  ILE A C     1 
ATOM   594  O  O     . ILE A 1 76  ? -8.394  0.330   -12.728 1.00 41.83 ? 76  ILE A O     1 
ATOM   595  C  CB    . ILE A 1 76  ? -11.400 -0.086  -13.895 1.00 39.40 ? 76  ILE A CB    1 
ATOM   596  C  CG1   . ILE A 1 76  ? -11.059 1.388   -14.139 1.00 40.62 ? 76  ILE A CG1   1 
ATOM   597  C  CG2   . ILE A 1 76  ? -12.893 -0.305  -13.683 1.00 39.44 ? 76  ILE A CG2   1 
ATOM   598  C  CD1   . ILE A 1 76  ? -11.844 2.053   -15.247 1.00 41.69 ? 76  ILE A CD1   1 
ATOM   599  N  N     . ASP A 1 77  ? -8.748  -1.667  -13.746 1.00 39.58 ? 77  ASP A N     1 
ATOM   600  C  CA    . ASP A 1 77  ? -7.386  -1.878  -14.228 1.00 38.09 ? 77  ASP A CA    1 
ATOM   601  C  C     . ASP A 1 77  ? -6.263  -1.754  -13.201 1.00 35.23 ? 77  ASP A C     1 
ATOM   602  O  O     . ASP A 1 77  ? -5.170  -1.307  -13.534 1.00 34.20 ? 77  ASP A O     1 
ATOM   603  C  CB    . ASP A 1 77  ? -7.092  -0.941  -15.408 1.00 42.18 ? 77  ASP A CB    1 
ATOM   604  C  CG    . ASP A 1 77  ? -8.092  -1.102  -16.551 1.00 45.75 ? 77  ASP A CG    1 
ATOM   605  O  OD1   . ASP A 1 77  ? -8.449  -2.255  -16.901 1.00 45.65 ? 77  ASP A OD1   1 
ATOM   606  O  OD2   . ASP A 1 77  ? -8.510  -0.064  -17.107 1.00 47.85 ? 77  ASP A OD2   1 
ATOM   607  N  N     . ILE A 1 78  ? -6.535  -2.141  -11.958 1.00 32.63 ? 78  ILE A N     1 
ATOM   608  C  CA    . ILE A 1 78  ? -5.521  -2.110  -10.908 1.00 30.55 ? 78  ILE A CA    1 
ATOM   609  C  C     . ILE A 1 78  ? -5.288  -3.552  -10.487 1.00 31.18 ? 78  ILE A C     1 
ATOM   610  O  O     . ILE A 1 78  ? -6.211  -4.228  -10.031 1.00 32.09 ? 78  ILE A O     1 
ATOM   611  C  CB    . ILE A 1 78  ? -5.974  -1.312  -9.678  1.00 27.98 ? 78  ILE A CB    1 
ATOM   612  C  CG1   . ILE A 1 78  ? -6.200  0.152   -10.056 1.00 28.44 ? 78  ILE A CG1   1 
ATOM   613  C  CG2   . ILE A 1 78  ? -4.929  -1.417  -8.586  1.00 25.65 ? 78  ILE A CG2   1 
ATOM   614  C  CD1   . ILE A 1 78  ? -4.975  0.860   -10.591 1.00 27.08 ? 78  ILE A CD1   1 
ATOM   615  N  N     . ASN A 1 79  ? -4.053  -4.021  -10.644 1.00 30.48 ? 79  ASN A N     1 
ATOM   616  C  CA    . ASN A 1 79  ? -3.712  -5.399  -10.310 1.00 28.98 ? 79  ASN A CA    1 
ATOM   617  C  C     . ASN A 1 79  ? -3.552  -5.684  -8.832  1.00 28.19 ? 79  ASN A C     1 
ATOM   618  O  O     . ASN A 1 79  ? -3.849  -6.786  -8.380  1.00 30.93 ? 79  ASN A O     1 
ATOM   619  C  CB    . ASN A 1 79  ? -2.438  -5.804  -11.037 1.00 27.59 ? 79  ASN A CB    1 
ATOM   620  C  CG    . ASN A 1 79  ? -2.554  -5.619  -12.516 1.00 25.98 ? 79  ASN A CG    1 
ATOM   621  O  OD1   . ASN A 1 79  ? -3.451  -6.165  -13.141 1.00 26.42 ? 79  ASN A OD1   1 
ATOM   622  N  ND2   . ASN A 1 79  ? -1.656  -4.841  -13.092 1.00 27.37 ? 79  ASN A ND2   1 
ATOM   623  N  N     . GLY A 1 80  ? -3.075  -4.701  -8.081  1.00 26.57 ? 80  GLY A N     1 
ATOM   624  C  CA    . GLY A 1 80  ? -2.885  -4.903  -6.659  1.00 23.20 ? 80  GLY A CA    1 
ATOM   625  C  C     . GLY A 1 80  ? -3.090  -3.632  -5.874  1.00 22.20 ? 80  GLY A C     1 
ATOM   626  O  O     . GLY A 1 80  ? -2.915  -2.526  -6.389  1.00 21.96 ? 80  GLY A O     1 
ATOM   627  N  N     . TYR A 1 81  ? -3.463  -3.792  -4.614  1.00 21.29 ? 81  TYR A N     1 
ATOM   628  C  CA    . TYR A 1 81  ? -3.693  -2.650  -3.754  1.00 20.68 ? 81  TYR A CA    1 
ATOM   629  C  C     . TYR A 1 81  ? -2.848  -2.737  -2.498  1.00 19.44 ? 81  TYR A C     1 
ATOM   630  O  O     . TYR A 1 81  ? -2.629  -3.817  -1.945  1.00 18.00 ? 81  TYR A O     1 
ATOM   631  C  CB    . TYR A 1 81  ? -5.170  -2.561  -3.345  1.00 23.45 ? 81  TYR A CB    1 
ATOM   632  C  CG    . TYR A 1 81  ? -6.132  -2.277  -4.478  1.00 27.51 ? 81  TYR A CG    1 
ATOM   633  C  CD1   . TYR A 1 81  ? -6.587  -3.300  -5.308  1.00 30.17 ? 81  TYR A CD1   1 
ATOM   634  C  CD2   . TYR A 1 81  ? -6.582  -0.980  -4.724  1.00 29.16 ? 81  TYR A CD2   1 
ATOM   635  C  CE1   . TYR A 1 81  ? -7.467  -3.042  -6.357  1.00 31.40 ? 81  TYR A CE1   1 
ATOM   636  C  CE2   . TYR A 1 81  ? -7.458  -0.707  -5.766  1.00 31.56 ? 81  TYR A CE2   1 
ATOM   637  C  CZ    . TYR A 1 81  ? -7.897  -1.744  -6.581  1.00 32.97 ? 81  TYR A CZ    1 
ATOM   638  O  OH    . TYR A 1 81  ? -8.762  -1.480  -7.619  1.00 34.30 ? 81  TYR A OH    1 
ATOM   639  N  N     . ILE A 1 82  ? -2.360  -1.586  -2.061  1.00 18.61 ? 82  ILE A N     1 
ATOM   640  C  CA    . ILE A 1 82  ? -1.580  -1.509  -0.843  1.00 15.95 ? 82  ILE A CA    1 
ATOM   641  C  C     . ILE A 1 82  ? -2.300  -0.485  0.027   1.00 15.70 ? 82  ILE A C     1 
ATOM   642  O  O     . ILE A 1 82  ? -2.335  0.707   -0.279  1.00 13.08 ? 82  ILE A O     1 
ATOM   643  C  CB    . ILE A 1 82  ? -0.127  -1.086  -1.119  1.00 13.86 ? 82  ILE A CB    1 
ATOM   644  C  CG1   . ILE A 1 82  ? 0.497   -2.044  -2.144  1.00 11.96 ? 82  ILE A CG1   1 
ATOM   645  C  CG2   . ILE A 1 82  ? 0.670   -1.130  0.171   1.00 14.62 ? 82  ILE A CG2   1 
ATOM   646  C  CD1   . ILE A 1 82  ? 1.947   -1.785  -2.477  1.00 8.09  ? 82  ILE A CD1   1 
ATOM   647  N  N     . LEU A 1 83  ? -2.938  -0.989  1.079   1.00 17.44 ? 83  LEU A N     1 
ATOM   648  C  CA    . LEU A 1 83  ? -3.681  -0.166  2.028   1.00 17.82 ? 83  LEU A CA    1 
ATOM   649  C  C     . LEU A 1 83  ? -2.809  0.040   3.259   1.00 17.18 ? 83  LEU A C     1 
ATOM   650  O  O     . LEU A 1 83  ? -2.733  -0.820  4.134   1.00 16.43 ? 83  LEU A O     1 
ATOM   651  C  CB    . LEU A 1 83  ? -4.998  -0.859  2.396   1.00 18.49 ? 83  LEU A CB    1 
ATOM   652  C  CG    . LEU A 1 83  ? -6.239  -0.479  1.569   1.00 18.36 ? 83  LEU A CG    1 
ATOM   653  C  CD1   . LEU A 1 83  ? -5.923  -0.468  0.090   1.00 18.61 ? 83  LEU A CD1   1 
ATOM   654  C  CD2   . LEU A 1 83  ? -7.358  -1.452  1.867   1.00 16.85 ? 83  LEU A CD2   1 
ATOM   655  N  N     . VAL A 1 84  ? -2.153  1.195   3.306   1.00 17.08 ? 84  VAL A N     1 
ATOM   656  C  CA    . VAL A 1 84  ? -1.237  1.531   4.384   1.00 17.72 ? 84  VAL A CA    1 
ATOM   657  C  C     . VAL A 1 84  ? -1.804  2.468   5.445   1.00 18.61 ? 84  VAL A C     1 
ATOM   658  O  O     . VAL A 1 84  ? -2.545  3.402   5.135   1.00 19.27 ? 84  VAL A O     1 
ATOM   659  C  CB    . VAL A 1 84  ? 0.080   2.157   3.799   1.00 15.88 ? 84  VAL A CB    1 
ATOM   660  C  CG1   . VAL A 1 84  ? -0.221  3.440   3.084   1.00 13.47 ? 84  VAL A CG1   1 
ATOM   661  C  CG2   . VAL A 1 84  ? 1.083   2.411   4.896   1.00 15.58 ? 84  VAL A CG2   1 
ATOM   662  N  N     . TYR A 1 85  ? -1.465  2.188   6.702   1.00 19.24 ? 85  TYR A N     1 
ATOM   663  C  CA    . TYR A 1 85  ? -1.878  3.018   7.830   1.00 19.63 ? 85  TYR A CA    1 
ATOM   664  C  C     . TYR A 1 85  ? -0.617  3.296   8.636   1.00 21.38 ? 85  TYR A C     1 
ATOM   665  O  O     . TYR A 1 85  ? 0.417   2.654   8.427   1.00 21.22 ? 85  TYR A O     1 
ATOM   666  C  CB    . TYR A 1 85  ? -2.917  2.306   8.706   1.00 17.86 ? 85  TYR A CB    1 
ATOM   667  C  CG    . TYR A 1 85  ? -2.424  1.066   9.418   1.00 18.62 ? 85  TYR A CG    1 
ATOM   668  C  CD1   . TYR A 1 85  ? -1.770  1.149   10.645  1.00 17.84 ? 85  TYR A CD1   1 
ATOM   669  C  CD2   . TYR A 1 85  ? -2.626  -0.202  8.867   1.00 20.99 ? 85  TYR A CD2   1 
ATOM   670  C  CE1   . TYR A 1 85  ? -1.331  -0.006  11.306  1.00 17.86 ? 85  TYR A CE1   1 
ATOM   671  C  CE2   . TYR A 1 85  ? -2.190  -1.363  9.521   1.00 19.08 ? 85  TYR A CE2   1 
ATOM   672  C  CZ    . TYR A 1 85  ? -1.549  -1.255  10.736  1.00 18.72 ? 85  TYR A CZ    1 
ATOM   673  O  OH    . TYR A 1 85  ? -1.145  -2.397  11.385  1.00 20.08 ? 85  TYR A OH    1 
ATOM   674  N  N     . SER A 1 86  ? -0.691  4.266   9.536   1.00 23.10 ? 86  SER A N     1 
ATOM   675  C  CA    . SER A 1 86  ? 0.450   4.601   10.381  1.00 23.63 ? 86  SER A CA    1 
ATOM   676  C  C     . SER A 1 86  ? 0.209   4.017   11.765  1.00 24.55 ? 86  SER A C     1 
ATOM   677  O  O     . SER A 1 86  ? -0.840  4.261   12.371  1.00 24.75 ? 86  SER A O     1 
ATOM   678  C  CB    . SER A 1 86  ? 0.611   6.111   10.493  1.00 23.81 ? 86  SER A CB    1 
ATOM   679  O  OG    . SER A 1 86  ? 1.614   6.420   11.438  1.00 25.58 ? 86  SER A OG    1 
ATOM   680  N  N     . VAL A 1 87  ? 1.173   3.242   12.258  1.00 24.21 ? 87  VAL A N     1 
ATOM   681  C  CA    . VAL A 1 87  ? 1.052   2.621   13.572  1.00 23.43 ? 87  VAL A CA    1 
ATOM   682  C  C     . VAL A 1 87  ? 1.114   3.678   14.678  1.00 24.68 ? 87  VAL A C     1 
ATOM   683  O  O     . VAL A 1 87  ? 1.023   3.367   15.868  1.00 25.91 ? 87  VAL A O     1 
ATOM   684  C  CB    . VAL A 1 87  ? 2.175   1.602   13.799  1.00 21.41 ? 87  VAL A CB    1 
ATOM   685  C  CG1   . VAL A 1 87  ? 2.187   0.597   12.669  1.00 21.76 ? 87  VAL A CG1   1 
ATOM   686  C  CG2   . VAL A 1 87  ? 3.508   2.311   13.896  1.00 19.91 ? 87  VAL A CG2   1 
ATOM   687  N  N     . THR A 1 88  ? 1.274   4.932   14.275  1.00 24.17 ? 88  THR A N     1 
ATOM   688  C  CA    . THR A 1 88  ? 1.345   6.025   15.229  1.00 24.20 ? 88  THR A CA    1 
ATOM   689  C  C     . THR A 1 88  ? 0.082   6.870   15.131  1.00 23.49 ? 88  THR A C     1 
ATOM   690  O  O     . THR A 1 88  ? 0.061   8.013   15.566  1.00 24.11 ? 88  THR A O     1 
ATOM   691  C  CB    . THR A 1 88  ? 2.574   6.923   14.951  1.00 25.05 ? 88  THR A CB    1 
ATOM   692  O  OG1   . THR A 1 88  ? 2.335   7.735   13.794  1.00 24.32 ? 88  THR A OG1   1 
ATOM   693  C  CG2   . THR A 1 88  ? 3.810   6.063   14.704  1.00 25.72 ? 88  THR A CG2   1 
ATOM   694  N  N     . SER A 1 89  ? -0.970  6.295   14.558  1.00 24.02 ? 89  SER A N     1 
ATOM   695  C  CA    . SER A 1 89  ? -2.237  6.999   14.382  1.00 23.55 ? 89  SER A CA    1 
ATOM   696  C  C     . SER A 1 89  ? -3.458  6.078   14.383  1.00 23.37 ? 89  SER A C     1 
ATOM   697  O  O     . SER A 1 89  ? -3.685  5.328   13.436  1.00 21.59 ? 89  SER A O     1 
ATOM   698  C  CB    . SER A 1 89  ? -2.213  7.782   13.069  1.00 24.27 ? 89  SER A CB    1 
ATOM   699  O  OG    . SER A 1 89  ? -3.458  8.424   12.839  1.00 25.73 ? 89  SER A OG    1 
ATOM   700  N  N     . ILE A 1 90  ? -4.249  6.143   15.444  1.00 24.05 ? 90  ILE A N     1 
ATOM   701  C  CA    . ILE A 1 90  ? -5.449  5.324   15.521  1.00 25.61 ? 90  ILE A CA    1 
ATOM   702  C  C     . ILE A 1 90  ? -6.428  5.746   14.424  1.00 25.96 ? 90  ILE A C     1 
ATOM   703  O  O     . ILE A 1 90  ? -7.196  4.930   13.917  1.00 26.93 ? 90  ILE A O     1 
ATOM   704  C  CB    . ILE A 1 90  ? -6.111  5.455   16.902  1.00 25.28 ? 90  ILE A CB    1 
ATOM   705  C  CG1   . ILE A 1 90  ? -5.331  4.627   17.923  1.00 25.66 ? 90  ILE A CG1   1 
ATOM   706  C  CG2   . ILE A 1 90  ? -7.547  4.996   16.844  1.00 26.82 ? 90  ILE A CG2   1 
ATOM   707  C  CD1   . ILE A 1 90  ? -5.852  4.763   19.340  1.00 27.45 ? 90  ILE A CD1   1 
ATOM   708  N  N     . LYS A 1 91  ? -6.385  7.022   14.052  1.00 25.95 ? 91  LYS A N     1 
ATOM   709  C  CA    . LYS A 1 91  ? -7.251  7.549   13.002  1.00 24.62 ? 91  LYS A CA    1 
ATOM   710  C  C     . LYS A 1 91  ? -6.958  6.889   11.654  1.00 25.02 ? 91  LYS A C     1 
ATOM   711  O  O     . LYS A 1 91  ? -7.869  6.531   10.910  1.00 26.19 ? 91  LYS A O     1 
ATOM   712  C  CB    . LYS A 1 91  ? -7.061  9.053   12.863  1.00 22.92 ? 91  LYS A CB    1 
ATOM   713  C  CG    . LYS A 1 91  ? -7.978  9.672   11.830  1.00 21.66 ? 91  LYS A CG    1 
ATOM   714  C  CD    . LYS A 1 91  ? -9.432  9.426   12.187  1.00 19.40 ? 91  LYS A CD    1 
ATOM   715  C  CE    . LYS A 1 91  ? -10.368 10.201  11.275  1.00 21.02 ? 91  LYS A CE    1 
ATOM   716  N  NZ    . LYS A 1 91  ? -11.798 9.997   11.656  1.00 20.21 ? 91  LYS A NZ    1 
ATOM   717  N  N     . SER A 1 92  ? -5.685  6.740   11.324  1.00 23.22 ? 92  SER A N     1 
ATOM   718  C  CA    . SER A 1 92  ? -5.345  6.105   10.067  1.00 22.33 ? 92  SER A CA    1 
ATOM   719  C  C     . SER A 1 92  ? -5.898  4.681   10.069  1.00 22.04 ? 92  SER A C     1 
ATOM   720  O  O     . SER A 1 92  ? -6.453  4.218   9.066   1.00 21.37 ? 92  SER A O     1 
ATOM   721  C  CB    . SER A 1 92  ? -3.822  6.084   9.869   1.00 22.34 ? 92  SER A CB    1 
ATOM   722  O  OG    . SER A 1 92  ? -3.160  5.441   10.943  1.00 21.19 ? 92  SER A OG    1 
ATOM   723  N  N     . PHE A 1 93  ? -5.763  4.002   11.207  1.00 21.36 ? 93  PHE A N     1 
ATOM   724  C  CA    . PHE A 1 93  ? -6.228  2.625   11.342  1.00 19.82 ? 93  PHE A CA    1 
ATOM   725  C  C     . PHE A 1 93  ? -7.722  2.555   11.121  1.00 21.27 ? 93  PHE A C     1 
ATOM   726  O  O     . PHE A 1 93  ? -8.210  1.701   10.387  1.00 22.60 ? 93  PHE A O     1 
ATOM   727  C  CB    . PHE A 1 93  ? -5.898  2.070   12.727  1.00 18.04 ? 93  PHE A CB    1 
ATOM   728  C  CG    . PHE A 1 93  ? -5.950  0.569   12.799  1.00 16.80 ? 93  PHE A CG    1 
ATOM   729  C  CD1   . PHE A 1 93  ? -5.139  -0.207  11.978  1.00 16.68 ? 93  PHE A CD1   1 
ATOM   730  C  CD2   . PHE A 1 93  ? -6.818  -0.072  13.669  1.00 15.49 ? 93  PHE A CD2   1 
ATOM   731  C  CE1   . PHE A 1 93  ? -5.196  -1.601  12.021  1.00 15.84 ? 93  PHE A CE1   1 
ATOM   732  C  CE2   . PHE A 1 93  ? -6.881  -1.467  13.718  1.00 15.50 ? 93  PHE A CE2   1 
ATOM   733  C  CZ    . PHE A 1 93  ? -6.069  -2.230  12.892  1.00 15.07 ? 93  PHE A CZ    1 
ATOM   734  N  N     . GLU A 1 94  ? -8.447  3.463   11.758  1.00 22.23 ? 94  GLU A N     1 
ATOM   735  C  CA    . GLU A 1 94  ? -9.890  3.497   11.616  1.00 22.90 ? 94  GLU A CA    1 
ATOM   736  C  C     . GLU A 1 94  ? -10.257 3.749   10.166  1.00 22.66 ? 94  GLU A C     1 
ATOM   737  O  O     . GLU A 1 94  ? -11.073 3.029   9.584   1.00 23.51 ? 94  GLU A O     1 
ATOM   738  C  CB    . GLU A 1 94  ? -10.467 4.589   12.508  1.00 24.67 ? 94  GLU A CB    1 
ATOM   739  C  CG    . GLU A 1 94  ? -10.136 4.378   13.966  1.00 30.10 ? 94  GLU A CG    1 
ATOM   740  C  CD    . GLU A 1 94  ? -10.502 5.561   14.827  1.00 33.96 ? 94  GLU A CD    1 
ATOM   741  O  OE1   . GLU A 1 94  ? -10.108 6.692   14.474  1.00 36.20 ? 94  GLU A OE1   1 
ATOM   742  O  OE2   . GLU A 1 94  ? -11.172 5.358   15.863  1.00 37.27 ? 94  GLU A OE2   1 
ATOM   743  N  N     . VAL A 1 95  ? -9.639  4.767   9.577   1.00 22.30 ? 95  VAL A N     1 
ATOM   744  C  CA    . VAL A 1 95  ? -9.917  5.121   8.193   1.00 21.37 ? 95  VAL A CA    1 
ATOM   745  C  C     . VAL A 1 95  ? -9.663  3.996   7.187   1.00 20.70 ? 95  VAL A C     1 
ATOM   746  O  O     . VAL A 1 95  ? -10.494 3.746   6.315   1.00 20.54 ? 95  VAL A O     1 
ATOM   747  C  CB    . VAL A 1 95  ? -9.123  6.391   7.787   1.00 22.53 ? 95  VAL A CB    1 
ATOM   748  C  CG1   . VAL A 1 95  ? -8.915  6.438   6.277   1.00 22.52 ? 95  VAL A CG1   1 
ATOM   749  C  CG2   . VAL A 1 95  ? -9.885  7.638   8.244   1.00 20.48 ? 95  VAL A CG2   1 
ATOM   750  N  N     . ILE A 1 96  ? -8.536  3.302   7.310   1.00 19.96 ? 96  ILE A N     1 
ATOM   751  C  CA    . ILE A 1 96  ? -8.232  2.236   6.364   1.00 18.71 ? 96  ILE A CA    1 
ATOM   752  C  C     . ILE A 1 96  ? -9.327  1.169   6.306   1.00 17.96 ? 96  ILE A C     1 
ATOM   753  O  O     . ILE A 1 96  ? -9.532  0.550   5.265   1.00 18.44 ? 96  ILE A O     1 
ATOM   754  C  CB    . ILE A 1 96  ? -6.875  1.567   6.684   1.00 20.24 ? 96  ILE A CB    1 
ATOM   755  C  CG1   . ILE A 1 96  ? -6.336  0.864   5.433   1.00 17.60 ? 96  ILE A CG1   1 
ATOM   756  C  CG2   . ILE A 1 96  ? -7.031  0.569   7.831   1.00 22.29 ? 96  ILE A CG2   1 
ATOM   757  C  CD1   . ILE A 1 96  ? -6.073  1.803   4.284   1.00 16.25 ? 96  ILE A CD1   1 
ATOM   758  N  N     . LYS A 1 97  ? -10.029 0.948   7.415   1.00 16.76 ? 97  LYS A N     1 
ATOM   759  C  CA    . LYS A 1 97  ? -11.110 -0.038  7.434   1.00 15.73 ? 97  LYS A CA    1 
ATOM   760  C  C     . LYS A 1 97  ? -12.255 0.442   6.533   1.00 16.26 ? 97  LYS A C     1 
ATOM   761  O  O     . LYS A 1 97  ? -12.926 -0.362  5.877   1.00 15.69 ? 97  LYS A O     1 
ATOM   762  C  CB    . LYS A 1 97  ? -11.613 -0.243  8.859   1.00 13.43 ? 97  LYS A CB    1 
ATOM   763  C  CG    . LYS A 1 97  ? -10.570 -0.827  9.793   1.00 15.53 ? 97  LYS A CG    1 
ATOM   764  C  CD    . LYS A 1 97  ? -11.012 -0.747  11.252  1.00 16.67 ? 97  LYS A CD    1 
ATOM   765  C  CE    . LYS A 1 97  ? -10.050 -1.488  12.169  1.00 19.37 ? 97  LYS A CE    1 
ATOM   766  N  NZ    . LYS A 1 97  ? -10.517 -1.562  13.589  1.00 20.82 ? 97  LYS A NZ    1 
ATOM   767  N  N     . VAL A 1 98  ? -12.467 1.756   6.497   1.00 16.91 ? 98  VAL A N     1 
ATOM   768  C  CA    . VAL A 1 98  ? -13.507 2.343   5.654   1.00 16.92 ? 98  VAL A CA    1 
ATOM   769  C  C     . VAL A 1 98  ? -13.089 2.282   4.176   1.00 17.85 ? 98  VAL A C     1 
ATOM   770  O  O     . VAL A 1 98  ? -13.843 1.812   3.320   1.00 18.89 ? 98  VAL A O     1 
ATOM   771  C  CB    . VAL A 1 98  ? -13.761 3.814   6.019   1.00 15.29 ? 98  VAL A CB    1 
ATOM   772  C  CG1   . VAL A 1 98  ? -14.830 4.391   5.110   1.00 15.23 ? 98  VAL A CG1   1 
ATOM   773  C  CG2   . VAL A 1 98  ? -14.173 3.927   7.463   1.00 14.99 ? 98  VAL A CG2   1 
ATOM   774  N  N     . ILE A 1 99  ? -11.889 2.771   3.877   1.00 17.58 ? 99  ILE A N     1 
ATOM   775  C  CA    . ILE A 1 99  ? -11.396 2.746   2.510   1.00 16.45 ? 99  ILE A CA    1 
ATOM   776  C  C     . ILE A 1 99  ? -11.472 1.311   2.000   1.00 15.99 ? 99  ILE A C     1 
ATOM   777  O  O     . ILE A 1 99  ? -11.916 1.062   0.892   1.00 15.57 ? 99  ILE A O     1 
ATOM   778  C  CB    . ILE A 1 99  ? -9.940  3.258   2.432   1.00 15.57 ? 99  ILE A CB    1 
ATOM   779  C  CG1   . ILE A 1 99  ? -9.887  4.727   2.866   1.00 14.24 ? 99  ILE A CG1   1 
ATOM   780  C  CG2   . ILE A 1 99  ? -9.403  3.100   1.014   1.00 15.60 ? 99  ILE A CG2   1 
ATOM   781  C  CD1   . ILE A 1 99  ? -8.493  5.333   2.868   1.00 13.78 ? 99  ILE A CD1   1 
ATOM   782  N  N     . HIS A 1 100 ? -11.046 0.362   2.820   1.00 17.67 ? 100 HIS A N     1 
ATOM   783  C  CA    . HIS A 1 100 ? -11.104 -1.030  2.420   1.00 20.78 ? 100 HIS A CA    1 
ATOM   784  C  C     . HIS A 1 100 ? -12.545 -1.435  2.112   1.00 23.32 ? 100 HIS A C     1 
ATOM   785  O  O     . HIS A 1 100 ? -12.812 -2.148  1.136   1.00 22.99 ? 100 HIS A O     1 
ATOM   786  C  CB    . HIS A 1 100 ? -10.549 -1.939  3.514   1.00 19.67 ? 100 HIS A CB    1 
ATOM   787  C  CG    . HIS A 1 100 ? -10.760 -3.393  3.231   1.00 22.97 ? 100 HIS A CG    1 
ATOM   788  N  ND1   . HIS A 1 100 ? -11.885 -4.073  3.643   1.00 24.12 ? 100 HIS A ND1   1 
ATOM   789  C  CD2   . HIS A 1 100 ? -10.026 -4.278  2.513   1.00 25.08 ? 100 HIS A CD2   1 
ATOM   790  C  CE1   . HIS A 1 100 ? -11.834 -5.316  3.194   1.00 25.01 ? 100 HIS A CE1   1 
ATOM   791  N  NE2   . HIS A 1 100 ? -10.717 -5.465  2.504   1.00 25.46 ? 100 HIS A NE2   1 
ATOM   792  N  N     . GLY A 1 101 ? -13.471 -0.992  2.957   1.00 24.93 ? 101 GLY A N     1 
ATOM   793  C  CA    . GLY A 1 101 ? -14.864 -1.321  2.744   1.00 26.55 ? 101 GLY A CA    1 
ATOM   794  C  C     . GLY A 1 101 ? -15.314 -0.833  1.381   1.00 28.40 ? 101 GLY A C     1 
ATOM   795  O  O     . GLY A 1 101 ? -15.816 -1.608  0.563   1.00 29.55 ? 101 GLY A O     1 
ATOM   796  N  N     . LYS A 1 102 ? -15.126 0.459   1.130   1.00 28.92 ? 102 LYS A N     1 
ATOM   797  C  CA    . LYS A 1 102 ? -15.524 1.058   -0.136  1.00 28.50 ? 102 LYS A CA    1 
ATOM   798  C  C     . LYS A 1 102 ? -14.863 0.337   -1.297  1.00 29.26 ? 102 LYS A C     1 
ATOM   799  O  O     . LYS A 1 102 ? -15.544 -0.124  -2.211  1.00 30.08 ? 102 LYS A O     1 
ATOM   800  C  CB    . LYS A 1 102 ? -15.159 2.539   -0.141  1.00 28.16 ? 102 LYS A CB    1 
ATOM   801  C  CG    . LYS A 1 102 ? -15.838 3.319   0.975   1.00 28.08 ? 102 LYS A CG    1 
ATOM   802  C  CD    . LYS A 1 102 ? -15.420 4.770   0.970   1.00 30.22 ? 102 LYS A CD    1 
ATOM   803  C  CE    . LYS A 1 102 ? -16.038 5.523   2.132   1.00 30.27 ? 102 LYS A CE    1 
ATOM   804  N  NZ    . LYS A 1 102 ? -15.442 6.886   2.251   1.00 31.69 ? 102 LYS A NZ    1 
ATOM   805  N  N     . LEU A 1 103 ? -13.538 0.233   -1.250  1.00 29.36 ? 103 LEU A N     1 
ATOM   806  C  CA    . LEU A 1 103 ? -12.779 -0.447  -2.291  1.00 29.26 ? 103 LEU A CA    1 
ATOM   807  C  C     . LEU A 1 103 ? -13.433 -1.763  -2.699  1.00 30.68 ? 103 LEU A C     1 
ATOM   808  O  O     . LEU A 1 103 ? -13.673 -1.999  -3.885  1.00 30.47 ? 103 LEU A O     1 
ATOM   809  C  CB    . LEU A 1 103 ? -11.353 -0.706  -1.815  1.00 28.83 ? 103 LEU A CB    1 
ATOM   810  C  CG    . LEU A 1 103 ? -10.508 -1.658  -2.665  1.00 30.41 ? 103 LEU A CG    1 
ATOM   811  C  CD1   . LEU A 1 103 ? -10.510 -1.227  -4.128  1.00 29.26 ? 103 LEU A CD1   1 
ATOM   812  C  CD2   . LEU A 1 103 ? -9.094  -1.684  -2.117  1.00 30.78 ? 103 LEU A CD2   1 
ATOM   813  N  N     . LEU A 1 104 ? -13.727 -2.618  -1.725  1.00 31.56 ? 104 LEU A N     1 
ATOM   814  C  CA    . LEU A 1 104 ? -14.355 -3.894  -2.034  1.00 33.63 ? 104 LEU A CA    1 
ATOM   815  C  C     . LEU A 1 104 ? -15.691 -3.729  -2.741  1.00 35.75 ? 104 LEU A C     1 
ATOM   816  O  O     . LEU A 1 104 ? -15.985 -4.449  -3.697  1.00 36.22 ? 104 LEU A O     1 
ATOM   817  C  CB    . LEU A 1 104 ? -14.549 -4.735  -0.770  1.00 33.53 ? 104 LEU A CB    1 
ATOM   818  C  CG    . LEU A 1 104 ? -13.318 -5.519  -0.298  1.00 35.27 ? 104 LEU A CG    1 
ATOM   819  C  CD1   . LEU A 1 104 ? -13.736 -6.573  0.717   1.00 34.63 ? 104 LEU A CD1   1 
ATOM   820  C  CD2   . LEU A 1 104 ? -12.654 -6.199  -1.486  1.00 34.23 ? 104 LEU A CD2   1 
ATOM   821  N  N     . ASP A 1 105 ? -16.508 -2.793  -2.274  1.00 37.98 ? 105 ASP A N     1 
ATOM   822  C  CA    . ASP A 1 105 ? -17.804 -2.574  -2.906  1.00 41.19 ? 105 ASP A CA    1 
ATOM   823  C  C     . ASP A 1 105 ? -17.579 -2.203  -4.366  1.00 42.12 ? 105 ASP A C     1 
ATOM   824  O  O     . ASP A 1 105 ? -18.003 -2.915  -5.275  1.00 42.92 ? 105 ASP A O     1 
ATOM   825  C  CB    . ASP A 1 105 ? -18.569 -1.453  -2.191  1.00 42.30 ? 105 ASP A CB    1 
ATOM   826  C  CG    . ASP A 1 105 ? -19.168 -1.902  -0.864  1.00 43.24 ? 105 ASP A CG    1 
ATOM   827  O  OD1   . ASP A 1 105 ? -19.573 -1.021  -0.070  1.00 43.05 ? 105 ASP A OD1   1 
ATOM   828  O  OD2   . ASP A 1 105 ? -19.245 -3.128  -0.618  1.00 42.54 ? 105 ASP A OD2   1 
ATOM   829  N  N     . MET A 1 106 ? -16.890 -1.089  -4.574  1.00 43.02 ? 106 MET A N     1 
ATOM   830  C  CA    . MET A 1 106 ? -16.587 -0.590  -5.908  1.00 43.42 ? 106 MET A CA    1 
ATOM   831  C  C     . MET A 1 106 ? -16.209 -1.719  -6.871  1.00 44.84 ? 106 MET A C     1 
ATOM   832  O  O     . MET A 1 106 ? -16.954 -2.033  -7.794  1.00 44.87 ? 106 MET A O     1 
ATOM   833  C  CB    . MET A 1 106 ? -15.432 0.408   -5.824  1.00 41.52 ? 106 MET A CB    1 
ATOM   834  C  CG    . MET A 1 106 ? -15.459 1.506   -6.866  1.00 39.83 ? 106 MET A CG    1 
ATOM   835  S  SD    . MET A 1 106 ? -16.473 2.896   -6.356  1.00 36.47 ? 106 MET A SD    1 
ATOM   836  C  CE    . MET A 1 106 ? -16.550 3.875   -7.862  1.00 36.57 ? 106 MET A CE    1 
ATOM   837  N  N     . VAL A 1 107 ? -15.050 -2.327  -6.633  1.00 47.25 ? 107 VAL A N     1 
ATOM   838  C  CA    . VAL A 1 107 ? -14.523 -3.404  -7.475  1.00 48.33 ? 107 VAL A CA    1 
ATOM   839  C  C     . VAL A 1 107 ? -15.460 -4.589  -7.721  1.00 49.66 ? 107 VAL A C     1 
ATOM   840  O  O     . VAL A 1 107 ? -15.167 -5.454  -8.550  1.00 49.72 ? 107 VAL A O     1 
ATOM   841  C  CB    . VAL A 1 107 ? -13.184 -3.956  -6.900  1.00 46.62 ? 107 VAL A CB    1 
ATOM   842  C  CG1   . VAL A 1 107 ? -12.212 -2.815  -6.676  1.00 45.42 ? 107 VAL A CG1   1 
ATOM   843  C  CG2   . VAL A 1 107 ? -13.429 -4.711  -5.606  1.00 44.63 ? 107 VAL A CG2   1 
ATOM   844  N  N     . GLY A 1 108 ? -16.580 -4.636  -7.010  1.00 51.18 ? 108 GLY A N     1 
ATOM   845  C  CA    . GLY A 1 108 ? -17.500 -5.743  -7.194  1.00 53.83 ? 108 GLY A CA    1 
ATOM   846  C  C     . GLY A 1 108 ? -16.842 -7.040  -6.773  1.00 55.79 ? 108 GLY A C     1 
ATOM   847  O  O     . GLY A 1 108 ? -16.080 -7.049  -5.808  1.00 56.14 ? 108 GLY A O     1 
ATOM   848  N  N     . LYS A 1 109 ? -17.117 -8.133  -7.481  1.00 57.80 ? 109 LYS A N     1 
ATOM   849  C  CA    . LYS A 1 109 ? -16.510 -9.407  -7.114  1.00 60.55 ? 109 LYS A CA    1 
ATOM   850  C  C     . LYS A 1 109 ? -15.432 -9.868  -8.086  1.00 60.82 ? 109 LYS A C     1 
ATOM   851  O  O     . LYS A 1 109 ? -15.707 -10.516 -9.097  1.00 61.19 ? 109 LYS A O     1 
ATOM   852  C  CB    . LYS A 1 109 ? -17.573 -10.508 -6.944  1.00 62.71 ? 109 LYS A CB    1 
ATOM   853  C  CG    . LYS A 1 109 ? -18.245 -11.010 -8.222  1.00 65.73 ? 109 LYS A CG    1 
ATOM   854  C  CD    . LYS A 1 109 ? -19.023 -12.304 -7.944  1.00 67.50 ? 109 LYS A CD    1 
ATOM   855  C  CE    . LYS A 1 109 ? -19.703 -12.863 -9.194  1.00 68.46 ? 109 LYS A CE    1 
ATOM   856  N  NZ    . LYS A 1 109 ? -18.741 -13.315 -10.237 1.00 68.47 ? 109 LYS A NZ    1 
ATOM   857  N  N     . VAL A 1 110 ? -14.195 -9.516  -7.761  1.00 60.95 ? 110 VAL A N     1 
ATOM   858  C  CA    . VAL A 1 110 ? -13.045 -9.889  -8.566  1.00 61.11 ? 110 VAL A CA    1 
ATOM   859  C  C     . VAL A 1 110 ? -11.886 -10.206 -7.631  1.00 60.96 ? 110 VAL A C     1 
ATOM   860  O  O     . VAL A 1 110 ? -11.699 -9.546  -6.605  1.00 61.37 ? 110 VAL A O     1 
ATOM   861  C  CB    . VAL A 1 110 ? -12.632 -8.755  -9.541  1.00 61.11 ? 110 VAL A CB    1 
ATOM   862  C  CG1   . VAL A 1 110 ? -11.305 -9.089  -10.203 1.00 60.91 ? 110 VAL A CG1   1 
ATOM   863  C  CG2   . VAL A 1 110 ? -13.700 -8.570  -10.607 1.00 60.46 ? 110 VAL A CG2   1 
ATOM   864  N  N     . GLN A 1 111 ? -11.123 -11.231 -7.987  1.00 60.36 ? 111 GLN A N     1 
ATOM   865  C  CA    . GLN A 1 111 ? -9.983  -11.653 -7.191  1.00 59.45 ? 111 GLN A CA    1 
ATOM   866  C  C     . GLN A 1 111 ? -8.798  -10.708 -7.342  1.00 57.28 ? 111 GLN A C     1 
ATOM   867  O  O     . GLN A 1 111 ? -7.851  -10.996 -8.080  1.00 57.82 ? 111 GLN A O     1 
ATOM   868  C  CB    . GLN A 1 111 ? -9.563  -13.074 -7.582  1.00 62.78 ? 111 GLN A CB    1 
ATOM   869  C  CG    . GLN A 1 111 ? -10.438 -14.178 -7.000  1.00 65.53 ? 111 GLN A CG    1 
ATOM   870  C  CD    . GLN A 1 111 ? -10.284 -14.306 -5.494  1.00 67.71 ? 111 GLN A CD    1 
ATOM   871  O  OE1   . GLN A 1 111 ? -10.525 -13.352 -4.751  1.00 68.87 ? 111 GLN A OE1   1 
ATOM   872  N  NE2   . GLN A 1 111 ? -9.881  -15.490 -5.034  1.00 68.32 ? 111 GLN A NE2   1 
ATOM   873  N  N     . ILE A 1 112 ? -8.859  -9.575  -6.644  1.00 52.98 ? 112 ILE A N     1 
ATOM   874  C  CA    . ILE A 1 112 ? -7.775  -8.599  -6.678  1.00 47.76 ? 112 ILE A CA    1 
ATOM   875  C  C     . ILE A 1 112 ? -6.989  -8.660  -5.373  1.00 42.64 ? 112 ILE A C     1 
ATOM   876  O  O     . ILE A 1 112 ? -7.565  -8.582  -4.287  1.00 41.60 ? 112 ILE A O     1 
ATOM   877  C  CB    . ILE A 1 112 ? -8.304  -7.159  -6.903  1.00 49.38 ? 112 ILE A CB    1 
ATOM   878  C  CG1   . ILE A 1 112 ? -9.700  -6.994  -6.284  1.00 50.42 ? 112 ILE A CG1   1 
ATOM   879  C  CG2   . ILE A 1 112 ? -8.332  -6.846  -8.395  1.00 49.07 ? 112 ILE A CG2   1 
ATOM   880  C  CD1   . ILE A 1 112 ? -9.726  -6.940  -4.768  1.00 50.54 ? 112 ILE A CD1   1 
ATOM   881  N  N     . PRO A 1 113 ? -5.661  -8.835  -5.467  1.00 37.66 ? 113 PRO A N     1 
ATOM   882  C  CA    . PRO A 1 113 ? -4.784  -8.913  -4.296  1.00 33.60 ? 113 PRO A CA    1 
ATOM   883  C  C     . PRO A 1 113 ? -4.847  -7.654  -3.453  1.00 30.50 ? 113 PRO A C     1 
ATOM   884  O  O     . PRO A 1 113 ? -4.789  -6.543  -3.969  1.00 28.73 ? 113 PRO A O     1 
ATOM   885  C  CB    . PRO A 1 113 ? -3.405  -9.120  -4.908  1.00 32.88 ? 113 PRO A CB    1 
ATOM   886  C  CG    . PRO A 1 113 ? -3.705  -9.880  -6.141  1.00 35.33 ? 113 PRO A CG    1 
ATOM   887  C  CD    . PRO A 1 113 ? -4.910  -9.158  -6.691  1.00 36.65 ? 113 PRO A CD    1 
ATOM   888  N  N     . ILE A 1 114 ? -4.977  -7.844  -2.150  1.00 28.36 ? 114 ILE A N     1 
ATOM   889  C  CA    . ILE A 1 114 ? -5.036  -6.735  -1.217  1.00 28.66 ? 114 ILE A CA    1 
ATOM   890  C  C     . ILE A 1 114 ? -4.130  -7.015  -0.024  1.00 27.84 ? 114 ILE A C     1 
ATOM   891  O  O     . ILE A 1 114 ? -4.214  -8.074  0.599   1.00 28.78 ? 114 ILE A O     1 
ATOM   892  C  CB    . ILE A 1 114 ? -6.479  -6.496  -0.726  1.00 29.17 ? 114 ILE A CB    1 
ATOM   893  C  CG1   . ILE A 1 114 ? -7.233  -5.663  -1.753  1.00 30.83 ? 114 ILE A CG1   1 
ATOM   894  C  CG2   . ILE A 1 114 ? -6.487  -5.770  0.601   1.00 30.15 ? 114 ILE A CG2   1 
ATOM   895  C  CD1   . ILE A 1 114 ? -8.601  -5.244  -1.282  1.00 33.93 ? 114 ILE A CD1   1 
ATOM   896  N  N     . MET A 1 115 ? -3.250  -6.069  0.282   1.00 24.79 ? 115 MET A N     1 
ATOM   897  C  CA    . MET A 1 115 ? -2.363  -6.245  1.406   1.00 23.14 ? 115 MET A CA    1 
ATOM   898  C  C     . MET A 1 115 ? -2.418  -5.014  2.289   1.00 22.04 ? 115 MET A C     1 
ATOM   899  O  O     . MET A 1 115 ? -2.571  -3.899  1.804   1.00 20.80 ? 115 MET A O     1 
ATOM   900  C  CB    . MET A 1 115 ? -0.938  -6.502  0.931   1.00 25.12 ? 115 MET A CB    1 
ATOM   901  C  CG    . MET A 1 115 ? -0.079  -5.272  0.769   1.00 26.22 ? 115 MET A CG    1 
ATOM   902  S  SD    . MET A 1 115 ? 1.618   -5.783  0.560   1.00 27.95 ? 115 MET A SD    1 
ATOM   903  C  CE    . MET A 1 115 ? 2.078   -6.088  2.266   1.00 25.48 ? 115 MET A CE    1 
ATOM   904  N  N     . LEU A 1 116 ? -2.298  -5.240  3.594   1.00 21.58 ? 116 LEU A N     1 
ATOM   905  C  CA    . LEU A 1 116 ? -2.357  -4.177  4.588   1.00 19.43 ? 116 LEU A CA    1 
ATOM   906  C  C     . LEU A 1 116 ? -0.983  -3.895  5.170   1.00 18.30 ? 116 LEU A C     1 
ATOM   907  O  O     . LEU A 1 116 ? -0.305  -4.800  5.662   1.00 18.06 ? 116 LEU A O     1 
ATOM   908  C  CB    . LEU A 1 116 ? -3.329  -4.578  5.706   1.00 18.98 ? 116 LEU A CB    1 
ATOM   909  C  CG    . LEU A 1 116 ? -3.441  -3.696  6.952   1.00 17.02 ? 116 LEU A CG    1 
ATOM   910  C  CD1   . LEU A 1 116 ? -4.002  -2.342  6.588   1.00 16.02 ? 116 LEU A CD1   1 
ATOM   911  C  CD2   . LEU A 1 116 ? -4.336  -4.383  7.959   1.00 15.96 ? 116 LEU A CD2   1 
ATOM   912  N  N     . VAL A 1 117 ? -0.587  -2.629  5.113   1.00 16.48 ? 117 VAL A N     1 
ATOM   913  C  CA    . VAL A 1 117 ? 0.705   -2.208  5.626   1.00 15.22 ? 117 VAL A CA    1 
ATOM   914  C  C     . VAL A 1 117 ? 0.564   -1.260  6.796   1.00 14.95 ? 117 VAL A C     1 
ATOM   915  O  O     . VAL A 1 117 ? -0.246  -0.339  6.771   1.00 14.54 ? 117 VAL A O     1 
ATOM   916  C  CB    . VAL A 1 117 ? 1.549   -1.505  4.536   1.00 15.44 ? 117 VAL A CB    1 
ATOM   917  C  CG1   . VAL A 1 117 ? 2.841   -0.960  5.147   1.00 13.78 ? 117 VAL A CG1   1 
ATOM   918  C  CG2   . VAL A 1 117 ? 1.856   -2.482  3.400   1.00 15.03 ? 117 VAL A CG2   1 
ATOM   919  N  N     . GLY A 1 118 ? 1.356   -1.513  7.828   1.00 15.85 ? 118 GLY A N     1 
ATOM   920  C  CA    . GLY A 1 118 ? 1.363   -0.667  9.001   1.00 18.11 ? 118 GLY A CA    1 
ATOM   921  C  C     . GLY A 1 118 ? 2.686   0.062   8.912   1.00 19.45 ? 118 GLY A C     1 
ATOM   922  O  O     . GLY A 1 118 ? 3.736   -0.518  9.187   1.00 21.62 ? 118 GLY A O     1 
ATOM   923  N  N     . ASN A 1 119 ? 2.646   1.331   8.529   1.00 19.34 ? 119 ASN A N     1 
ATOM   924  C  CA    . ASN A 1 119 ? 3.871   2.092   8.355   1.00 20.61 ? 119 ASN A CA    1 
ATOM   925  C  C     . ASN A 1 119 ? 4.373   2.815   9.591   1.00 21.19 ? 119 ASN A C     1 
ATOM   926  O  O     . ASN A 1 119 ? 3.633   3.009   10.555  1.00 23.91 ? 119 ASN A O     1 
ATOM   927  C  CB    . ASN A 1 119 ? 3.691   3.087   7.210   1.00 19.94 ? 119 ASN A CB    1 
ATOM   928  C  CG    . ASN A 1 119 ? 4.993   3.710   6.783   1.00 20.95 ? 119 ASN A CG    1 
ATOM   929  O  OD1   . ASN A 1 119 ? 5.978   3.016   6.539   1.00 20.90 ? 119 ASN A OD1   1 
ATOM   930  N  ND2   . ASN A 1 119 ? 5.006   5.026   6.682   1.00 23.44 ? 119 ASN A ND2   1 
ATOM   931  N  N     . LYS A 1 120 ? 5.647   3.198   9.541   1.00 19.88 ? 120 LYS A N     1 
ATOM   932  C  CA    . LYS A 1 120 ? 6.325   3.920   10.614  1.00 19.68 ? 120 LYS A CA    1 
ATOM   933  C  C     . LYS A 1 120 ? 6.674   3.076   11.834  1.00 21.65 ? 120 LYS A C     1 
ATOM   934  O  O     . LYS A 1 120 ? 6.534   3.531   12.971  1.00 22.50 ? 120 LYS A O     1 
ATOM   935  C  CB    . LYS A 1 120 ? 5.492   5.125   11.043  1.00 16.28 ? 120 LYS A CB    1 
ATOM   936  C  CG    . LYS A 1 120 ? 5.169   6.050   9.901   1.00 16.44 ? 120 LYS A CG    1 
ATOM   937  C  CD    . LYS A 1 120 ? 4.468   7.290   10.382  1.00 16.81 ? 120 LYS A CD    1 
ATOM   938  C  CE    . LYS A 1 120 ? 4.076   8.193   9.233   1.00 15.34 ? 120 LYS A CE    1 
ATOM   939  N  NZ    . LYS A 1 120 ? 3.351   9.377   9.767   1.00 17.57 ? 120 LYS A NZ    1 
ATOM   940  N  N     . LYS A 1 121 ? 7.142   1.855   11.605  1.00 22.84 ? 121 LYS A N     1 
ATOM   941  C  CA    . LYS A 1 121 ? 7.506   0.982   12.711  1.00 26.10 ? 121 LYS A CA    1 
ATOM   942  C  C     . LYS A 1 121 ? 8.690   1.564   13.479  1.00 27.61 ? 121 LYS A C     1 
ATOM   943  O  O     . LYS A 1 121 ? 8.867   1.293   14.666  1.00 28.95 ? 121 LYS A O     1 
ATOM   944  C  CB    . LYS A 1 121 ? 7.844   -0.422  12.191  1.00 27.73 ? 121 LYS A CB    1 
ATOM   945  C  CG    . LYS A 1 121 ? 8.897   -0.441  11.099  1.00 31.21 ? 121 LYS A CG    1 
ATOM   946  C  CD    . LYS A 1 121 ? 8.940   -1.769  10.360  1.00 31.99 ? 121 LYS A CD    1 
ATOM   947  C  CE    . LYS A 1 121 ? 9.465   -2.894  11.230  1.00 34.51 ? 121 LYS A CE    1 
ATOM   948  N  NZ    . LYS A 1 121 ? 9.713   -4.129  10.420  1.00 35.00 ? 121 LYS A NZ    1 
ATOM   949  N  N     . ASP A 1 122 ? 9.488   2.382   12.805  1.00 28.37 ? 122 ASP A N     1 
ATOM   950  C  CA    . ASP A 1 122 ? 10.656  2.992   13.434  1.00 29.26 ? 122 ASP A CA    1 
ATOM   951  C  C     . ASP A 1 122 ? 10.323  3.895   14.621  1.00 29.23 ? 122 ASP A C     1 
ATOM   952  O  O     . ASP A 1 122 ? 11.011  3.851   15.638  1.00 28.69 ? 122 ASP A O     1 
ATOM   953  C  CB    . ASP A 1 122 ? 11.456  3.784   12.396  1.00 30.25 ? 122 ASP A CB    1 
ATOM   954  C  CG    . ASP A 1 122 ? 10.641  4.883   11.739  1.00 30.79 ? 122 ASP A CG    1 
ATOM   955  O  OD1   . ASP A 1 122 ? 10.455  5.954   12.355  1.00 30.27 ? 122 ASP A OD1   1 
ATOM   956  O  OD2   . ASP A 1 122 ? 10.179  4.667   10.602  1.00 30.41 ? 122 ASP A OD2   1 
ATOM   957  N  N     . LEU A 1 123 ? 9.280   4.712   14.490  1.00 29.65 ? 123 LEU A N     1 
ATOM   958  C  CA    . LEU A 1 123 ? 8.876   5.629   15.555  1.00 30.92 ? 123 LEU A CA    1 
ATOM   959  C  C     . LEU A 1 123 ? 8.295   4.895   16.759  1.00 33.72 ? 123 LEU A C     1 
ATOM   960  O  O     . LEU A 1 123 ? 7.109   5.031   17.067  1.00 33.60 ? 123 LEU A O     1 
ATOM   961  C  CB    . LEU A 1 123 ? 7.844   6.630   15.029  1.00 29.26 ? 123 LEU A CB    1 
ATOM   962  C  CG    . LEU A 1 123 ? 8.281   7.623   13.955  1.00 28.23 ? 123 LEU A CG    1 
ATOM   963  C  CD1   . LEU A 1 123 ? 7.127   8.562   13.630  1.00 26.92 ? 123 LEU A CD1   1 
ATOM   964  C  CD2   . LEU A 1 123 ? 9.477   8.415   14.446  1.00 27.44 ? 123 LEU A CD2   1 
ATOM   965  N  N     . HIS A 1 124 ? 9.144   4.131   17.442  1.00 36.25 ? 124 HIS A N     1 
ATOM   966  C  CA    . HIS A 1 124 ? 8.744   3.353   18.611  1.00 38.63 ? 124 HIS A CA    1 
ATOM   967  C  C     . HIS A 1 124 ? 8.021   4.164   19.686  1.00 38.39 ? 124 HIS A C     1 
ATOM   968  O  O     . HIS A 1 124 ? 7.011   3.723   20.229  1.00 37.53 ? 124 HIS A O     1 
ATOM   969  C  CB    . HIS A 1 124 ? 9.968   2.685   19.248  1.00 42.42 ? 124 HIS A CB    1 
ATOM   970  C  CG    . HIS A 1 124 ? 10.688  1.738   18.339  1.00 47.51 ? 124 HIS A CG    1 
ATOM   971  N  ND1   . HIS A 1 124 ? 10.120  0.570   17.879  1.00 50.64 ? 124 HIS A ND1   1 
ATOM   972  C  CD2   . HIS A 1 124 ? 11.936  1.783   17.811  1.00 50.19 ? 124 HIS A CD2   1 
ATOM   973  C  CE1   . HIS A 1 124 ? 10.988  -0.065  17.106  1.00 52.09 ? 124 HIS A CE1   1 
ATOM   974  N  NE2   . HIS A 1 124 ? 12.097  0.651   17.049  1.00 51.69 ? 124 HIS A NE2   1 
ATOM   975  N  N     . MET A 1 125 ? 8.536   5.347   19.998  1.00 38.17 ? 125 MET A N     1 
ATOM   976  C  CA    . MET A 1 125 ? 7.927   6.170   21.028  1.00 38.35 ? 125 MET A CA    1 
ATOM   977  C  C     . MET A 1 125 ? 6.544   6.688   20.680  1.00 37.74 ? 125 MET A C     1 
ATOM   978  O  O     . MET A 1 125 ? 5.869   7.257   21.535  1.00 37.64 ? 125 MET A O     1 
ATOM   979  C  CB    . MET A 1 125 ? 8.832   7.349   21.370  1.00 41.24 ? 125 MET A CB    1 
ATOM   980  C  CG    . MET A 1 125 ? 10.098  6.976   22.140  1.00 47.21 ? 125 MET A CG    1 
ATOM   981  S  SD    . MET A 1 125 ? 9.796   6.217   23.775  1.00 51.97 ? 125 MET A SD    1 
ATOM   982  C  CE    . MET A 1 125 ? 10.223  4.487   23.425  1.00 50.52 ? 125 MET A CE    1 
ATOM   983  N  N     . GLU A 1 126 ? 6.105   6.477   19.444  1.00 37.23 ? 126 GLU A N     1 
ATOM   984  C  CA    . GLU A 1 126 ? 4.795   6.970   19.025  1.00 36.68 ? 126 GLU A CA    1 
ATOM   985  C  C     . GLU A 1 126 ? 3.784   5.924   18.563  1.00 34.68 ? 126 GLU A C     1 
ATOM   986  O  O     . GLU A 1 126 ? 2.674   6.267   18.158  1.00 32.73 ? 126 GLU A O     1 
ATOM   987  C  CB    . GLU A 1 126 ? 4.985   8.016   17.931  1.00 38.47 ? 126 GLU A CB    1 
ATOM   988  C  CG    . GLU A 1 126 ? 5.726   9.235   18.422  1.00 41.35 ? 126 GLU A CG    1 
ATOM   989  C  CD    . GLU A 1 126 ? 6.096   10.180  17.309  1.00 43.87 ? 126 GLU A CD    1 
ATOM   990  O  OE1   . GLU A 1 126 ? 5.199   10.556  16.522  1.00 44.37 ? 126 GLU A OE1   1 
ATOM   991  O  OE2   . GLU A 1 126 ? 7.288   10.551  17.230  1.00 45.53 ? 126 GLU A OE2   1 
ATOM   992  N  N     . ARG A 1 127 ? 4.163   4.653   18.628  1.00 33.86 ? 127 ARG A N     1 
ATOM   993  C  CA    . ARG A 1 127 ? 3.275   3.570   18.215  1.00 33.14 ? 127 ARG A CA    1 
ATOM   994  C  C     . ARG A 1 127 ? 2.053   3.482   19.131  1.00 33.23 ? 127 ARG A C     1 
ATOM   995  O  O     . ARG A 1 127 ? 2.184   3.525   20.359  1.00 35.10 ? 127 ARG A O     1 
ATOM   996  C  CB    . ARG A 1 127 ? 4.022   2.228   18.246  1.00 31.22 ? 127 ARG A CB    1 
ATOM   997  C  CG    . ARG A 1 127 ? 3.117   1.016   18.038  1.00 30.16 ? 127 ARG A CG    1 
ATOM   998  C  CD    . ARG A 1 127 ? 3.833   -0.294  18.329  1.00 28.60 ? 127 ARG A CD    1 
ATOM   999  N  NE    . ARG A 1 127 ? 4.811   -0.628  17.305  1.00 27.66 ? 127 ARG A NE    1 
ATOM   1000 C  CZ    . ARG A 1 127 ? 4.498   -1.036  16.081  1.00 29.28 ? 127 ARG A CZ    1 
ATOM   1001 N  NH1   . ARG A 1 127 ? 3.229   -1.162  15.729  1.00 30.54 ? 127 ARG A NH1   1 
ATOM   1002 N  NH2   . ARG A 1 127 ? 5.455   -1.319  15.208  1.00 31.48 ? 127 ARG A NH2   1 
ATOM   1003 N  N     . VAL A 1 128 ? 0.868   3.370   18.537  1.00 30.39 ? 128 VAL A N     1 
ATOM   1004 C  CA    . VAL A 1 128 ? -0.345  3.237   19.328  1.00 28.06 ? 128 VAL A CA    1 
ATOM   1005 C  C     . VAL A 1 128 ? -1.071  1.977   18.874  1.00 28.88 ? 128 VAL A C     1 
ATOM   1006 O  O     . VAL A 1 128 ? -1.889  1.424   19.600  1.00 31.90 ? 128 VAL A O     1 
ATOM   1007 C  CB    . VAL A 1 128 ? -1.272  4.452   19.175  1.00 25.32 ? 128 VAL A CB    1 
ATOM   1008 C  CG1   . VAL A 1 128 ? -0.480  5.727   19.357  1.00 24.84 ? 128 VAL A CG1   1 
ATOM   1009 C  CG2   . VAL A 1 128 ? -1.960  4.423   17.835  1.00 26.13 ? 128 VAL A CG2   1 
ATOM   1010 N  N     . ILE A 1 129 ? -0.776  1.519   17.666  1.00 27.32 ? 129 ILE A N     1 
ATOM   1011 C  CA    . ILE A 1 129 ? -1.405  0.305   17.176  1.00 25.68 ? 129 ILE A CA    1 
ATOM   1012 C  C     . ILE A 1 129 ? -0.341  -0.791  17.304  1.00 25.69 ? 129 ILE A C     1 
ATOM   1013 O  O     . ILE A 1 129 ? 0.810   -0.603  16.922  1.00 25.61 ? 129 ILE A O     1 
ATOM   1014 C  CB    . ILE A 1 129 ? -1.846  0.421   15.680  1.00 25.89 ? 129 ILE A CB    1 
ATOM   1015 C  CG1   . ILE A 1 129 ? -2.363  1.830   15.354  1.00 26.94 ? 129 ILE A CG1   1 
ATOM   1016 C  CG2   . ILE A 1 129 ? -2.955  -0.569  15.398  1.00 24.03 ? 129 ILE A CG2   1 
ATOM   1017 C  CD1   . ILE A 1 129 ? -3.662  2.210   16.031  1.00 29.42 ? 129 ILE A CD1   1 
ATOM   1018 N  N     . SER A 1 130 ? -0.722  -1.929  17.865  1.00 24.98 ? 130 SER A N     1 
ATOM   1019 C  CA    . SER A 1 130 ? 0.204   -3.039  18.033  1.00 23.81 ? 130 SER A CA    1 
ATOM   1020 C  C     . SER A 1 130 ? 0.324   -3.835  16.744  1.00 22.98 ? 130 SER A C     1 
ATOM   1021 O  O     . SER A 1 130 ? -0.503  -3.703  15.848  1.00 22.59 ? 130 SER A O     1 
ATOM   1022 C  CB    . SER A 1 130 ? -0.293  -3.956  19.151  1.00 24.17 ? 130 SER A CB    1 
ATOM   1023 O  OG    . SER A 1 130 ? -1.649  -4.313  18.937  1.00 23.82 ? 130 SER A OG    1 
ATOM   1024 N  N     . TYR A 1 131 ? 1.353   -4.666  16.648  1.00 22.11 ? 131 TYR A N     1 
ATOM   1025 C  CA    . TYR A 1 131 ? 1.525   -5.487  15.459  1.00 23.33 ? 131 TYR A CA    1 
ATOM   1026 C  C     . TYR A 1 131 ? 0.323   -6.424  15.354  1.00 24.85 ? 131 TYR A C     1 
ATOM   1027 O  O     . TYR A 1 131 ? -0.359  -6.481  14.336  1.00 24.24 ? 131 TYR A O     1 
ATOM   1028 C  CB    . TYR A 1 131 ? 2.810   -6.319  15.563  1.00 22.58 ? 131 TYR A CB    1 
ATOM   1029 C  CG    . TYR A 1 131 ? 2.980   -7.309  14.433  1.00 21.88 ? 131 TYR A CG    1 
ATOM   1030 C  CD1   . TYR A 1 131 ? 3.704   -6.976  13.293  1.00 21.22 ? 131 TYR A CD1   1 
ATOM   1031 C  CD2   . TYR A 1 131 ? 2.358   -8.562  14.479  1.00 20.76 ? 131 TYR A CD2   1 
ATOM   1032 C  CE1   . TYR A 1 131 ? 3.802   -7.864  12.220  1.00 22.23 ? 131 TYR A CE1   1 
ATOM   1033 C  CE2   . TYR A 1 131 ? 2.447   -9.453  13.417  1.00 21.04 ? 131 TYR A CE2   1 
ATOM   1034 C  CZ    . TYR A 1 131 ? 3.171   -9.102  12.286  1.00 22.56 ? 131 TYR A CZ    1 
ATOM   1035 O  OH    . TYR A 1 131 ? 3.270   -9.982  11.227  1.00 20.13 ? 131 TYR A OH    1 
ATOM   1036 N  N     . GLU A 1 132 ? 0.080   -7.150  16.440  1.00 28.86 ? 132 GLU A N     1 
ATOM   1037 C  CA    . GLU A 1 132 ? -1.007  -8.121  16.552  1.00 29.99 ? 132 GLU A CA    1 
ATOM   1038 C  C     . GLU A 1 132 ? -2.398  -7.607  16.193  1.00 30.38 ? 132 GLU A C     1 
ATOM   1039 O  O     . GLU A 1 132 ? -3.272  -8.389  15.827  1.00 30.40 ? 132 GLU A O     1 
ATOM   1040 C  CB    . GLU A 1 132 ? -1.040  -8.702  17.976  1.00 29.38 ? 132 GLU A CB    1 
ATOM   1041 C  CG    . GLU A 1 132 ? 0.202   -9.495  18.359  1.00 27.94 ? 132 GLU A CG    1 
ATOM   1042 C  CD    . GLU A 1 132 ? 1.372   -8.613  18.744  1.00 28.28 ? 132 GLU A CD    1 
ATOM   1043 O  OE1   . GLU A 1 132 ? 2.484   -9.152  18.944  1.00 27.23 ? 132 GLU A OE1   1 
ATOM   1044 O  OE2   . GLU A 1 132 ? 1.180   -7.383  18.856  1.00 28.04 ? 132 GLU A OE2   1 
ATOM   1045 N  N     . GLU A 1 133 ? -2.605  -6.300  16.313  1.00 31.99 ? 133 GLU A N     1 
ATOM   1046 C  CA    . GLU A 1 133 ? -3.898  -5.702  16.006  1.00 33.41 ? 133 GLU A CA    1 
ATOM   1047 C  C     . GLU A 1 133 ? -4.100  -5.584  14.506  1.00 33.94 ? 133 GLU A C     1 
ATOM   1048 O  O     . GLU A 1 133 ? -5.057  -6.141  13.956  1.00 34.52 ? 133 GLU A O     1 
ATOM   1049 C  CB    . GLU A 1 133 ? -4.006  -4.323  16.652  1.00 35.34 ? 133 GLU A CB    1 
ATOM   1050 C  CG    . GLU A 1 133 ? -5.360  -3.667  16.477  1.00 39.09 ? 133 GLU A CG    1 
ATOM   1051 C  CD    . GLU A 1 133 ? -5.579  -2.532  17.456  1.00 43.16 ? 133 GLU A CD    1 
ATOM   1052 O  OE1   . GLU A 1 133 ? -6.677  -1.934  17.438  1.00 43.79 ? 133 GLU A OE1   1 
ATOM   1053 O  OE2   . GLU A 1 133 ? -4.651  -2.240  18.249  1.00 45.69 ? 133 GLU A OE2   1 
ATOM   1054 N  N     . GLY A 1 134 ? -3.200  -4.856  13.849  1.00 33.23 ? 134 GLY A N     1 
ATOM   1055 C  CA    . GLY A 1 134 ? -3.292  -4.689  12.409  1.00 32.17 ? 134 GLY A CA    1 
ATOM   1056 C  C     . GLY A 1 134 ? -3.272  -6.058  11.761  1.00 32.17 ? 134 GLY A C     1 
ATOM   1057 O  O     . GLY A 1 134 ? -3.969  -6.318  10.773  1.00 33.00 ? 134 GLY A O     1 
ATOM   1058 N  N     . LYS A 1 135 ? -2.468  -6.943  12.337  1.00 30.76 ? 135 LYS A N     1 
ATOM   1059 C  CA    . LYS A 1 135 ? -2.346  -8.301  11.837  1.00 29.95 ? 135 LYS A CA    1 
ATOM   1060 C  C     . LYS A 1 135 ? -3.735  -8.922  11.758  1.00 29.04 ? 135 LYS A C     1 
ATOM   1061 O  O     . LYS A 1 135 ? -4.134  -9.429  10.718  1.00 28.95 ? 135 LYS A O     1 
ATOM   1062 C  CB    . LYS A 1 135 ? -1.465  -9.117  12.781  1.00 29.93 ? 135 LYS A CB    1 
ATOM   1063 C  CG    . LYS A 1 135 ? -0.654  -10.202 12.113  1.00 30.71 ? 135 LYS A CG    1 
ATOM   1064 C  CD    . LYS A 1 135 ? -1.516  -11.150 11.315  1.00 33.41 ? 135 LYS A CD    1 
ATOM   1065 C  CE    . LYS A 1 135 ? -0.727  -12.389 10.933  1.00 36.62 ? 135 LYS A CE    1 
ATOM   1066 N  NZ    . LYS A 1 135 ? 0.582   -12.053 10.303  1.00 40.07 ? 135 LYS A NZ    1 
ATOM   1067 N  N     . ALA A 1 136 ? -4.467  -8.857  12.868  1.00 29.17 ? 136 ALA A N     1 
ATOM   1068 C  CA    . ALA A 1 136 ? -5.814  -9.415  12.971  1.00 28.67 ? 136 ALA A CA    1 
ATOM   1069 C  C     . ALA A 1 136 ? -6.758  -8.855  11.916  1.00 29.12 ? 136 ALA A C     1 
ATOM   1070 O  O     . ALA A 1 136 ? -7.648  -9.554  11.424  1.00 28.14 ? 136 ALA A O     1 
ATOM   1071 C  CB    . ALA A 1 136 ? -6.379  -9.153  14.363  1.00 27.35 ? 136 ALA A CB    1 
ATOM   1072 N  N     . LEU A 1 137 ? -6.576  -7.586  11.575  1.00 29.17 ? 137 LEU A N     1 
ATOM   1073 C  CA    . LEU A 1 137 ? -7.426  -6.974  10.571  1.00 28.95 ? 137 LEU A CA    1 
ATOM   1074 C  C     . LEU A 1 137 ? -7.111  -7.625  9.232   1.00 29.32 ? 137 LEU A C     1 
ATOM   1075 O  O     . LEU A 1 137 ? -8.005  -8.077  8.515   1.00 29.23 ? 137 LEU A O     1 
ATOM   1076 C  CB    . LEU A 1 137 ? -7.164  -5.472  10.495  1.00 27.84 ? 137 LEU A CB    1 
ATOM   1077 C  CG    . LEU A 1 137 ? -8.239  -4.697  9.735   1.00 27.66 ? 137 LEU A CG    1 
ATOM   1078 C  CD1   . LEU A 1 137 ? -9.595  -4.920  10.400  1.00 26.35 ? 137 LEU A CD1   1 
ATOM   1079 C  CD2   . LEU A 1 137 ? -7.883  -3.221  9.709   1.00 28.21 ? 137 LEU A CD2   1 
ATOM   1080 N  N     . ALA A 1 138 ? -5.822  -7.683  8.910   1.00 30.29 ? 138 ALA A N     1 
ATOM   1081 C  CA    . ALA A 1 138 ? -5.362  -8.276  7.659   1.00 30.24 ? 138 ALA A CA    1 
ATOM   1082 C  C     . ALA A 1 138 ? -5.884  -9.703  7.499   1.00 29.86 ? 138 ALA A C     1 
ATOM   1083 O  O     . ALA A 1 138 ? -6.136  -10.167 6.393   1.00 28.37 ? 138 ALA A O     1 
ATOM   1084 C  CB    . ALA A 1 138 ? -3.837  -8.259  7.613   1.00 29.23 ? 138 ALA A CB    1 
ATOM   1085 N  N     . GLU A 1 139 ? -6.044  -10.396 8.616   1.00 31.22 ? 139 GLU A N     1 
ATOM   1086 C  CA    . GLU A 1 139 ? -6.537  -11.756 8.588   1.00 33.77 ? 139 GLU A CA    1 
ATOM   1087 C  C     . GLU A 1 139 ? -8.036  -11.730 8.317   1.00 33.32 ? 139 GLU A C     1 
ATOM   1088 O  O     . GLU A 1 139 ? -8.555  -12.550 7.568   1.00 34.46 ? 139 GLU A O     1 
ATOM   1089 C  CB    . GLU A 1 139 ? -6.253  -12.438 9.925   1.00 37.09 ? 139 GLU A CB    1 
ATOM   1090 C  CG    . GLU A 1 139 ? -4.840  -12.193 10.433  1.00 45.56 ? 139 GLU A CG    1 
ATOM   1091 C  CD    . GLU A 1 139 ? -4.562  -12.848 11.781  1.00 51.42 ? 139 GLU A CD    1 
ATOM   1092 O  OE1   . GLU A 1 139 ? -4.176  -14.042 11.800  1.00 54.80 ? 139 GLU A OE1   1 
ATOM   1093 O  OE2   . GLU A 1 139 ? -4.738  -12.170 12.822  1.00 53.97 ? 139 GLU A OE2   1 
ATOM   1094 N  N     . SER A 1 140 ? -8.737  -10.779 8.916   1.00 32.01 ? 140 SER A N     1 
ATOM   1095 C  CA    . SER A 1 140 ? -10.167 -10.706 8.710   1.00 30.67 ? 140 SER A CA    1 
ATOM   1096 C  C     . SER A 1 140 ? -10.445 -10.431 7.249   1.00 30.11 ? 140 SER A C     1 
ATOM   1097 O  O     . SER A 1 140 ? -11.466 -10.852 6.725   1.00 30.44 ? 140 SER A O     1 
ATOM   1098 C  CB    . SER A 1 140 ? -10.787 -9.610  9.573   1.00 32.54 ? 140 SER A CB    1 
ATOM   1099 O  OG    . SER A 1 140 ? -10.538 -8.330  9.028   1.00 36.80 ? 140 SER A OG    1 
ATOM   1100 N  N     . TRP A 1 141 ? -9.543  -9.717  6.585   1.00 30.68 ? 141 TRP A N     1 
ATOM   1101 C  CA    . TRP A 1 141 ? -9.737  -9.424  5.165   1.00 31.84 ? 141 TRP A CA    1 
ATOM   1102 C  C     . TRP A 1 141 ? -9.122  -10.539 4.339   1.00 32.70 ? 141 TRP A C     1 
ATOM   1103 O  O     . TRP A 1 141 ? -9.209  -10.542 3.104   1.00 31.63 ? 141 TRP A O     1 
ATOM   1104 C  CB    . TRP A 1 141 ? -9.069  -8.112  4.763   1.00 29.91 ? 141 TRP A CB    1 
ATOM   1105 C  CG    . TRP A 1 141 ? -9.526  -6.922  5.510   1.00 28.36 ? 141 TRP A CG    1 
ATOM   1106 C  CD1   . TRP A 1 141 ? -10.644 -6.808  6.292   1.00 28.56 ? 141 TRP A CD1   1 
ATOM   1107 C  CD2   . TRP A 1 141 ? -8.896  -5.645  5.516   1.00 26.25 ? 141 TRP A CD2   1 
ATOM   1108 N  NE1   . TRP A 1 141 ? -10.746 -5.526  6.785   1.00 27.71 ? 141 TRP A NE1   1 
ATOM   1109 C  CE2   . TRP A 1 141 ? -9.685  -4.792  6.322   1.00 26.85 ? 141 TRP A CE2   1 
ATOM   1110 C  CE3   . TRP A 1 141 ? -7.741  -5.135  4.913   1.00 23.78 ? 141 TRP A CE3   1 
ATOM   1111 C  CZ2   . TRP A 1 141 ? -9.353  -3.455  6.541   1.00 26.18 ? 141 TRP A CZ2   1 
ATOM   1112 C  CZ3   . TRP A 1 141 ? -7.412  -3.814  5.129   1.00 25.34 ? 141 TRP A CZ3   1 
ATOM   1113 C  CH2   . TRP A 1 141 ? -8.217  -2.984  5.940   1.00 25.59 ? 141 TRP A CH2   1 
ATOM   1114 N  N     . ASN A 1 142 ? -8.495  -11.477 5.043   1.00 33.99 ? 142 ASN A N     1 
ATOM   1115 C  CA    . ASN A 1 142 ? -7.834  -12.604 4.411   1.00 35.13 ? 142 ASN A CA    1 
ATOM   1116 C  C     . ASN A 1 142 ? -6.760  -12.018 3.506   1.00 34.13 ? 142 ASN A C     1 
ATOM   1117 O  O     . ASN A 1 142 ? -6.508  -12.513 2.410   1.00 35.32 ? 142 ASN A O     1 
ATOM   1118 C  CB    . ASN A 1 142 ? -8.843  -13.404 3.598   1.00 38.50 ? 142 ASN A CB    1 
ATOM   1119 C  CG    . ASN A 1 142 ? -8.464  -14.853 3.478   1.00 42.63 ? 142 ASN A CG    1 
ATOM   1120 O  OD1   . ASN A 1 142 ? -7.555  -15.217 2.721   1.00 43.99 ? 142 ASN A OD1   1 
ATOM   1121 N  ND2   . ASN A 1 142 ? -9.150  -15.702 4.241   1.00 44.29 ? 142 ASN A ND2   1 
ATOM   1122 N  N     . ALA A 1 143 ? -6.136  -10.947 3.988   1.00 31.52 ? 143 ALA A N     1 
ATOM   1123 C  CA    . ALA A 1 143 ? -5.104  -10.252 3.243   1.00 30.00 ? 143 ALA A CA    1 
ATOM   1124 C  C     . ALA A 1 143 ? -3.734  -10.389 3.897   1.00 29.91 ? 143 ALA A C     1 
ATOM   1125 O  O     . ALA A 1 143 ? -3.607  -10.886 5.018   1.00 30.18 ? 143 ALA A O     1 
ATOM   1126 C  CB    . ALA A 1 143 ? -5.477  -8.781  3.110   1.00 28.68 ? 143 ALA A CB    1 
ATOM   1127 N  N     . ALA A 1 144 ? -2.707  -9.949  3.175   1.00 29.13 ? 144 ALA A N     1 
ATOM   1128 C  CA    . ALA A 1 144 ? -1.337  -10.008 3.658   1.00 27.18 ? 144 ALA A CA    1 
ATOM   1129 C  C     . ALA A 1 144 ? -1.079  -8.830  4.583   1.00 26.53 ? 144 ALA A C     1 
ATOM   1130 O  O     . ALA A 1 144 ? -1.689  -7.768  4.448   1.00 27.05 ? 144 ALA A O     1 
ATOM   1131 C  CB    . ALA A 1 144 ? -0.361  -9.981  2.482   1.00 25.93 ? 144 ALA A CB    1 
ATOM   1132 N  N     . PHE A 1 145 ? -0.171  -9.022  5.528   1.00 24.56 ? 145 PHE A N     1 
ATOM   1133 C  CA    . PHE A 1 145 ? 0.153   -7.972  6.470   1.00 22.69 ? 145 PHE A CA    1 
ATOM   1134 C  C     . PHE A 1 145 ? 1.654   -7.850  6.596   1.00 23.20 ? 145 PHE A C     1 
ATOM   1135 O  O     . PHE A 1 145 ? 2.376   -8.843  6.537   1.00 23.21 ? 145 PHE A O     1 
ATOM   1136 C  CB    . PHE A 1 145 ? -0.445  -8.276  7.841   1.00 20.84 ? 145 PHE A CB    1 
ATOM   1137 C  CG    . PHE A 1 145 ? -0.156  -7.227  8.860   1.00 19.57 ? 145 PHE A CG    1 
ATOM   1138 C  CD1   . PHE A 1 145 ? -0.651  -5.940  8.704   1.00 19.29 ? 145 PHE A CD1   1 
ATOM   1139 C  CD2   . PHE A 1 145 ? 0.627   -7.517  9.969   1.00 20.54 ? 145 PHE A CD2   1 
ATOM   1140 C  CE1   . PHE A 1 145 ? -0.375  -4.960  9.636   1.00 19.80 ? 145 PHE A CE1   1 
ATOM   1141 C  CE2   . PHE A 1 145 ? 0.913   -6.543  10.912  1.00 18.77 ? 145 PHE A CE2   1 
ATOM   1142 C  CZ    . PHE A 1 145 ? 0.412   -5.263  10.746  1.00 20.70 ? 145 PHE A CZ    1 
ATOM   1143 N  N     . LEU A 1 146 ? 2.107   -6.618  6.788   1.00 23.27 ? 146 LEU A N     1 
ATOM   1144 C  CA    . LEU A 1 146 ? 3.522   -6.319  6.921   1.00 20.58 ? 146 LEU A CA    1 
ATOM   1145 C  C     . LEU A 1 146 ? 3.626   -4.938  7.551   1.00 21.02 ? 146 LEU A C     1 
ATOM   1146 O  O     . LEU A 1 146 ? 2.785   -4.084  7.303   1.00 21.32 ? 146 LEU A O     1 
ATOM   1147 C  CB    . LEU A 1 146 ? 4.164   -6.311  5.531   1.00 16.92 ? 146 LEU A CB    1 
ATOM   1148 C  CG    . LEU A 1 146 ? 5.227   -7.356  5.182   1.00 16.58 ? 146 LEU A CG    1 
ATOM   1149 C  CD1   . LEU A 1 146 ? 4.826   -8.727  5.690   1.00 17.72 ? 146 LEU A CD1   1 
ATOM   1150 C  CD2   . LEU A 1 146 ? 5.425   -7.387  3.681   1.00 14.93 ? 146 LEU A CD2   1 
ATOM   1151 N  N     . GLU A 1 147 ? 4.616   -4.720  8.405   1.00 22.44 ? 147 GLU A N     1 
ATOM   1152 C  CA    . GLU A 1 147 ? 4.783   -3.389  8.971   1.00 24.78 ? 147 GLU A CA    1 
ATOM   1153 C  C     . GLU A 1 147 ? 5.971   -2.813  8.211   1.00 25.37 ? 147 GLU A C     1 
ATOM   1154 O  O     . GLU A 1 147 ? 6.707   -3.565  7.574   1.00 25.68 ? 147 GLU A O     1 
ATOM   1155 C  CB    . GLU A 1 147 ? 5.019   -3.450  10.485  1.00 25.10 ? 147 GLU A CB    1 
ATOM   1156 C  CG    . GLU A 1 147 ? 3.708   -3.634  11.253  1.00 29.18 ? 147 GLU A CG    1 
ATOM   1157 C  CD    . GLU A 1 147 ? 3.805   -3.340  12.745  1.00 31.31 ? 147 GLU A CD    1 
ATOM   1158 O  OE1   . GLU A 1 147 ? 2.742   -3.168  13.385  1.00 32.76 ? 147 GLU A OE1   1 
ATOM   1159 O  OE2   . GLU A 1 147 ? 4.929   -3.284  13.283  1.00 32.97 ? 147 GLU A OE2   1 
ATOM   1160 N  N     . SER A 1 148 ? 6.165   -1.499  8.242   1.00 25.65 ? 148 SER A N     1 
ATOM   1161 C  CA    . SER A 1 148 ? 7.274   -0.932  7.481   1.00 25.45 ? 148 SER A CA    1 
ATOM   1162 C  C     . SER A 1 148 ? 7.658   0.484   7.853   1.00 25.12 ? 148 SER A C     1 
ATOM   1163 O  O     . SER A 1 148 ? 6.906   1.199   8.516   1.00 24.25 ? 148 SER A O     1 
ATOM   1164 C  CB    . SER A 1 148 ? 6.930   -0.949  5.994   1.00 26.71 ? 148 SER A CB    1 
ATOM   1165 O  OG    . SER A 1 148 ? 5.844   -0.071  5.718   1.00 26.63 ? 148 SER A OG    1 
ATOM   1166 N  N     . SER A 1 149 ? 8.841   0.883   7.392   1.00 25.36 ? 149 SER A N     1 
ATOM   1167 C  CA    . SER A 1 149 ? 9.359   2.226   7.630   1.00 25.51 ? 149 SER A CA    1 
ATOM   1168 C  C     . SER A 1 149 ? 9.871   2.820   6.318   1.00 25.09 ? 149 SER A C     1 
ATOM   1169 O  O     . SER A 1 149 ? 10.715  2.226   5.639   1.00 24.65 ? 149 SER A O     1 
ATOM   1170 C  CB    . SER A 1 149 ? 10.492  2.198   8.654   1.00 25.43 ? 149 SER A CB    1 
ATOM   1171 O  OG    . SER A 1 149 ? 10.989  3.511   8.857   1.00 26.04 ? 149 SER A OG    1 
ATOM   1172 N  N     . ALA A 1 150 ? 9.354   3.991   5.962   1.00 24.01 ? 150 ALA A N     1 
ATOM   1173 C  CA    . ALA A 1 150 ? 9.755   4.650   4.734   1.00 24.63 ? 150 ALA A CA    1 
ATOM   1174 C  C     . ALA A 1 150 ? 11.221  5.083   4.790   1.00 27.08 ? 150 ALA A C     1 
ATOM   1175 O  O     . ALA A 1 150 ? 11.732  5.720   3.860   1.00 28.00 ? 150 ALA A O     1 
ATOM   1176 C  CB    . ALA A 1 150 ? 8.863   5.839   4.487   1.00 23.09 ? 150 ALA A CB    1 
ATOM   1177 N  N     . LYS A 1 151 ? 11.892  4.727   5.886   1.00 28.19 ? 151 LYS A N     1 
ATOM   1178 C  CA    . LYS A 1 151 ? 13.301  5.055   6.104   1.00 27.20 ? 151 LYS A CA    1 
ATOM   1179 C  C     . LYS A 1 151 ? 14.107  3.767   6.132   1.00 27.26 ? 151 LYS A C     1 
ATOM   1180 O  O     . LYS A 1 151 ? 15.325  3.783   6.285   1.00 28.90 ? 151 LYS A O     1 
ATOM   1181 C  CB    . LYS A 1 151 ? 13.482  5.790   7.438   1.00 26.10 ? 151 LYS A CB    1 
ATOM   1182 C  CG    . LYS A 1 151 ? 12.681  7.071   7.558   1.00 26.58 ? 151 LYS A CG    1 
ATOM   1183 C  CD    . LYS A 1 151 ? 12.845  7.738   8.923   1.00 27.64 ? 151 LYS A CD    1 
ATOM   1184 C  CE    . LYS A 1 151 ? 14.289  8.150   9.176   1.00 29.06 ? 151 LYS A CE    1 
ATOM   1185 N  NZ    . LYS A 1 151 ? 14.437  9.041   10.357  1.00 28.18 ? 151 LYS A NZ    1 
ATOM   1186 N  N     . GLU A 1 152 ? 13.420  2.646   5.990   1.00 27.29 ? 152 GLU A N     1 
ATOM   1187 C  CA    . GLU A 1 152 ? 14.083  1.361   6.005   1.00 28.32 ? 152 GLU A CA    1 
ATOM   1188 C  C     . GLU A 1 152 ? 13.829  0.647   4.690   1.00 29.25 ? 152 GLU A C     1 
ATOM   1189 O  O     . GLU A 1 152 ? 13.052  -0.302  4.613   1.00 30.44 ? 152 GLU A O     1 
ATOM   1190 C  CB    . GLU A 1 152 ? 13.576  0.529   7.180   1.00 30.59 ? 152 GLU A CB    1 
ATOM   1191 C  CG    . GLU A 1 152 ? 13.947  1.105   8.547   1.00 33.24 ? 152 GLU A CG    1 
ATOM   1192 C  CD    . GLU A 1 152 ? 13.537  0.198   9.689   1.00 34.30 ? 152 GLU A CD    1 
ATOM   1193 O  OE1   . GLU A 1 152 ? 13.655  -1.035  9.526   1.00 36.77 ? 152 GLU A OE1   1 
ATOM   1194 O  OE2   . GLU A 1 152 ? 13.111  0.709   10.747  1.00 33.53 ? 152 GLU A OE2   1 
ATOM   1195 N  N     . ASN A 1 153 ? 14.502  1.129   3.656   1.00 28.92 ? 153 ASN A N     1 
ATOM   1196 C  CA    . ASN A 1 153 ? 14.389  0.586   2.311   1.00 27.74 ? 153 ASN A CA    1 
ATOM   1197 C  C     . ASN A 1 153 ? 14.037  -0.889  2.194   1.00 28.38 ? 153 ASN A C     1 
ATOM   1198 O  O     . ASN A 1 153 ? 13.064  -1.236  1.536   1.00 30.63 ? 153 ASN A O     1 
ATOM   1199 C  CB    . ASN A 1 153 ? 15.681  0.845   1.543   1.00 25.43 ? 153 ASN A CB    1 
ATOM   1200 C  CG    . ASN A 1 153 ? 15.699  0.154   0.212   1.00 23.42 ? 153 ASN A CG    1 
ATOM   1201 O  OD1   . ASN A 1 153 ? 15.984  -1.036  0.125   1.00 21.39 ? 153 ASN A OD1   1 
ATOM   1202 N  ND2   . ASN A 1 153 ? 15.372  0.894   -0.842  1.00 24.48 ? 153 ASN A ND2   1 
ATOM   1203 N  N     . GLN A 1 154 ? 14.825  -1.759  2.814   1.00 29.14 ? 154 GLN A N     1 
ATOM   1204 C  CA    . GLN A 1 154 ? 14.572  -3.192  2.730   1.00 28.27 ? 154 GLN A CA    1 
ATOM   1205 C  C     . GLN A 1 154 ? 13.112  -3.547  2.975   1.00 26.31 ? 154 GLN A C     1 
ATOM   1206 O  O     . GLN A 1 154 ? 12.566  -4.423  2.305   1.00 25.31 ? 154 GLN A O     1 
ATOM   1207 C  CB    . GLN A 1 154 ? 15.460  -3.947  3.719   1.00 33.46 ? 154 GLN A CB    1 
ATOM   1208 C  CG    . GLN A 1 154 ? 15.284  -5.457  3.671   1.00 40.35 ? 154 GLN A CG    1 
ATOM   1209 C  CD    . GLN A 1 154 ? 15.329  -5.995  2.248   1.00 45.83 ? 154 GLN A CD    1 
ATOM   1210 O  OE1   . GLN A 1 154 ? 16.328  -5.834  1.539   1.00 49.31 ? 154 GLN A OE1   1 
ATOM   1211 N  NE2   . GLN A 1 154 ? 14.243  -6.638  1.822   1.00 47.50 ? 154 GLN A NE2   1 
ATOM   1212 N  N     . THR A 1 155 ? 12.480  -2.867  3.929   1.00 23.49 ? 155 THR A N     1 
ATOM   1213 C  CA    . THR A 1 155 ? 11.077  -3.128  4.246   1.00 20.65 ? 155 THR A CA    1 
ATOM   1214 C  C     . THR A 1 155 ? 10.157  -2.533  3.191   1.00 18.45 ? 155 THR A C     1 
ATOM   1215 O  O     . THR A 1 155 ? 9.101   -3.083  2.901   1.00 18.97 ? 155 THR A O     1 
ATOM   1216 C  CB    . THR A 1 155 ? 10.673  -2.545  5.618   1.00 21.23 ? 155 THR A CB    1 
ATOM   1217 O  OG1   . THR A 1 155 ? 10.633  -1.112  5.547   1.00 21.53 ? 155 THR A OG1   1 
ATOM   1218 C  CG2   . THR A 1 155 ? 11.659  -2.973  6.682   1.00 20.08 ? 155 THR A CG2   1 
ATOM   1219 N  N     . ALA A 1 156 ? 10.541  -1.398  2.627   1.00 16.66 ? 156 ALA A N     1 
ATOM   1220 C  CA    . ALA A 1 156 ? 9.720   -0.788  1.597   1.00 14.59 ? 156 ALA A CA    1 
ATOM   1221 C  C     . ALA A 1 156 ? 9.742   -1.712  0.389   1.00 14.88 ? 156 ALA A C     1 
ATOM   1222 O  O     . ALA A 1 156 ? 8.712   -1.923  -0.259  1.00 14.72 ? 156 ALA A O     1 
ATOM   1223 C  CB    . ALA A 1 156 ? 10.255  0.560   1.235   1.00 12.87 ? 156 ALA A CB    1 
ATOM   1224 N  N     . VAL A 1 157 ? 10.914  -2.277  0.097   1.00 14.16 ? 157 VAL A N     1 
ATOM   1225 C  CA    . VAL A 1 157 ? 11.055  -3.205  -1.027  1.00 15.55 ? 157 VAL A CA    1 
ATOM   1226 C  C     . VAL A 1 157 ? 10.243  -4.475  -0.772  1.00 16.22 ? 157 VAL A C     1 
ATOM   1227 O  O     . VAL A 1 157 ? 9.611   -5.014  -1.688  1.00 16.23 ? 157 VAL A O     1 
ATOM   1228 C  CB    . VAL A 1 157 ? 12.527  -3.606  -1.269  1.00 13.94 ? 157 VAL A CB    1 
ATOM   1229 C  CG1   . VAL A 1 157 ? 12.618  -4.534  -2.458  1.00 13.79 ? 157 VAL A CG1   1 
ATOM   1230 C  CG2   . VAL A 1 157 ? 13.360  -2.381  -1.522  1.00 13.64 ? 157 VAL A CG2   1 
ATOM   1231 N  N     . ASP A 1 158 ? 10.264  -4.946  0.474   1.00 17.15 ? 158 ASP A N     1 
ATOM   1232 C  CA    . ASP A 1 158 ? 9.512   -6.142  0.854   1.00 17.99 ? 158 ASP A CA    1 
ATOM   1233 C  C     . ASP A 1 158 ? 8.019   -5.930  0.603   1.00 17.18 ? 158 ASP A C     1 
ATOM   1234 O  O     . ASP A 1 158 ? 7.302   -6.869  0.256   1.00 17.99 ? 158 ASP A O     1 
ATOM   1235 C  CB    . ASP A 1 158 ? 9.731   -6.479  2.339   1.00 18.84 ? 158 ASP A CB    1 
ATOM   1236 C  CG    . ASP A 1 158 ? 11.099  -7.107  2.616   1.00 21.29 ? 158 ASP A CG    1 
ATOM   1237 O  OD1   . ASP A 1 158 ? 11.775  -7.552  1.658   1.00 21.83 ? 158 ASP A OD1   1 
ATOM   1238 O  OD2   . ASP A 1 158 ? 11.489  -7.172  3.804   1.00 21.32 ? 158 ASP A OD2   1 
ATOM   1239 N  N     . VAL A 1 159 ? 7.561   -4.694  0.777   1.00 15.97 ? 159 VAL A N     1 
ATOM   1240 C  CA    . VAL A 1 159 ? 6.157   -4.349  0.572   1.00 15.45 ? 159 VAL A CA    1 
ATOM   1241 C  C     . VAL A 1 159 ? 5.703   -4.581  -0.859  1.00 16.29 ? 159 VAL A C     1 
ATOM   1242 O  O     . VAL A 1 159 ? 4.713   -5.276  -1.100  1.00 15.21 ? 159 VAL A O     1 
ATOM   1243 C  CB    . VAL A 1 159 ? 5.874   -2.855  0.913   1.00 14.32 ? 159 VAL A CB    1 
ATOM   1244 C  CG1   . VAL A 1 159 ? 4.525   -2.437  0.340   1.00 10.47 ? 159 VAL A CG1   1 
ATOM   1245 C  CG2   . VAL A 1 159 ? 5.886   -2.646  2.420   1.00 12.56 ? 159 VAL A CG2   1 
ATOM   1246 N  N     . PHE A 1 160 ? 6.436   -3.989  -1.803  1.00 18.15 ? 160 PHE A N     1 
ATOM   1247 C  CA    . PHE A 1 160 ? 6.114   -4.083  -3.224  1.00 17.88 ? 160 PHE A CA    1 
ATOM   1248 C  C     . PHE A 1 160 ? 6.371   -5.446  -3.813  1.00 18.56 ? 160 PHE A C     1 
ATOM   1249 O  O     . PHE A 1 160 ? 5.752   -5.816  -4.806  1.00 18.70 ? 160 PHE A O     1 
ATOM   1250 C  CB    . PHE A 1 160 ? 6.853   -2.985  -3.985  1.00 17.51 ? 160 PHE A CB    1 
ATOM   1251 C  CG    . PHE A 1 160 ? 6.353   -1.608  -3.649  1.00 16.56 ? 160 PHE A CG    1 
ATOM   1252 C  CD1   . PHE A 1 160 ? 5.183   -1.124  -4.219  1.00 16.11 ? 160 PHE A CD1   1 
ATOM   1253 C  CD2   . PHE A 1 160 ? 6.978   -0.845  -2.672  1.00 15.60 ? 160 PHE A CD2   1 
ATOM   1254 C  CE1   . PHE A 1 160 ? 4.641   0.092   -3.813  1.00 15.19 ? 160 PHE A CE1   1 
ATOM   1255 C  CE2   . PHE A 1 160 ? 6.437   0.369   -2.263  1.00 15.29 ? 160 PHE A CE2   1 
ATOM   1256 C  CZ    . PHE A 1 160 ? 5.267   0.835   -2.835  1.00 13.07 ? 160 PHE A CZ    1 
ATOM   1257 N  N     . ARG A 1 161 ? 7.280   -6.194  -3.193  1.00 20.27 ? 161 ARG A N     1 
ATOM   1258 C  CA    . ARG A 1 161 ? 7.568   -7.555  -3.628  1.00 21.76 ? 161 ARG A CA    1 
ATOM   1259 C  C     . ARG A 1 161 ? 6.368   -8.408  -3.228  1.00 21.71 ? 161 ARG A C     1 
ATOM   1260 O  O     . ARG A 1 161 ? 5.803   -9.136  -4.041  1.00 21.73 ? 161 ARG A O     1 
ATOM   1261 C  CB    . ARG A 1 161 ? 8.812   -8.117  -2.929  1.00 22.54 ? 161 ARG A CB    1 
ATOM   1262 C  CG    . ARG A 1 161 ? 10.158  -7.611  -3.431  1.00 26.48 ? 161 ARG A CG    1 
ATOM   1263 C  CD    . ARG A 1 161 ? 11.122  -8.789  -3.662  1.00 30.06 ? 161 ARG A CD    1 
ATOM   1264 N  NE    . ARG A 1 161 ? 12.538  -8.406  -3.690  1.00 32.10 ? 161 ARG A NE    1 
ATOM   1265 C  CZ    . ARG A 1 161 ? 13.253  -8.090  -2.611  1.00 33.17 ? 161 ARG A CZ    1 
ATOM   1266 N  NH1   . ARG A 1 161 ? 12.694  -8.112  -1.406  1.00 32.92 ? 161 ARG A NH1   1 
ATOM   1267 N  NH2   . ARG A 1 161 ? 14.529  -7.743  -2.732  1.00 34.63 ? 161 ARG A NH2   1 
ATOM   1268 N  N     . ARG A 1 162 ? 5.977   -8.294  -1.962  1.00 22.08 ? 162 ARG A N     1 
ATOM   1269 C  CA    . ARG A 1 162 ? 4.867   -9.065  -1.415  1.00 23.78 ? 162 ARG A CA    1 
ATOM   1270 C  C     . ARG A 1 162 ? 3.553   -8.948  -2.174  1.00 23.97 ? 162 ARG A C     1 
ATOM   1271 O  O     . ARG A 1 162 ? 2.868   -9.953  -2.404  1.00 23.86 ? 162 ARG A O     1 
ATOM   1272 C  CB    . ARG A 1 162 ? 4.636   -8.686  0.048   1.00 24.21 ? 162 ARG A CB    1 
ATOM   1273 C  CG    . ARG A 1 162 ? 3.590   -9.539  0.753   1.00 25.02 ? 162 ARG A CG    1 
ATOM   1274 C  CD    . ARG A 1 162 ? 3.974   -11.026 0.781   1.00 27.17 ? 162 ARG A CD    1 
ATOM   1275 N  NE    . ARG A 1 162 ? 3.138   -11.785 1.715   1.00 27.76 ? 162 ARG A NE    1 
ATOM   1276 C  CZ    . ARG A 1 162 ? 3.265   -11.744 3.040   1.00 27.15 ? 162 ARG A CZ    1 
ATOM   1277 N  NH1   . ARG A 1 162 ? 4.204   -10.994 3.601   1.00 26.58 ? 162 ARG A NH1   1 
ATOM   1278 N  NH2   . ARG A 1 162 ? 2.428   -12.427 3.807   1.00 26.58 ? 162 ARG A NH2   1 
ATOM   1279 N  N     . ILE A 1 163 ? 3.180   -7.733  -2.557  1.00 23.61 ? 163 ILE A N     1 
ATOM   1280 C  CA    . ILE A 1 163 ? 1.926   -7.573  -3.271  1.00 23.28 ? 163 ILE A CA    1 
ATOM   1281 C  C     . ILE A 1 163 ? 1.921   -8.354  -4.586  1.00 24.23 ? 163 ILE A C     1 
ATOM   1282 O  O     . ILE A 1 163 ? 0.915   -8.970  -4.941  1.00 24.75 ? 163 ILE A O     1 
ATOM   1283 C  CB    . ILE A 1 163 ? 1.611   -6.093  -3.560  1.00 21.01 ? 163 ILE A CB    1 
ATOM   1284 C  CG1   . ILE A 1 163 ? 0.234   -5.993  -4.219  1.00 17.21 ? 163 ILE A CG1   1 
ATOM   1285 C  CG2   . ILE A 1 163 ? 2.700   -5.481  -4.429  1.00 21.37 ? 163 ILE A CG2   1 
ATOM   1286 C  CD1   . ILE A 1 163 ? -0.884  -6.532  -3.341  1.00 12.33 ? 163 ILE A CD1   1 
ATOM   1287 N  N     . ILE A 1 164 ? 3.047   -8.333  -5.297  1.00 24.02 ? 164 ILE A N     1 
ATOM   1288 C  CA    . ILE A 1 164 ? 3.173   -9.033  -6.573  1.00 23.88 ? 164 ILE A CA    1 
ATOM   1289 C  C     . ILE A 1 164 ? 3.164   -10.533 -6.338  1.00 26.44 ? 164 ILE A C     1 
ATOM   1290 O  O     . ILE A 1 164 ? 2.653   -11.306 -7.148  1.00 27.87 ? 164 ILE A O     1 
ATOM   1291 C  CB    . ILE A 1 164 ? 4.475   -8.647  -7.285  1.00 21.62 ? 164 ILE A CB    1 
ATOM   1292 C  CG1   . ILE A 1 164 ? 4.396   -7.186  -7.742  1.00 19.36 ? 164 ILE A CG1   1 
ATOM   1293 C  CG2   . ILE A 1 164 ? 4.731   -9.596  -8.442  1.00 19.48 ? 164 ILE A CG2   1 
ATOM   1294 C  CD1   . ILE A 1 164 ? 5.717   -6.597  -8.141  1.00 17.12 ? 164 ILE A CD1   1 
ATOM   1295 N  N     . LEU A 1 165 ? 3.752   -10.939 -5.222  1.00 28.02 ? 165 LEU A N     1 
ATOM   1296 C  CA    . LEU A 1 165 ? 3.800   -12.344 -4.850  1.00 29.95 ? 165 LEU A CA    1 
ATOM   1297 C  C     . LEU A 1 165 ? 2.354   -12.735 -4.648  1.00 30.83 ? 165 LEU A C     1 
ATOM   1298 O  O     . LEU A 1 165 ? 1.886   -13.766 -5.132  1.00 30.81 ? 165 LEU A O     1 
ATOM   1299 C  CB    . LEU A 1 165 ? 4.552   -12.502 -3.529  1.00 29.77 ? 165 LEU A CB    1 
ATOM   1300 C  CG    . LEU A 1 165 ? 5.754   -13.436 -3.478  1.00 28.78 ? 165 LEU A CG    1 
ATOM   1301 C  CD1   . LEU A 1 165 ? 6.518   -13.181 -2.193  1.00 28.42 ? 165 LEU A CD1   1 
ATOM   1302 C  CD2   . LEU A 1 165 ? 5.287   -14.878 -3.584  1.00 28.96 ? 165 LEU A CD2   1 
ATOM   1303 N  N     . GLU A 1 166 ? 1.659   -11.873 -3.917  1.00 32.55 ? 166 GLU A N     1 
ATOM   1304 C  CA    . GLU A 1 166 ? 0.258   -12.060 -3.598  1.00 33.47 ? 166 GLU A CA    1 
ATOM   1305 C  C     . GLU A 1 166 ? -0.618  -12.048 -4.852  1.00 34.33 ? 166 GLU A C     1 
ATOM   1306 O  O     . GLU A 1 166 ? -1.651  -12.715 -4.900  1.00 35.30 ? 166 GLU A O     1 
ATOM   1307 C  CB    . GLU A 1 166 ? -0.177  -10.968 -2.616  1.00 31.62 ? 166 GLU A CB    1 
ATOM   1308 C  CG    . GLU A 1 166 ? -0.598  -11.480 -1.252  1.00 31.08 ? 166 GLU A CG    1 
ATOM   1309 C  CD    . GLU A 1 166 ? 0.139   -12.742 -0.845  1.00 31.70 ? 166 GLU A CD    1 
ATOM   1310 O  OE1   . GLU A 1 166 ? -0.120  -13.795 -1.461  1.00 32.70 ? 166 GLU A OE1   1 
ATOM   1311 O  OE2   . GLU A 1 166 ? 0.976   -12.691 0.083   1.00 31.31 ? 166 GLU A OE2   1 
ATOM   1312 N  N     . ALA A 1 167 ? -0.190  -11.305 -5.868  1.00 34.99 ? 167 ALA A N     1 
ATOM   1313 C  CA    . ALA A 1 167 ? -0.943  -11.200 -7.112  1.00 35.76 ? 167 ALA A CA    1 
ATOM   1314 C  C     . ALA A 1 167 ? -0.758  -12.399 -8.026  1.00 36.76 ? 167 ALA A C     1 
ATOM   1315 O  O     . ALA A 1 167 ? -1.739  -13.010 -8.444  1.00 36.21 ? 167 ALA A O     1 
ATOM   1316 C  CB    . ALA A 1 167 ? -0.556  -9.924  -7.847  1.00 36.33 ? 167 ALA A CB    1 
ATOM   1317 N  N     . GLU A 1 168 ? 0.491   -12.732 -8.345  1.00 38.43 ? 168 GLU A N     1 
ATOM   1318 C  CA    . GLU A 1 168 ? 0.775   -13.876 -9.212  1.00 41.27 ? 168 GLU A CA    1 
ATOM   1319 C  C     . GLU A 1 168 ? 0.211   -15.160 -8.611  1.00 40.55 ? 168 GLU A C     1 
ATOM   1320 O  O     . GLU A 1 168 ? 0.256   -16.227 -9.223  1.00 40.71 ? 168 GLU A O     1 
ATOM   1321 C  CB    . GLU A 1 168 ? 2.282   -14.042 -9.417  1.00 44.07 ? 168 GLU A CB    1 
ATOM   1322 C  CG    . GLU A 1 168 ? 3.059   -14.280 -8.138  1.00 50.17 ? 168 GLU A CG    1 
ATOM   1323 C  CD    . GLU A 1 168 ? 4.515   -14.640 -8.390  1.00 54.10 ? 168 GLU A CD    1 
ATOM   1324 O  OE1   . GLU A 1 168 ? 5.220   -13.872 -9.090  1.00 54.95 ? 168 GLU A OE1   1 
ATOM   1325 O  OE2   . GLU A 1 168 ? 4.957   -15.695 -7.879  1.00 56.25 ? 168 GLU A OE2   1 
ATOM   1326 N  N     . LYS A 1 169 ? -0.330  -15.041 -7.408  1.00 39.63 ? 169 LYS A N     1 
ATOM   1327 C  CA    . LYS A 1 169 ? -0.886  -16.176 -6.704  1.00 39.33 ? 169 LYS A CA    1 
ATOM   1328 C  C     . LYS A 1 169 ? -2.346  -16.378 -7.091  1.00 41.49 ? 169 LYS A C     1 
ATOM   1329 O  O     . LYS A 1 169 ? -2.816  -17.510 -7.178  1.00 42.55 ? 169 LYS A O     1 
ATOM   1330 C  CB    . LYS A 1 169 ? -0.743  -15.949 -5.198  1.00 36.56 ? 169 LYS A CB    1 
ATOM   1331 C  CG    . LYS A 1 169 ? -0.546  -17.211 -4.406  1.00 32.47 ? 169 LYS A CG    1 
ATOM   1332 C  CD    . LYS A 1 169 ? -0.225  -16.928 -2.944  1.00 29.96 ? 169 LYS A CD    1 
ATOM   1333 C  CE    . LYS A 1 169 ? 1.230   -16.556 -2.727  1.00 27.23 ? 169 LYS A CE    1 
ATOM   1334 N  NZ    . LYS A 1 169 ? 1.557   -16.474 -1.272  1.00 22.42 ? 169 LYS A NZ    1 
ATOM   1335 N  N     . LEU A 1 170 ? -3.058  -15.279 -7.331  1.00 44.49 ? 170 LEU A N     1 
ATOM   1336 C  CA    . LEU A 1 170 ? -4.468  -15.340 -7.725  1.00 47.16 ? 170 LEU A CA    1 
ATOM   1337 C  C     . LEU A 1 170 ? -4.642  -15.534 -9.227  1.00 49.75 ? 170 LEU A C     1 
ATOM   1338 O  O     . LEU A 1 170 ? -5.726  -15.891 -9.690  1.00 50.01 ? 170 LEU A O     1 
ATOM   1339 C  CB    . LEU A 1 170 ? -5.218  -14.067 -7.307  1.00 46.33 ? 170 LEU A CB    1 
ATOM   1340 C  CG    . LEU A 1 170 ? -5.774  -13.980 -5.885  1.00 45.47 ? 170 LEU A CG    1 
ATOM   1341 C  CD1   . LEU A 1 170 ? -4.632  -13.980 -4.880  1.00 47.46 ? 170 LEU A CD1   1 
ATOM   1342 C  CD2   . LEU A 1 170 ? -6.601  -12.718 -5.744  1.00 43.97 ? 170 LEU A CD2   1 
ATOM   1343 N  N     . GLU A 1 171 ? -3.580  -15.291 -9.990  1.00 52.52 ? 171 GLU A N     1 
ATOM   1344 C  CA    . GLU A 1 171 ? -3.647  -15.457 -11.439 1.00 55.28 ? 171 GLU A CA    1 
ATOM   1345 C  C     . GLU A 1 171 ? -3.252  -16.878 -11.865 1.00 57.11 ? 171 GLU A C     1 
ATOM   1346 O  O     . GLU A 1 171 ? -2.824  -17.667 -10.987 1.00 58.56 ? 171 GLU A O     1 
ATOM   1347 C  CB    . GLU A 1 171 ? -2.741  -14.433 -12.132 1.00 54.83 ? 171 GLU A CB    1 
ATOM   1348 C  CG    . GLU A 1 171 ? -1.258  -14.678 -11.946 1.00 54.66 ? 171 GLU A CG    1 
ATOM   1349 C  CD    . GLU A 1 171 ? -0.410  -13.669 -12.693 1.00 55.63 ? 171 GLU A CD    1 
ATOM   1350 O  OE1   . GLU A 1 171 ? -0.399  -12.481 -12.298 1.00 56.65 ? 171 GLU A OE1   1 
ATOM   1351 O  OE2   . GLU A 1 171 ? 0.241   -14.065 -13.683 1.00 55.21 ? 171 GLU A OE2   1 
HETATM 1352 MG MG    . MG  B 2 .   ? 1.137   11.279  -1.002  1.00 30.94 ? 178 MG  A MG    1 
HETATM 1353 P  PG    . GNP C 3 .   ? -0.704  12.601  1.774   1.00 33.73 ? 179 GNP A PG    1 
HETATM 1354 O  O1G   . GNP C 3 .   ? -1.159  13.941  2.194   1.00 35.06 ? 179 GNP A O1G   1 
HETATM 1355 O  O2G   . GNP C 3 .   ? -0.354  12.630  0.383   1.00 35.96 ? 179 GNP A O2G   1 
HETATM 1356 O  O3G   . GNP C 3 .   ? -1.849  11.593  1.820   1.00 34.56 ? 179 GNP A O3G   1 
HETATM 1357 N  N3B   . GNP C 3 .   ? 0.445   12.057  2.753   1.00 32.34 ? 179 GNP A N3B   1 
HETATM 1358 P  PB    . GNP C 3 .   ? 1.186   10.604  2.606   1.00 30.24 ? 179 GNP A PB    1 
HETATM 1359 O  O1B   . GNP C 3 .   ? 0.296   9.532   3.040   1.00 29.53 ? 179 GNP A O1B   1 
HETATM 1360 O  O2B   . GNP C 3 .   ? 1.779   10.350  1.312   1.00 28.19 ? 179 GNP A O2B   1 
HETATM 1361 O  O3A   . GNP C 3 .   ? 2.416   10.723  3.628   1.00 31.29 ? 179 GNP A O3A   1 
HETATM 1362 P  PA    . GNP C 3 .   ? 3.970   11.160  3.305   1.00 32.57 ? 179 GNP A PA    1 
HETATM 1363 O  O1A   . GNP C 3 .   ? 4.643   10.081  2.529   1.00 33.69 ? 179 GNP A O1A   1 
HETATM 1364 O  O2A   . GNP C 3 .   ? 4.007   12.525  2.760   1.00 33.92 ? 179 GNP A O2A   1 
HETATM 1365 O  "O5'" . GNP C 3 .   ? 4.582   11.107  4.783   1.00 32.85 ? 179 GNP A "O5'" 1 
HETATM 1366 C  "C5'" . GNP C 3 .   ? 4.101   12.070  5.778   1.00 30.76 ? 179 GNP A "C5'" 1 
HETATM 1367 C  "C4'" . GNP C 3 .   ? 5.192   12.404  6.805   1.00 28.74 ? 179 GNP A "C4'" 1 
HETATM 1368 O  "O4'" . GNP C 3 .   ? 5.476   11.219  7.600   1.00 29.08 ? 179 GNP A "O4'" 1 
HETATM 1369 C  "C3'" . GNP C 3 .   ? 6.535   12.856  6.168   1.00 28.13 ? 179 GNP A "C3'" 1 
HETATM 1370 O  "O3'" . GNP C 3 .   ? 7.067   13.988  6.885   1.00 29.15 ? 179 GNP A "O3'" 1 
HETATM 1371 C  "C2'" . GNP C 3 .   ? 7.370   11.590  6.263   1.00 28.91 ? 179 GNP A "C2'" 1 
HETATM 1372 O  "O2'" . GNP C 3 .   ? 8.770   11.834  6.371   1.00 28.16 ? 179 GNP A "O2'" 1 
HETATM 1373 C  "C1'" . GNP C 3 .   ? 6.863   10.886  7.512   1.00 29.43 ? 179 GNP A "C1'" 1 
HETATM 1374 N  N9    . GNP C 3 .   ? 7.038   9.411   7.389   1.00 30.17 ? 179 GNP A N9    1 
HETATM 1375 C  C8    . GNP C 3 .   ? 6.522   8.532   6.434   1.00 29.00 ? 179 GNP A C8    1 
HETATM 1376 N  N7    . GNP C 3 .   ? 6.858   7.293   6.589   1.00 26.82 ? 179 GNP A N7    1 
HETATM 1377 C  C5    . GNP C 3 .   ? 7.672   7.309   7.738   1.00 28.03 ? 179 GNP A C5    1 
HETATM 1378 C  C6    . GNP C 3 .   ? 8.366   6.238   8.435   1.00 28.51 ? 179 GNP A C6    1 
HETATM 1379 O  O6    . GNP C 3 .   ? 8.400   5.031   8.169   1.00 29.32 ? 179 GNP A O6    1 
HETATM 1380 N  N1    . GNP C 3 .   ? 9.076   6.700   9.549   1.00 29.23 ? 179 GNP A N1    1 
HETATM 1381 C  C2    . GNP C 3 .   ? 9.145   8.018   9.988   1.00 28.65 ? 179 GNP A C2    1 
HETATM 1382 N  N2    . GNP C 3 .   ? 9.885   8.275   11.086  1.00 28.27 ? 179 GNP A N2    1 
HETATM 1383 N  N3    . GNP C 3 .   ? 8.500   9.025   9.346   1.00 28.90 ? 179 GNP A N3    1 
HETATM 1384 C  C4    . GNP C 3 .   ? 7.785   8.612   8.236   1.00 29.21 ? 179 GNP A C4    1 
HETATM 1385 C  C1    . GOL D 4 .   ? -8.747  10.459  -3.873  1.00 51.01 ? 180 GOL A C1    1 
HETATM 1386 O  O1    . GOL D 4 .   ? -7.662  9.927   -3.066  1.00 51.95 ? 180 GOL A O1    1 
HETATM 1387 C  C2    . GOL D 4 .   ? -9.506  11.585  -3.100  1.00 50.69 ? 180 GOL A C2    1 
HETATM 1388 O  O2    . GOL D 4 .   ? -10.886 11.283  -2.966  1.00 49.31 ? 180 GOL A O2    1 
HETATM 1389 C  C3    . GOL D 4 .   ? -8.881  11.815  -1.712  1.00 49.88 ? 180 GOL A C3    1 
HETATM 1390 O  O3    . GOL D 4 .   ? -9.482  12.864  -0.961  1.00 47.90 ? 180 GOL A O3    1 
HETATM 1391 O  O     . HOH E 5 .   ? -0.033  9.404   -1.325  1.00 25.97 ? 181 HOH A O     1 
HETATM 1392 O  O     . HOH E 5 .   ? 2.812   12.855  0.034   1.00 27.90 ? 182 HOH A O     1 
HETATM 1393 O  O     . HOH E 5 .   ? -7.834  18.532  4.380   1.00 25.51 ? 183 HOH A O     1 
HETATM 1394 O  O     . HOH E 5 .   ? 0.893   14.682  -6.779  1.00 15.59 ? 184 HOH A O     1 
HETATM 1395 O  O     . HOH E 5 .   ? -4.959  4.932   6.489   1.00 8.43  ? 185 HOH A O     1 
HETATM 1396 O  O     . HOH E 5 .   ? -3.156  13.846  0.548   1.00 21.68 ? 186 HOH A O     1 
HETATM 1397 O  O     . HOH E 5 .   ? 2.805   -11.722 6.312   1.00 20.03 ? 187 HOH A O     1 
HETATM 1398 O  O     . HOH E 5 .   ? 3.770   14.316  -2.998  1.00 22.10 ? 188 HOH A O     1 
HETATM 1399 O  O     . HOH E 5 .   ? -5.502  7.060   -0.803  1.00 25.15 ? 189 HOH A O     1 
HETATM 1400 O  O     . HOH E 5 .   ? -5.484  10.885  -5.792  1.00 6.35  ? 190 HOH A O     1 
HETATM 1401 O  O     . HOH E 5 .   ? -3.707  -10.910 0.194   1.00 33.90 ? 191 HOH A O     1 
HETATM 1402 O  O     . HOH E 5 .   ? 15.528  -0.188  -3.708  1.00 18.80 ? 192 HOH A O     1 
HETATM 1403 O  O     . HOH E 5 .   ? 0.643   -1.774  -15.829 1.00 28.51 ? 193 HOH A O     1 
HETATM 1404 O  O     . HOH E 5 .   ? -10.259 -3.579  -13.068 1.00 13.56 ? 194 HOH A O     1 
HETATM 1405 O  O     . HOH E 5 .   ? 8.264   20.435  0.503   1.00 27.79 ? 195 HOH A O     1 
HETATM 1406 O  O     . HOH E 5 .   ? 6.736   -10.849 3.238   1.00 15.63 ? 196 HOH A O     1 
HETATM 1407 O  O     . HOH E 5 .   ? 11.214  8.616   0.641   1.00 30.55 ? 197 HOH A O     1 
HETATM 1408 O  O     . HOH E 5 .   ? -3.548  11.586  12.803  1.00 18.81 ? 198 HOH A O     1 
HETATM 1409 O  O     . HOH E 5 .   ? 0.794   8.877   18.901  1.00 44.98 ? 199 HOH A O     1 
HETATM 1410 O  O     . HOH E 5 .   ? -3.318  -1.384  21.300  1.00 23.99 ? 200 HOH A O     1 
HETATM 1411 O  O     . HOH E 5 .   ? -13.174 -3.064  6.086   1.00 40.11 ? 201 HOH A O     1 
HETATM 1412 O  O     . HOH E 5 .   ? -7.685  -6.146  14.819  1.00 6.26  ? 202 HOH A O     1 
HETATM 1413 O  O     . HOH E 5 .   ? -6.821  11.915  -10.245 1.00 23.32 ? 203 HOH A O     1 
HETATM 1414 O  O     . HOH E 5 .   ? 1.153   19.370  -4.072  1.00 16.51 ? 204 HOH A O     1 
HETATM 1415 O  O     . HOH E 5 .   ? 14.978  -6.020  -9.500  1.00 21.15 ? 205 HOH A O     1 
HETATM 1416 O  O     . HOH E 5 .   ? -16.218 0.533   -11.205 1.00 29.53 ? 206 HOH A O     1 
HETATM 1417 O  O     . HOH E 5 .   ? 0.874   -14.160 -16.213 1.00 30.60 ? 207 HOH A O     1 
HETATM 1418 O  O     . HOH E 5 .   ? -16.972 6.591   -2.335  1.00 28.09 ? 208 HOH A O     1 
HETATM 1419 O  O     . HOH E 5 .   ? -9.921  -7.220  13.034  1.00 21.15 ? 209 HOH A O     1 
HETATM 1420 O  O     . HOH E 5 .   ? -8.824  -15.805 0.599   1.00 33.28 ? 210 HOH A O     1 
HETATM 1421 O  O     . HOH E 5 .   ? 17.193  -3.310  0.537   1.00 31.77 ? 211 HOH A O     1 
HETATM 1422 O  O     . HOH E 5 .   ? -9.057  -3.267  -10.271 1.00 20.51 ? 212 HOH A O     1 
HETATM 1423 O  O     . HOH E 5 .   ? -6.908  0.783   18.049  1.00 35.82 ? 213 HOH A O     1 
HETATM 1424 O  O     . HOH E 5 .   ? 6.166   1.112   20.648  1.00 24.44 ? 214 HOH A O     1 
HETATM 1425 O  O     . HOH E 5 .   ? 6.761   1.442   16.511  1.00 37.01 ? 215 HOH A O     1 
HETATM 1426 O  O     . HOH E 5 .   ? 5.590   -1.086  -18.288 1.00 33.98 ? 216 HOH A O     1 
HETATM 1427 O  O     . HOH E 5 .   ? -10.296 14.892  -4.634  1.00 32.67 ? 217 HOH A O     1 
HETATM 1428 O  O     . HOH E 5 .   ? -7.482  15.162  -2.276  1.00 32.91 ? 218 HOH A O     1 
HETATM 1429 O  O     . HOH E 5 .   ? -10.557 13.684  8.802   1.00 21.44 ? 219 HOH A O     1 
HETATM 1430 O  O     . HOH E 5 .   ? 14.488  -4.983  -18.719 1.00 33.35 ? 220 HOH A O     1 
HETATM 1431 O  O     . HOH E 5 .   ? 12.129  -5.413  -20.409 1.00 14.46 ? 221 HOH A O     1 
HETATM 1432 O  O     . HOH E 5 .   ? 8.671   -9.320  -22.575 1.00 20.63 ? 222 HOH A O     1 
HETATM 1433 O  O     . HOH E 5 .   ? -0.403  16.033  9.499   1.00 24.97 ? 223 HOH A O     1 
HETATM 1434 O  O     . HOH E 5 .   ? -14.378 -1.370  -16.468 1.00 14.61 ? 224 HOH A O     1 
HETATM 1435 O  O     . HOH E 5 .   ? -4.896  8.731   16.515  1.00 26.40 ? 225 HOH A O     1 
HETATM 1436 O  O     . HOH E 5 .   ? -5.858  16.172  13.691  1.00 26.46 ? 226 HOH A O     1 
HETATM 1437 O  O     . HOH E 5 .   ? -7.718  13.288  14.732  1.00 24.98 ? 227 HOH A O     1 
HETATM 1438 O  O     . HOH E 5 .   ? -8.026  -9.753  -0.164  1.00 34.70 ? 228 HOH A O     1 
HETATM 1439 O  O     . HOH E 5 .   ? 12.925  -0.645  13.603  1.00 18.25 ? 229 HOH A O     1 
HETATM 1440 O  O     . HOH E 5 .   ? 12.131  -3.024  15.964  1.00 40.55 ? 230 HOH A O     1 
HETATM 1441 O  O     . HOH E 5 .   ? 7.653   13.792  17.717  1.00 35.26 ? 231 HOH A O     1 
HETATM 1442 O  O     . HOH E 5 .   ? 11.891  14.244  18.836  1.00 24.10 ? 232 HOH A O     1 
HETATM 1443 O  O     . HOH E 5 .   ? -6.165  -18.172 2.896   1.00 34.92 ? 233 HOH A O     1 
HETATM 1444 O  O     . HOH E 5 .   ? 2.440   -12.658 -11.911 1.00 31.02 ? 234 HOH A O     1 
HETATM 1445 O  O     . HOH E 5 .   ? -5.907  -10.886 -1.588  1.00 22.66 ? 235 HOH A O     1 
# 
loop_
_pdbx_poly_seq_scheme.asym_id 
_pdbx_poly_seq_scheme.entity_id 
_pdbx_poly_seq_scheme.seq_id 
_pdbx_poly_seq_scheme.mon_id 
_pdbx_poly_seq_scheme.ndb_seq_num 
_pdbx_poly_seq_scheme.pdb_seq_num 
_pdbx_poly_seq_scheme.auth_seq_num 
_pdbx_poly_seq_scheme.pdb_mon_id 
_pdbx_poly_seq_scheme.auth_mon_id 
_pdbx_poly_seq_scheme.pdb_strand_id 
_pdbx_poly_seq_scheme.pdb_ins_code 
_pdbx_poly_seq_scheme.hetero 
A 1 1   MET 1   1   ?   ?   ?   A . n 
A 1 2   PRO 2   2   2   PRO PRO A . n 
A 1 3   GLN 3   3   3   GLN GLN A . n 
A 1 4   SER 4   4   4   SER SER A . n 
A 1 5   LYS 5   5   5   LYS LYS A . n 
A 1 6   SER 6   6   6   SER SER A . n 
A 1 7   ARG 7   7   7   ARG ARG A . n 
A 1 8   LYS 8   8   8   LYS LYS A . n 
A 1 9   ILE 9   9   9   ILE ILE A . n 
A 1 10  ALA 10  10  10  ALA ALA A . n 
A 1 11  ILE 11  11  11  ILE ILE A . n 
A 1 12  LEU 12  12  12  LEU LEU A . n 
A 1 13  GLY 13  13  13  GLY GLY A . n 
A 1 14  TYR 14  14  14  TYR TYR A . n 
A 1 15  ARG 15  15  15  ARG ARG A . n 
A 1 16  SER 16  16  16  SER SER A . n 
A 1 17  VAL 17  17  17  VAL VAL A . n 
A 1 18  GLY 18  18  18  GLY GLY A . n 
A 1 19  LYS 19  19  19  LYS LYS A . n 
A 1 20  SER 20  20  20  SER SER A . n 
A 1 21  SER 21  21  21  SER SER A . n 
A 1 22  LEU 22  22  22  LEU LEU A . n 
A 1 23  THR 23  23  23  THR THR A . n 
A 1 24  ILE 24  24  24  ILE ILE A . n 
A 1 25  GLN 25  25  25  GLN GLN A . n 
A 1 26  PHE 26  26  26  PHE PHE A . n 
A 1 27  VAL 27  27  27  VAL VAL A . n 
A 1 28  GLU 28  28  28  GLU GLU A . n 
A 1 29  GLY 29  29  29  GLY GLY A . n 
A 1 30  GLN 30  30  30  GLN GLN A . n 
A 1 31  PHE 31  31  31  PHE PHE A . n 
A 1 32  VAL 32  32  32  VAL VAL A . n 
A 1 33  ASP 33  33  33  ASP ASP A . n 
A 1 34  SER 34  34  34  SER SER A . n 
A 1 35  TYR 35  35  35  TYR TYR A . n 
A 1 36  ASP 36  36  36  ASP ASP A . n 
A 1 37  PRO 37  37  37  PRO PRO A . n 
A 1 38  THR 38  38  38  THR THR A . n 
A 1 39  ILE 39  39  39  ILE ILE A . n 
A 1 40  GLU 40  40  40  GLU GLU A . n 
A 1 41  ASN 41  41  41  ASN ASN A . n 
A 1 42  THR 42  42  42  THR THR A . n 
A 1 43  PHE 43  43  43  PHE PHE A . n 
A 1 44  THR 44  44  44  THR THR A . n 
A 1 45  LYS 45  45  45  LYS LYS A . n 
A 1 46  LEU 46  46  46  LEU LEU A . n 
A 1 47  ILE 47  47  47  ILE ILE A . n 
A 1 48  THR 48  48  48  THR THR A . n 
A 1 49  VAL 49  49  49  VAL VAL A . n 
A 1 50  ASN 50  50  50  ASN ASN A . n 
A 1 51  GLY 51  51  51  GLY GLY A . n 
A 1 52  GLN 52  52  52  GLN GLN A . n 
A 1 53  GLU 53  53  53  GLU GLU A . n 
A 1 54  TYR 54  54  54  TYR TYR A . n 
A 1 55  HIS 55  55  55  HIS HIS A . n 
A 1 56  LEU 56  56  56  LEU LEU A . n 
A 1 57  GLN 57  57  57  GLN GLN A . n 
A 1 58  LEU 58  58  58  LEU LEU A . n 
A 1 59  VAL 59  59  59  VAL VAL A . n 
A 1 60  ASP 60  60  60  ASP ASP A . n 
A 1 61  THR 61  61  61  THR THR A . n 
A 1 62  ALA 62  62  62  ALA ALA A . n 
A 1 63  GLY 63  63  63  GLY GLY A . n 
A 1 64  GLN 64  64  64  GLN GLN A . n 
A 1 65  ASP 65  65  65  ASP ASP A . n 
A 1 66  GLU 66  66  66  GLU GLU A . n 
A 1 67  TYR 67  67  67  TYR TYR A . n 
A 1 68  SER 68  68  68  SER SER A . n 
A 1 69  ILE 69  69  69  ILE ILE A . n 
A 1 70  PHE 70  70  70  PHE PHE A . n 
A 1 71  PRO 71  71  71  PRO PRO A . n 
A 1 72  GLN 72  72  72  GLN GLN A . n 
A 1 73  THR 73  73  73  THR THR A . n 
A 1 74  TYR 74  74  74  TYR TYR A . n 
A 1 75  SER 75  75  75  SER SER A . n 
A 1 76  ILE 76  76  76  ILE ILE A . n 
A 1 77  ASP 77  77  77  ASP ASP A . n 
A 1 78  ILE 78  78  78  ILE ILE A . n 
A 1 79  ASN 79  79  79  ASN ASN A . n 
A 1 80  GLY 80  80  80  GLY GLY A . n 
A 1 81  TYR 81  81  81  TYR TYR A . n 
A 1 82  ILE 82  82  82  ILE ILE A . n 
A 1 83  LEU 83  83  83  LEU LEU A . n 
A 1 84  VAL 84  84  84  VAL VAL A . n 
A 1 85  TYR 85  85  85  TYR TYR A . n 
A 1 86  SER 86  86  86  SER SER A . n 
A 1 87  VAL 87  87  87  VAL VAL A . n 
A 1 88  THR 88  88  88  THR THR A . n 
A 1 89  SER 89  89  89  SER SER A . n 
A 1 90  ILE 90  90  90  ILE ILE A . n 
A 1 91  LYS 91  91  91  LYS LYS A . n 
A 1 92  SER 92  92  92  SER SER A . n 
A 1 93  PHE 93  93  93  PHE PHE A . n 
A 1 94  GLU 94  94  94  GLU GLU A . n 
A 1 95  VAL 95  95  95  VAL VAL A . n 
A 1 96  ILE 96  96  96  ILE ILE A . n 
A 1 97  LYS 97  97  97  LYS LYS A . n 
A 1 98  VAL 98  98  98  VAL VAL A . n 
A 1 99  ILE 99  99  99  ILE ILE A . n 
A 1 100 HIS 100 100 100 HIS HIS A . n 
A 1 101 GLY 101 101 101 GLY GLY A . n 
A 1 102 LYS 102 102 102 LYS LYS A . n 
A 1 103 LEU 103 103 103 LEU LEU A . n 
A 1 104 LEU 104 104 104 LEU LEU A . n 
A 1 105 ASP 105 105 105 ASP ASP A . n 
A 1 106 MET 106 106 106 MET MET A . n 
A 1 107 VAL 107 107 107 VAL VAL A . n 
A 1 108 GLY 108 108 108 GLY GLY A . n 
A 1 109 LYS 109 109 109 LYS LYS A . n 
A 1 110 VAL 110 110 110 VAL VAL A . n 
A 1 111 GLN 111 111 111 GLN GLN A . n 
A 1 112 ILE 112 112 112 ILE ILE A . n 
A 1 113 PRO 113 113 113 PRO PRO A . n 
A 1 114 ILE 114 114 114 ILE ILE A . n 
A 1 115 MET 115 115 115 MET MET A . n 
A 1 116 LEU 116 116 116 LEU LEU A . n 
A 1 117 VAL 117 117 117 VAL VAL A . n 
A 1 118 GLY 118 118 118 GLY GLY A . n 
A 1 119 ASN 119 119 119 ASN ASN A . n 
A 1 120 LYS 120 120 120 LYS LYS A . n 
A 1 121 LYS 121 121 121 LYS LYS A . n 
A 1 122 ASP 122 122 122 ASP ASP A . n 
A 1 123 LEU 123 123 123 LEU LEU A . n 
A 1 124 HIS 124 124 124 HIS HIS A . n 
A 1 125 MET 125 125 125 MET MET A . n 
A 1 126 GLU 126 126 126 GLU GLU A . n 
A 1 127 ARG 127 127 127 ARG ARG A . n 
A 1 128 VAL 128 128 128 VAL VAL A . n 
A 1 129 ILE 129 129 129 ILE ILE A . n 
A 1 130 SER 130 130 130 SER SER A . n 
A 1 131 TYR 131 131 131 TYR TYR A . n 
A 1 132 GLU 132 132 132 GLU GLU A . n 
A 1 133 GLU 133 133 133 GLU GLU A . n 
A 1 134 GLY 134 134 134 GLY GLY A . n 
A 1 135 LYS 135 135 135 LYS LYS A . n 
A 1 136 ALA 136 136 136 ALA ALA A . n 
A 1 137 LEU 137 137 137 LEU LEU A . n 
A 1 138 ALA 138 138 138 ALA ALA A . n 
A 1 139 GLU 139 139 139 GLU GLU A . n 
A 1 140 SER 140 140 140 SER SER A . n 
A 1 141 TRP 141 141 141 TRP TRP A . n 
A 1 142 ASN 142 142 142 ASN ASN A . n 
A 1 143 ALA 143 143 143 ALA ALA A . n 
A 1 144 ALA 144 144 144 ALA ALA A . n 
A 1 145 PHE 145 145 145 PHE PHE A . n 
A 1 146 LEU 146 146 146 LEU LEU A . n 
A 1 147 GLU 147 147 147 GLU GLU A . n 
A 1 148 SER 148 148 148 SER SER A . n 
A 1 149 SER 149 149 149 SER SER A . n 
A 1 150 ALA 150 150 150 ALA ALA A . n 
A 1 151 LYS 151 151 151 LYS LYS A . n 
A 1 152 GLU 152 152 152 GLU GLU A . n 
A 1 153 ASN 153 153 153 ASN ASN A . n 
A 1 154 GLN 154 154 154 GLN GLN A . n 
A 1 155 THR 155 155 155 THR THR A . n 
A 1 156 ALA 156 156 156 ALA ALA A . n 
A 1 157 VAL 157 157 157 VAL VAL A . n 
A 1 158 ASP 158 158 158 ASP ASP A . n 
A 1 159 VAL 159 159 159 VAL VAL A . n 
A 1 160 PHE 160 160 160 PHE PHE A . n 
A 1 161 ARG 161 161 161 ARG ARG A . n 
A 1 162 ARG 162 162 162 ARG ARG A . n 
A 1 163 ILE 163 163 163 ILE ILE A . n 
A 1 164 ILE 164 164 164 ILE ILE A . n 
A 1 165 LEU 165 165 165 LEU LEU A . n 
A 1 166 GLU 166 166 166 GLU GLU A . n 
A 1 167 ALA 167 167 167 ALA ALA A . n 
A 1 168 GLU 168 168 168 GLU GLU A . n 
A 1 169 LYS 169 169 169 LYS LYS A . n 
A 1 170 LEU 170 170 170 LEU LEU A . n 
A 1 171 GLU 171 171 171 GLU GLU A . n 
A 1 172 HIS 172 172 ?   ?   ?   A . n 
A 1 173 HIS 173 173 ?   ?   ?   A . n 
A 1 174 HIS 174 174 ?   ?   ?   A . n 
A 1 175 HIS 175 175 ?   ?   ?   A . n 
A 1 176 HIS 176 176 ?   ?   ?   A . n 
A 1 177 HIS 177 177 ?   ?   ?   A . n 
# 
loop_
_pdbx_nonpoly_scheme.asym_id 
_pdbx_nonpoly_scheme.entity_id 
_pdbx_nonpoly_scheme.mon_id 
_pdbx_nonpoly_scheme.ndb_seq_num 
_pdbx_nonpoly_scheme.pdb_seq_num 
_pdbx_nonpoly_scheme.auth_seq_num 
_pdbx_nonpoly_scheme.pdb_mon_id 
_pdbx_nonpoly_scheme.auth_mon_id 
_pdbx_nonpoly_scheme.pdb_strand_id 
_pdbx_nonpoly_scheme.pdb_ins_code 
B 2 MG  1  178 2  MG  MG  A . 
C 3 GNP 1  179 1  GNP GNP A . 
D 4 GOL 1  180 1  GOL GOL A . 
E 5 HOH 1  181 2  HOH TIP A . 
E 5 HOH 2  182 3  HOH TIP A . 
E 5 HOH 3  183 4  HOH TIP A . 
E 5 HOH 4  184 5  HOH TIP A . 
E 5 HOH 5  185 6  HOH TIP A . 
E 5 HOH 6  186 7  HOH TIP A . 
E 5 HOH 7  187 8  HOH TIP A . 
E 5 HOH 8  188 9  HOH TIP A . 
E 5 HOH 9  189 10 HOH TIP A . 
E 5 HOH 10 190 11 HOH TIP A . 
E 5 HOH 11 191 12 HOH TIP A . 
E 5 HOH 12 192 13 HOH TIP A . 
E 5 HOH 13 193 14 HOH TIP A . 
E 5 HOH 14 194 15 HOH TIP A . 
E 5 HOH 15 195 16 HOH TIP A . 
E 5 HOH 16 196 17 HOH TIP A . 
E 5 HOH 17 197 18 HOH TIP A . 
E 5 HOH 18 198 19 HOH TIP A . 
E 5 HOH 19 199 20 HOH TIP A . 
E 5 HOH 20 200 21 HOH TIP A . 
E 5 HOH 21 201 22 HOH TIP A . 
E 5 HOH 22 202 23 HOH TIP A . 
E 5 HOH 23 203 24 HOH TIP A . 
E 5 HOH 24 204 25 HOH TIP A . 
E 5 HOH 25 205 26 HOH TIP A . 
E 5 HOH 26 206 27 HOH TIP A . 
E 5 HOH 27 207 28 HOH TIP A . 
E 5 HOH 28 208 29 HOH TIP A . 
E 5 HOH 29 209 30 HOH TIP A . 
E 5 HOH 30 210 31 HOH TIP A . 
E 5 HOH 31 211 32 HOH TIP A . 
E 5 HOH 32 212 33 HOH TIP A . 
E 5 HOH 33 213 34 HOH TIP A . 
E 5 HOH 34 214 35 HOH TIP A . 
E 5 HOH 35 215 36 HOH TIP A . 
E 5 HOH 36 216 37 HOH TIP A . 
E 5 HOH 37 217 38 HOH TIP A . 
E 5 HOH 38 218 39 HOH TIP A . 
E 5 HOH 39 219 40 HOH TIP A . 
E 5 HOH 40 220 41 HOH TIP A . 
E 5 HOH 41 221 42 HOH TIP A . 
E 5 HOH 42 222 43 HOH TIP A . 
E 5 HOH 43 223 44 HOH TIP A . 
E 5 HOH 44 224 45 HOH TIP A . 
E 5 HOH 45 225 46 HOH TIP A . 
E 5 HOH 46 226 47 HOH TIP A . 
E 5 HOH 47 227 48 HOH TIP A . 
E 5 HOH 48 228 49 HOH TIP A . 
E 5 HOH 49 229 50 HOH TIP A . 
E 5 HOH 50 230 51 HOH TIP A . 
E 5 HOH 51 231 52 HOH TIP A . 
E 5 HOH 52 232 53 HOH TIP A . 
E 5 HOH 53 233 54 HOH TIP A . 
E 5 HOH 54 234 55 HOH TIP A . 
E 5 HOH 55 235 56 HOH TIP A . 
# 
_pdbx_struct_assembly.id                   1 
_pdbx_struct_assembly.details              author_defined_assembly 
_pdbx_struct_assembly.method_details       ? 
_pdbx_struct_assembly.oligomeric_details   monomeric 
_pdbx_struct_assembly.oligomeric_count     1 
# 
_pdbx_struct_assembly_gen.assembly_id       1 
_pdbx_struct_assembly_gen.oper_expression   1 
_pdbx_struct_assembly_gen.asym_id_list      A,B,C,D,E 
# 
_pdbx_struct_oper_list.id                   1 
_pdbx_struct_oper_list.type                 'identity operation' 
_pdbx_struct_oper_list.name                 1_555 
_pdbx_struct_oper_list.symmetry_operation   x,y,z 
_pdbx_struct_oper_list.matrix[1][1]         1.0000000000 
_pdbx_struct_oper_list.matrix[1][2]         0.0000000000 
_pdbx_struct_oper_list.matrix[1][3]         0.0000000000 
_pdbx_struct_oper_list.vector[1]            0.0000000000 
_pdbx_struct_oper_list.matrix[2][1]         0.0000000000 
_pdbx_struct_oper_list.matrix[2][2]         1.0000000000 
_pdbx_struct_oper_list.matrix[2][3]         0.0000000000 
_pdbx_struct_oper_list.vector[2]            0.0000000000 
_pdbx_struct_oper_list.matrix[3][1]         0.0000000000 
_pdbx_struct_oper_list.matrix[3][2]         0.0000000000 
_pdbx_struct_oper_list.matrix[3][3]         1.0000000000 
_pdbx_struct_oper_list.vector[3]            0.0000000000 
# 
loop_
_pdbx_struct_conn_angle.id 
_pdbx_struct_conn_angle.ptnr1_label_atom_id 
_pdbx_struct_conn_angle.ptnr1_label_alt_id 
_pdbx_struct_conn_angle.ptnr1_label_asym_id 
_pdbx_struct_conn_angle.ptnr1_label_comp_id 
_pdbx_struct_conn_angle.ptnr1_label_seq_id 
_pdbx_struct_conn_angle.ptnr1_auth_atom_id 
_pdbx_struct_conn_angle.ptnr1_auth_asym_id 
_pdbx_struct_conn_angle.ptnr1_auth_comp_id 
_pdbx_struct_conn_angle.ptnr1_auth_seq_id 
_pdbx_struct_conn_angle.ptnr1_PDB_ins_code 
_pdbx_struct_conn_angle.ptnr1_symmetry 
_pdbx_struct_conn_angle.ptnr2_label_atom_id 
_pdbx_struct_conn_angle.ptnr2_label_alt_id 
_pdbx_struct_conn_angle.ptnr2_label_asym_id 
_pdbx_struct_conn_angle.ptnr2_label_comp_id 
_pdbx_struct_conn_angle.ptnr2_label_seq_id 
_pdbx_struct_conn_angle.ptnr2_auth_atom_id 
_pdbx_struct_conn_angle.ptnr2_auth_asym_id 
_pdbx_struct_conn_angle.ptnr2_auth_comp_id 
_pdbx_struct_conn_angle.ptnr2_auth_seq_id 
_pdbx_struct_conn_angle.ptnr2_PDB_ins_code 
_pdbx_struct_conn_angle.ptnr2_symmetry 
_pdbx_struct_conn_angle.ptnr3_label_atom_id 
_pdbx_struct_conn_angle.ptnr3_label_alt_id 
_pdbx_struct_conn_angle.ptnr3_label_asym_id 
_pdbx_struct_conn_angle.ptnr3_label_comp_id 
_pdbx_struct_conn_angle.ptnr3_label_seq_id 
_pdbx_struct_conn_angle.ptnr3_auth_atom_id 
_pdbx_struct_conn_angle.ptnr3_auth_asym_id 
_pdbx_struct_conn_angle.ptnr3_auth_comp_id 
_pdbx_struct_conn_angle.ptnr3_auth_seq_id 
_pdbx_struct_conn_angle.ptnr3_PDB_ins_code 
_pdbx_struct_conn_angle.ptnr3_symmetry 
_pdbx_struct_conn_angle.value 
_pdbx_struct_conn_angle.value_esd 
1  OG  ? A SER 20 ? A SER 20  ? 1_555 MG ? B MG . ? A MG 178 ? 1_555 OG1 ? A THR 38 ? A THR 38  ? 1_555 85.0  ? 
2  OG  ? A SER 20 ? A SER 20  ? 1_555 MG ? B MG . ? A MG 178 ? 1_555 O2G ? C GNP .  ? A GNP 179 ? 1_555 149.2 ? 
3  OG1 ? A THR 38 ? A THR 38  ? 1_555 MG ? B MG . ? A MG 178 ? 1_555 O2G ? C GNP .  ? A GNP 179 ? 1_555 97.1  ? 
4  OG  ? A SER 20 ? A SER 20  ? 1_555 MG ? B MG . ? A MG 178 ? 1_555 O2B ? C GNP .  ? A GNP 179 ? 1_555 78.4  ? 
5  OG1 ? A THR 38 ? A THR 38  ? 1_555 MG ? B MG . ? A MG 178 ? 1_555 O2B ? C GNP .  ? A GNP 179 ? 1_555 140.7 ? 
6  O2G ? C GNP .  ? A GNP 179 ? 1_555 MG ? B MG . ? A MG 178 ? 1_555 O2B ? C GNP .  ? A GNP 179 ? 1_555 80.9  ? 
7  OG  ? A SER 20 ? A SER 20  ? 1_555 MG ? B MG . ? A MG 178 ? 1_555 O   ? E HOH .  ? A HOH 181 ? 1_555 98.6  ? 
8  OG1 ? A THR 38 ? A THR 38  ? 1_555 MG ? B MG . ? A MG 178 ? 1_555 O   ? E HOH .  ? A HOH 181 ? 1_555 130.3 ? 
9  O2G ? C GNP .  ? A GNP 179 ? 1_555 MG ? B MG . ? A MG 178 ? 1_555 O   ? E HOH .  ? A HOH 181 ? 1_555 103.1 ? 
10 O2B ? C GNP .  ? A GNP 179 ? 1_555 MG ? B MG . ? A MG 178 ? 1_555 O   ? E HOH .  ? A HOH 181 ? 1_555 87.6  ? 
11 OG  ? A SER 20 ? A SER 20  ? 1_555 MG ? B MG . ? A MG 178 ? 1_555 O   ? E HOH .  ? A HOH 182 ? 1_555 72.0  ? 
12 OG1 ? A THR 38 ? A THR 38  ? 1_555 MG ? B MG . ? A MG 178 ? 1_555 O   ? E HOH .  ? A HOH 182 ? 1_555 69.1  ? 
13 O2G ? C GNP .  ? A GNP 179 ? 1_555 MG ? B MG . ? A MG 178 ? 1_555 O   ? E HOH .  ? A HOH 182 ? 1_555 80.0  ? 
14 O2B ? C GNP .  ? A GNP 179 ? 1_555 MG ? B MG . ? A MG 178 ? 1_555 O   ? E HOH .  ? A HOH 182 ? 1_555 72.0  ? 
15 O   ? E HOH .  ? A HOH 181 ? 1_555 MG ? B MG . ? A MG 178 ? 1_555 O   ? E HOH .  ? A HOH 182 ? 1_555 158.7 ? 
# 
loop_
_pdbx_audit_revision_history.ordinal 
_pdbx_audit_revision_history.data_content_type 
_pdbx_audit_revision_history.major_revision 
_pdbx_audit_revision_history.minor_revision 
_pdbx_audit_revision_history.revision_date 
1 'Structure model' 1 0 2005-03-08 
2 'Structure model' 1 1 2008-04-30 
3 'Structure model' 1 2 2011-07-13 
4 'Structure model' 1 3 2017-10-11 
5 'Structure model' 1 4 2023-10-25 
# 
_pdbx_audit_revision_details.ordinal             1 
_pdbx_audit_revision_details.revision_ordinal    1 
_pdbx_audit_revision_details.data_content_type   'Structure model' 
_pdbx_audit_revision_details.provider            repository 
_pdbx_audit_revision_details.type                'Initial release' 
_pdbx_audit_revision_details.description         ? 
_pdbx_audit_revision_details.details             ? 
# 
loop_
_pdbx_audit_revision_group.ordinal 
_pdbx_audit_revision_group.revision_ordinal 
_pdbx_audit_revision_group.data_content_type 
_pdbx_audit_revision_group.group 
1 2 'Structure model' 'Version format compliance' 
2 3 'Structure model' 'Non-polymer description'   
3 3 'Structure model' 'Version format compliance' 
4 4 'Structure model' 'Refinement description'    
5 5 'Structure model' 'Data collection'           
6 5 'Structure model' 'Database references'       
7 5 'Structure model' 'Derived calculations'      
8 5 'Structure model' 'Refinement description'    
# 
loop_
_pdbx_audit_revision_category.ordinal 
_pdbx_audit_revision_category.revision_ordinal 
_pdbx_audit_revision_category.data_content_type 
_pdbx_audit_revision_category.category 
1 4 'Structure model' software                      
2 5 'Structure model' chem_comp_atom                
3 5 'Structure model' chem_comp_bond                
4 5 'Structure model' database_2                    
5 5 'Structure model' pdbx_initial_refinement_model 
6 5 'Structure model' pdbx_struct_conn_angle        
7 5 'Structure model' struct_conn                   
8 5 'Structure model' struct_ref_seq_dif            
9 5 'Structure model' struct_site                   
# 
loop_
_pdbx_audit_revision_item.ordinal 
_pdbx_audit_revision_item.revision_ordinal 
_pdbx_audit_revision_item.data_content_type 
_pdbx_audit_revision_item.item 
1  5 'Structure model' '_database_2.pdbx_DOI'                        
2  5 'Structure model' '_database_2.pdbx_database_accession'         
3  5 'Structure model' '_pdbx_struct_conn_angle.ptnr1_auth_comp_id'  
4  5 'Structure model' '_pdbx_struct_conn_angle.ptnr1_auth_seq_id'   
5  5 'Structure model' '_pdbx_struct_conn_angle.ptnr1_label_asym_id' 
6  5 'Structure model' '_pdbx_struct_conn_angle.ptnr1_label_atom_id' 
7  5 'Structure model' '_pdbx_struct_conn_angle.ptnr1_label_comp_id' 
8  5 'Structure model' '_pdbx_struct_conn_angle.ptnr1_label_seq_id'  
9  5 'Structure model' '_pdbx_struct_conn_angle.ptnr3_auth_comp_id'  
10 5 'Structure model' '_pdbx_struct_conn_angle.ptnr3_auth_seq_id'   
11 5 'Structure model' '_pdbx_struct_conn_angle.ptnr3_label_asym_id' 
12 5 'Structure model' '_pdbx_struct_conn_angle.ptnr3_label_atom_id' 
13 5 'Structure model' '_pdbx_struct_conn_angle.ptnr3_label_comp_id' 
14 5 'Structure model' '_pdbx_struct_conn_angle.ptnr3_label_seq_id'  
15 5 'Structure model' '_pdbx_struct_conn_angle.value'               
16 5 'Structure model' '_struct_conn.pdbx_dist_value'                
17 5 'Structure model' '_struct_conn.ptnr1_auth_comp_id'             
18 5 'Structure model' '_struct_conn.ptnr1_auth_seq_id'              
19 5 'Structure model' '_struct_conn.ptnr1_label_asym_id'            
20 5 'Structure model' '_struct_conn.ptnr1_label_atom_id'            
21 5 'Structure model' '_struct_conn.ptnr1_label_comp_id'            
22 5 'Structure model' '_struct_conn.ptnr1_label_seq_id'             
23 5 'Structure model' '_struct_conn.ptnr2_auth_comp_id'             
24 5 'Structure model' '_struct_conn.ptnr2_auth_seq_id'              
25 5 'Structure model' '_struct_conn.ptnr2_label_asym_id'            
26 5 'Structure model' '_struct_conn.ptnr2_label_atom_id'            
27 5 'Structure model' '_struct_conn.ptnr2_label_comp_id'            
28 5 'Structure model' '_struct_conn.ptnr2_label_seq_id'             
29 5 'Structure model' '_struct_ref_seq_dif.details'                 
30 5 'Structure model' '_struct_site.pdbx_auth_asym_id'              
31 5 'Structure model' '_struct_site.pdbx_auth_comp_id'              
32 5 'Structure model' '_struct_site.pdbx_auth_seq_id'               
# 
loop_
_software.name 
_software.classification 
_software.version 
_software.citation_id 
_software.pdbx_ordinal 
TRUNCATE 'data reduction' .            ? 1 
CNS      refinement       .            ? 2 
CCP4     'data scaling'   '(TRUNCATE)' ? 3 
CNS      phasing          .            ? 4 
# 
loop_
_pdbx_validate_torsion.id 
_pdbx_validate_torsion.PDB_model_num 
_pdbx_validate_torsion.auth_comp_id 
_pdbx_validate_torsion.auth_asym_id 
_pdbx_validate_torsion.auth_seq_id 
_pdbx_validate_torsion.PDB_ins_code 
_pdbx_validate_torsion.label_alt_id 
_pdbx_validate_torsion.phi 
_pdbx_validate_torsion.psi 
1  1 GLN A 3   ? ? -27.44  -41.17  
2  1 SER A 16  ? ? 70.22   -3.25   
3  1 SER A 34  ? ? -49.53  89.55   
4  1 GLU A 40  ? ? 173.50  118.18  
5  1 ASP A 65  ? ? -142.28 -155.58 
6  1 PRO A 71  ? ? -34.39  115.94  
7  1 VAL A 107 ? ? -53.25  -9.27   
8  1 LYS A 120 ? ? 74.16   41.22   
9  1 LEU A 123 ? ? -69.49  66.77   
10 1 ALA A 150 ? ? -66.17  3.74    
11 1 ASN A 153 ? ? -28.45  -56.10  
12 1 GLU A 168 ? ? -58.82  -4.67   
# 
loop_
_pdbx_unobs_or_zero_occ_residues.id 
_pdbx_unobs_or_zero_occ_residues.PDB_model_num 
_pdbx_unobs_or_zero_occ_residues.polymer_flag 
_pdbx_unobs_or_zero_occ_residues.occupancy_flag 
_pdbx_unobs_or_zero_occ_residues.auth_asym_id 
_pdbx_unobs_or_zero_occ_residues.auth_comp_id 
_pdbx_unobs_or_zero_occ_residues.auth_seq_id 
_pdbx_unobs_or_zero_occ_residues.PDB_ins_code 
_pdbx_unobs_or_zero_occ_residues.label_asym_id 
_pdbx_unobs_or_zero_occ_residues.label_comp_id 
_pdbx_unobs_or_zero_occ_residues.label_seq_id 
1 1 Y 1 A MET 1   ? A MET 1   
2 1 Y 1 A HIS 172 ? A HIS 172 
3 1 Y 1 A HIS 173 ? A HIS 173 
4 1 Y 1 A HIS 174 ? A HIS 174 
5 1 Y 1 A HIS 175 ? A HIS 175 
6 1 Y 1 A HIS 176 ? A HIS 176 
7 1 Y 1 A HIS 177 ? A HIS 177 
# 
loop_
_chem_comp_atom.comp_id 
_chem_comp_atom.atom_id 
_chem_comp_atom.type_symbol 
_chem_comp_atom.pdbx_aromatic_flag 
_chem_comp_atom.pdbx_stereo_config 
_chem_comp_atom.pdbx_ordinal 
ALA N      N  N N 1   
ALA CA     C  N S 2   
ALA C      C  N N 3   
ALA O      O  N N 4   
ALA CB     C  N N 5   
ALA OXT    O  N N 6   
ALA H      H  N N 7   
ALA H2     H  N N 8   
ALA HA     H  N N 9   
ALA HB1    H  N N 10  
ALA HB2    H  N N 11  
ALA HB3    H  N N 12  
ALA HXT    H  N N 13  
ARG N      N  N N 14  
ARG CA     C  N S 15  
ARG C      C  N N 16  
ARG O      O  N N 17  
ARG CB     C  N N 18  
ARG CG     C  N N 19  
ARG CD     C  N N 20  
ARG NE     N  N N 21  
ARG CZ     C  N N 22  
ARG NH1    N  N N 23  
ARG NH2    N  N N 24  
ARG OXT    O  N N 25  
ARG H      H  N N 26  
ARG H2     H  N N 27  
ARG HA     H  N N 28  
ARG HB2    H  N N 29  
ARG HB3    H  N N 30  
ARG HG2    H  N N 31  
ARG HG3    H  N N 32  
ARG HD2    H  N N 33  
ARG HD3    H  N N 34  
ARG HE     H  N N 35  
ARG HH11   H  N N 36  
ARG HH12   H  N N 37  
ARG HH21   H  N N 38  
ARG HH22   H  N N 39  
ARG HXT    H  N N 40  
ASN N      N  N N 41  
ASN CA     C  N S 42  
ASN C      C  N N 43  
ASN O      O  N N 44  
ASN CB     C  N N 45  
ASN CG     C  N N 46  
ASN OD1    O  N N 47  
ASN ND2    N  N N 48  
ASN OXT    O  N N 49  
ASN H      H  N N 50  
ASN H2     H  N N 51  
ASN HA     H  N N 52  
ASN HB2    H  N N 53  
ASN HB3    H  N N 54  
ASN HD21   H  N N 55  
ASN HD22   H  N N 56  
ASN HXT    H  N N 57  
ASP N      N  N N 58  
ASP CA     C  N S 59  
ASP C      C  N N 60  
ASP O      O  N N 61  
ASP CB     C  N N 62  
ASP CG     C  N N 63  
ASP OD1    O  N N 64  
ASP OD2    O  N N 65  
ASP OXT    O  N N 66  
ASP H      H  N N 67  
ASP H2     H  N N 68  
ASP HA     H  N N 69  
ASP HB2    H  N N 70  
ASP HB3    H  N N 71  
ASP HD2    H  N N 72  
ASP HXT    H  N N 73  
GLN N      N  N N 74  
GLN CA     C  N S 75  
GLN C      C  N N 76  
GLN O      O  N N 77  
GLN CB     C  N N 78  
GLN CG     C  N N 79  
GLN CD     C  N N 80  
GLN OE1    O  N N 81  
GLN NE2    N  N N 82  
GLN OXT    O  N N 83  
GLN H      H  N N 84  
GLN H2     H  N N 85  
GLN HA     H  N N 86  
GLN HB2    H  N N 87  
GLN HB3    H  N N 88  
GLN HG2    H  N N 89  
GLN HG3    H  N N 90  
GLN HE21   H  N N 91  
GLN HE22   H  N N 92  
GLN HXT    H  N N 93  
GLU N      N  N N 94  
GLU CA     C  N S 95  
GLU C      C  N N 96  
GLU O      O  N N 97  
GLU CB     C  N N 98  
GLU CG     C  N N 99  
GLU CD     C  N N 100 
GLU OE1    O  N N 101 
GLU OE2    O  N N 102 
GLU OXT    O  N N 103 
GLU H      H  N N 104 
GLU H2     H  N N 105 
GLU HA     H  N N 106 
GLU HB2    H  N N 107 
GLU HB3    H  N N 108 
GLU HG2    H  N N 109 
GLU HG3    H  N N 110 
GLU HE2    H  N N 111 
GLU HXT    H  N N 112 
GLY N      N  N N 113 
GLY CA     C  N N 114 
GLY C      C  N N 115 
GLY O      O  N N 116 
GLY OXT    O  N N 117 
GLY H      H  N N 118 
GLY H2     H  N N 119 
GLY HA2    H  N N 120 
GLY HA3    H  N N 121 
GLY HXT    H  N N 122 
GNP PG     P  N N 123 
GNP O1G    O  N N 124 
GNP O2G    O  N N 125 
GNP O3G    O  N N 126 
GNP N3B    N  N N 127 
GNP PB     P  N R 128 
GNP O1B    O  N N 129 
GNP O2B    O  N N 130 
GNP O3A    O  N N 131 
GNP PA     P  N S 132 
GNP O1A    O  N N 133 
GNP O2A    O  N N 134 
GNP "O5'"  O  N N 135 
GNP "C5'"  C  N N 136 
GNP "C4'"  C  N R 137 
GNP "O4'"  O  N N 138 
GNP "C3'"  C  N S 139 
GNP "O3'"  O  N N 140 
GNP "C2'"  C  N R 141 
GNP "O2'"  O  N N 142 
GNP "C1'"  C  N R 143 
GNP N9     N  Y N 144 
GNP C8     C  Y N 145 
GNP N7     N  Y N 146 
GNP C5     C  Y N 147 
GNP C6     C  Y N 148 
GNP O6     O  N N 149 
GNP N1     N  Y N 150 
GNP C2     C  Y N 151 
GNP N2     N  N N 152 
GNP N3     N  Y N 153 
GNP C4     C  Y N 154 
GNP HOG2   H  N N 155 
GNP HOG3   H  N N 156 
GNP HNB3   H  N N 157 
GNP HOB2   H  N N 158 
GNP HOA2   H  N N 159 
GNP "H5'2" H  N N 160 
GNP "H5'1" H  N N 161 
GNP "H4'"  H  N N 162 
GNP "H3'"  H  N N 163 
GNP "HO3'" H  N N 164 
GNP "H2'"  H  N N 165 
GNP "HO2'" H  N N 166 
GNP "H1'"  H  N N 167 
GNP H8     H  N N 168 
GNP HN1    H  N N 169 
GNP HN21   H  N N 170 
GNP HN22   H  N N 171 
GOL C1     C  N N 172 
GOL O1     O  N N 173 
GOL C2     C  N N 174 
GOL O2     O  N N 175 
GOL C3     C  N N 176 
GOL O3     O  N N 177 
GOL H11    H  N N 178 
GOL H12    H  N N 179 
GOL HO1    H  N N 180 
GOL H2     H  N N 181 
GOL HO2    H  N N 182 
GOL H31    H  N N 183 
GOL H32    H  N N 184 
GOL HO3    H  N N 185 
HIS N      N  N N 186 
HIS CA     C  N S 187 
HIS C      C  N N 188 
HIS O      O  N N 189 
HIS CB     C  N N 190 
HIS CG     C  Y N 191 
HIS ND1    N  Y N 192 
HIS CD2    C  Y N 193 
HIS CE1    C  Y N 194 
HIS NE2    N  Y N 195 
HIS OXT    O  N N 196 
HIS H      H  N N 197 
HIS H2     H  N N 198 
HIS HA     H  N N 199 
HIS HB2    H  N N 200 
HIS HB3    H  N N 201 
HIS HD1    H  N N 202 
HIS HD2    H  N N 203 
HIS HE1    H  N N 204 
HIS HE2    H  N N 205 
HIS HXT    H  N N 206 
HOH O      O  N N 207 
HOH H1     H  N N 208 
HOH H2     H  N N 209 
ILE N      N  N N 210 
ILE CA     C  N S 211 
ILE C      C  N N 212 
ILE O      O  N N 213 
ILE CB     C  N S 214 
ILE CG1    C  N N 215 
ILE CG2    C  N N 216 
ILE CD1    C  N N 217 
ILE OXT    O  N N 218 
ILE H      H  N N 219 
ILE H2     H  N N 220 
ILE HA     H  N N 221 
ILE HB     H  N N 222 
ILE HG12   H  N N 223 
ILE HG13   H  N N 224 
ILE HG21   H  N N 225 
ILE HG22   H  N N 226 
ILE HG23   H  N N 227 
ILE HD11   H  N N 228 
ILE HD12   H  N N 229 
ILE HD13   H  N N 230 
ILE HXT    H  N N 231 
LEU N      N  N N 232 
LEU CA     C  N S 233 
LEU C      C  N N 234 
LEU O      O  N N 235 
LEU CB     C  N N 236 
LEU CG     C  N N 237 
LEU CD1    C  N N 238 
LEU CD2    C  N N 239 
LEU OXT    O  N N 240 
LEU H      H  N N 241 
LEU H2     H  N N 242 
LEU HA     H  N N 243 
LEU HB2    H  N N 244 
LEU HB3    H  N N 245 
LEU HG     H  N N 246 
LEU HD11   H  N N 247 
LEU HD12   H  N N 248 
LEU HD13   H  N N 249 
LEU HD21   H  N N 250 
LEU HD22   H  N N 251 
LEU HD23   H  N N 252 
LEU HXT    H  N N 253 
LYS N      N  N N 254 
LYS CA     C  N S 255 
LYS C      C  N N 256 
LYS O      O  N N 257 
LYS CB     C  N N 258 
LYS CG     C  N N 259 
LYS CD     C  N N 260 
LYS CE     C  N N 261 
LYS NZ     N  N N 262 
LYS OXT    O  N N 263 
LYS H      H  N N 264 
LYS H2     H  N N 265 
LYS HA     H  N N 266 
LYS HB2    H  N N 267 
LYS HB3    H  N N 268 
LYS HG2    H  N N 269 
LYS HG3    H  N N 270 
LYS HD2    H  N N 271 
LYS HD3    H  N N 272 
LYS HE2    H  N N 273 
LYS HE3    H  N N 274 
LYS HZ1    H  N N 275 
LYS HZ2    H  N N 276 
LYS HZ3    H  N N 277 
LYS HXT    H  N N 278 
MET N      N  N N 279 
MET CA     C  N S 280 
MET C      C  N N 281 
MET O      O  N N 282 
MET CB     C  N N 283 
MET CG     C  N N 284 
MET SD     S  N N 285 
MET CE     C  N N 286 
MET OXT    O  N N 287 
MET H      H  N N 288 
MET H2     H  N N 289 
MET HA     H  N N 290 
MET HB2    H  N N 291 
MET HB3    H  N N 292 
MET HG2    H  N N 293 
MET HG3    H  N N 294 
MET HE1    H  N N 295 
MET HE2    H  N N 296 
MET HE3    H  N N 297 
MET HXT    H  N N 298 
MG  MG     MG N N 299 
PHE N      N  N N 300 
PHE CA     C  N S 301 
PHE C      C  N N 302 
PHE O      O  N N 303 
PHE CB     C  N N 304 
PHE CG     C  Y N 305 
PHE CD1    C  Y N 306 
PHE CD2    C  Y N 307 
PHE CE1    C  Y N 308 
PHE CE2    C  Y N 309 
PHE CZ     C  Y N 310 
PHE OXT    O  N N 311 
PHE H      H  N N 312 
PHE H2     H  N N 313 
PHE HA     H  N N 314 
PHE HB2    H  N N 315 
PHE HB3    H  N N 316 
PHE HD1    H  N N 317 
PHE HD2    H  N N 318 
PHE HE1    H  N N 319 
PHE HE2    H  N N 320 
PHE HZ     H  N N 321 
PHE HXT    H  N N 322 
PRO N      N  N N 323 
PRO CA     C  N S 324 
PRO C      C  N N 325 
PRO O      O  N N 326 
PRO CB     C  N N 327 
PRO CG     C  N N 328 
PRO CD     C  N N 329 
PRO OXT    O  N N 330 
PRO H      H  N N 331 
PRO HA     H  N N 332 
PRO HB2    H  N N 333 
PRO HB3    H  N N 334 
PRO HG2    H  N N 335 
PRO HG3    H  N N 336 
PRO HD2    H  N N 337 
PRO HD3    H  N N 338 
PRO HXT    H  N N 339 
SER N      N  N N 340 
SER CA     C  N S 341 
SER C      C  N N 342 
SER O      O  N N 343 
SER CB     C  N N 344 
SER OG     O  N N 345 
SER OXT    O  N N 346 
SER H      H  N N 347 
SER H2     H  N N 348 
SER HA     H  N N 349 
SER HB2    H  N N 350 
SER HB3    H  N N 351 
SER HG     H  N N 352 
SER HXT    H  N N 353 
THR N      N  N N 354 
THR CA     C  N S 355 
THR C      C  N N 356 
THR O      O  N N 357 
THR CB     C  N R 358 
THR OG1    O  N N 359 
THR CG2    C  N N 360 
THR OXT    O  N N 361 
THR H      H  N N 362 
THR H2     H  N N 363 
THR HA     H  N N 364 
THR HB     H  N N 365 
THR HG1    H  N N 366 
THR HG21   H  N N 367 
THR HG22   H  N N 368 
THR HG23   H  N N 369 
THR HXT    H  N N 370 
TRP N      N  N N 371 
TRP CA     C  N S 372 
TRP C      C  N N 373 
TRP O      O  N N 374 
TRP CB     C  N N 375 
TRP CG     C  Y N 376 
TRP CD1    C  Y N 377 
TRP CD2    C  Y N 378 
TRP NE1    N  Y N 379 
TRP CE2    C  Y N 380 
TRP CE3    C  Y N 381 
TRP CZ2    C  Y N 382 
TRP CZ3    C  Y N 383 
TRP CH2    C  Y N 384 
TRP OXT    O  N N 385 
TRP H      H  N N 386 
TRP H2     H  N N 387 
TRP HA     H  N N 388 
TRP HB2    H  N N 389 
TRP HB3    H  N N 390 
TRP HD1    H  N N 391 
TRP HE1    H  N N 392 
TRP HE3    H  N N 393 
TRP HZ2    H  N N 394 
TRP HZ3    H  N N 395 
TRP HH2    H  N N 396 
TRP HXT    H  N N 397 
TYR N      N  N N 398 
TYR CA     C  N S 399 
TYR C      C  N N 400 
TYR O      O  N N 401 
TYR CB     C  N N 402 
TYR CG     C  Y N 403 
TYR CD1    C  Y N 404 
TYR CD2    C  Y N 405 
TYR CE1    C  Y N 406 
TYR CE2    C  Y N 407 
TYR CZ     C  Y N 408 
TYR OH     O  N N 409 
TYR OXT    O  N N 410 
TYR H      H  N N 411 
TYR H2     H  N N 412 
TYR HA     H  N N 413 
TYR HB2    H  N N 414 
TYR HB3    H  N N 415 
TYR HD1    H  N N 416 
TYR HD2    H  N N 417 
TYR HE1    H  N N 418 
TYR HE2    H  N N 419 
TYR HH     H  N N 420 
TYR HXT    H  N N 421 
VAL N      N  N N 422 
VAL CA     C  N S 423 
VAL C      C  N N 424 
VAL O      O  N N 425 
VAL CB     C  N N 426 
VAL CG1    C  N N 427 
VAL CG2    C  N N 428 
VAL OXT    O  N N 429 
VAL H      H  N N 430 
VAL H2     H  N N 431 
VAL HA     H  N N 432 
VAL HB     H  N N 433 
VAL HG11   H  N N 434 
VAL HG12   H  N N 435 
VAL HG13   H  N N 436 
VAL HG21   H  N N 437 
VAL HG22   H  N N 438 
VAL HG23   H  N N 439 
VAL HXT    H  N N 440 
# 
loop_
_chem_comp_bond.comp_id 
_chem_comp_bond.atom_id_1 
_chem_comp_bond.atom_id_2 
_chem_comp_bond.value_order 
_chem_comp_bond.pdbx_aromatic_flag 
_chem_comp_bond.pdbx_stereo_config 
_chem_comp_bond.pdbx_ordinal 
ALA N     CA     sing N N 1   
ALA N     H      sing N N 2   
ALA N     H2     sing N N 3   
ALA CA    C      sing N N 4   
ALA CA    CB     sing N N 5   
ALA CA    HA     sing N N 6   
ALA C     O      doub N N 7   
ALA C     OXT    sing N N 8   
ALA CB    HB1    sing N N 9   
ALA CB    HB2    sing N N 10  
ALA CB    HB3    sing N N 11  
ALA OXT   HXT    sing N N 12  
ARG N     CA     sing N N 13  
ARG N     H      sing N N 14  
ARG N     H2     sing N N 15  
ARG CA    C      sing N N 16  
ARG CA    CB     sing N N 17  
ARG CA    HA     sing N N 18  
ARG C     O      doub N N 19  
ARG C     OXT    sing N N 20  
ARG CB    CG     sing N N 21  
ARG CB    HB2    sing N N 22  
ARG CB    HB3    sing N N 23  
ARG CG    CD     sing N N 24  
ARG CG    HG2    sing N N 25  
ARG CG    HG3    sing N N 26  
ARG CD    NE     sing N N 27  
ARG CD    HD2    sing N N 28  
ARG CD    HD3    sing N N 29  
ARG NE    CZ     sing N N 30  
ARG NE    HE     sing N N 31  
ARG CZ    NH1    sing N N 32  
ARG CZ    NH2    doub N N 33  
ARG NH1   HH11   sing N N 34  
ARG NH1   HH12   sing N N 35  
ARG NH2   HH21   sing N N 36  
ARG NH2   HH22   sing N N 37  
ARG OXT   HXT    sing N N 38  
ASN N     CA     sing N N 39  
ASN N     H      sing N N 40  
ASN N     H2     sing N N 41  
ASN CA    C      sing N N 42  
ASN CA    CB     sing N N 43  
ASN CA    HA     sing N N 44  
ASN C     O      doub N N 45  
ASN C     OXT    sing N N 46  
ASN CB    CG     sing N N 47  
ASN CB    HB2    sing N N 48  
ASN CB    HB3    sing N N 49  
ASN CG    OD1    doub N N 50  
ASN CG    ND2    sing N N 51  
ASN ND2   HD21   sing N N 52  
ASN ND2   HD22   sing N N 53  
ASN OXT   HXT    sing N N 54  
ASP N     CA     sing N N 55  
ASP N     H      sing N N 56  
ASP N     H2     sing N N 57  
ASP CA    C      sing N N 58  
ASP CA    CB     sing N N 59  
ASP CA    HA     sing N N 60  
ASP C     O      doub N N 61  
ASP C     OXT    sing N N 62  
ASP CB    CG     sing N N 63  
ASP CB    HB2    sing N N 64  
ASP CB    HB3    sing N N 65  
ASP CG    OD1    doub N N 66  
ASP CG    OD2    sing N N 67  
ASP OD2   HD2    sing N N 68  
ASP OXT   HXT    sing N N 69  
GLN N     CA     sing N N 70  
GLN N     H      sing N N 71  
GLN N     H2     sing N N 72  
GLN CA    C      sing N N 73  
GLN CA    CB     sing N N 74  
GLN CA    HA     sing N N 75  
GLN C     O      doub N N 76  
GLN C     OXT    sing N N 77  
GLN CB    CG     sing N N 78  
GLN CB    HB2    sing N N 79  
GLN CB    HB3    sing N N 80  
GLN CG    CD     sing N N 81  
GLN CG    HG2    sing N N 82  
GLN CG    HG3    sing N N 83  
GLN CD    OE1    doub N N 84  
GLN CD    NE2    sing N N 85  
GLN NE2   HE21   sing N N 86  
GLN NE2   HE22   sing N N 87  
GLN OXT   HXT    sing N N 88  
GLU N     CA     sing N N 89  
GLU N     H      sing N N 90  
GLU N     H2     sing N N 91  
GLU CA    C      sing N N 92  
GLU CA    CB     sing N N 93  
GLU CA    HA     sing N N 94  
GLU C     O      doub N N 95  
GLU C     OXT    sing N N 96  
GLU CB    CG     sing N N 97  
GLU CB    HB2    sing N N 98  
GLU CB    HB3    sing N N 99  
GLU CG    CD     sing N N 100 
GLU CG    HG2    sing N N 101 
GLU CG    HG3    sing N N 102 
GLU CD    OE1    doub N N 103 
GLU CD    OE2    sing N N 104 
GLU OE2   HE2    sing N N 105 
GLU OXT   HXT    sing N N 106 
GLY N     CA     sing N N 107 
GLY N     H      sing N N 108 
GLY N     H2     sing N N 109 
GLY CA    C      sing N N 110 
GLY CA    HA2    sing N N 111 
GLY CA    HA3    sing N N 112 
GLY C     O      doub N N 113 
GLY C     OXT    sing N N 114 
GLY OXT   HXT    sing N N 115 
GNP PG    O1G    doub N N 116 
GNP PG    O2G    sing N N 117 
GNP PG    O3G    sing N N 118 
GNP PG    N3B    sing N N 119 
GNP O2G   HOG2   sing N N 120 
GNP O3G   HOG3   sing N N 121 
GNP N3B   PB     sing N N 122 
GNP N3B   HNB3   sing N N 123 
GNP PB    O1B    doub N N 124 
GNP PB    O2B    sing N N 125 
GNP PB    O3A    sing N N 126 
GNP O2B   HOB2   sing N N 127 
GNP O3A   PA     sing N N 128 
GNP PA    O1A    doub N N 129 
GNP PA    O2A    sing N N 130 
GNP PA    "O5'"  sing N N 131 
GNP O2A   HOA2   sing N N 132 
GNP "O5'" "C5'"  sing N N 133 
GNP "C5'" "C4'"  sing N N 134 
GNP "C5'" "H5'2" sing N N 135 
GNP "C5'" "H5'1" sing N N 136 
GNP "C4'" "O4'"  sing N N 137 
GNP "C4'" "C3'"  sing N N 138 
GNP "C4'" "H4'"  sing N N 139 
GNP "O4'" "C1'"  sing N N 140 
GNP "C3'" "O3'"  sing N N 141 
GNP "C3'" "C2'"  sing N N 142 
GNP "C3'" "H3'"  sing N N 143 
GNP "O3'" "HO3'" sing N N 144 
GNP "C2'" "O2'"  sing N N 145 
GNP "C2'" "C1'"  sing N N 146 
GNP "C2'" "H2'"  sing N N 147 
GNP "O2'" "HO2'" sing N N 148 
GNP "C1'" N9     sing N N 149 
GNP "C1'" "H1'"  sing N N 150 
GNP N9    C8     sing Y N 151 
GNP N9    C4     sing Y N 152 
GNP C8    N7     doub Y N 153 
GNP C8    H8     sing N N 154 
GNP N7    C5     sing Y N 155 
GNP C5    C6     sing Y N 156 
GNP C5    C4     doub Y N 157 
GNP C6    O6     doub N N 158 
GNP C6    N1     sing Y N 159 
GNP N1    C2     sing Y N 160 
GNP N1    HN1    sing N N 161 
GNP C2    N2     sing N N 162 
GNP C2    N3     doub Y N 163 
GNP N2    HN21   sing N N 164 
GNP N2    HN22   sing N N 165 
GNP N3    C4     sing Y N 166 
GOL C1    O1     sing N N 167 
GOL C1    C2     sing N N 168 
GOL C1    H11    sing N N 169 
GOL C1    H12    sing N N 170 
GOL O1    HO1    sing N N 171 
GOL C2    O2     sing N N 172 
GOL C2    C3     sing N N 173 
GOL C2    H2     sing N N 174 
GOL O2    HO2    sing N N 175 
GOL C3    O3     sing N N 176 
GOL C3    H31    sing N N 177 
GOL C3    H32    sing N N 178 
GOL O3    HO3    sing N N 179 
HIS N     CA     sing N N 180 
HIS N     H      sing N N 181 
HIS N     H2     sing N N 182 
HIS CA    C      sing N N 183 
HIS CA    CB     sing N N 184 
HIS CA    HA     sing N N 185 
HIS C     O      doub N N 186 
HIS C     OXT    sing N N 187 
HIS CB    CG     sing N N 188 
HIS CB    HB2    sing N N 189 
HIS CB    HB3    sing N N 190 
HIS CG    ND1    sing Y N 191 
HIS CG    CD2    doub Y N 192 
HIS ND1   CE1    doub Y N 193 
HIS ND1   HD1    sing N N 194 
HIS CD2   NE2    sing Y N 195 
HIS CD2   HD2    sing N N 196 
HIS CE1   NE2    sing Y N 197 
HIS CE1   HE1    sing N N 198 
HIS NE2   HE2    sing N N 199 
HIS OXT   HXT    sing N N 200 
HOH O     H1     sing N N 201 
HOH O     H2     sing N N 202 
ILE N     CA     sing N N 203 
ILE N     H      sing N N 204 
ILE N     H2     sing N N 205 
ILE CA    C      sing N N 206 
ILE CA    CB     sing N N 207 
ILE CA    HA     sing N N 208 
ILE C     O      doub N N 209 
ILE C     OXT    sing N N 210 
ILE CB    CG1    sing N N 211 
ILE CB    CG2    sing N N 212 
ILE CB    HB     sing N N 213 
ILE CG1   CD1    sing N N 214 
ILE CG1   HG12   sing N N 215 
ILE CG1   HG13   sing N N 216 
ILE CG2   HG21   sing N N 217 
ILE CG2   HG22   sing N N 218 
ILE CG2   HG23   sing N N 219 
ILE CD1   HD11   sing N N 220 
ILE CD1   HD12   sing N N 221 
ILE CD1   HD13   sing N N 222 
ILE OXT   HXT    sing N N 223 
LEU N     CA     sing N N 224 
LEU N     H      sing N N 225 
LEU N     H2     sing N N 226 
LEU CA    C      sing N N 227 
LEU CA    CB     sing N N 228 
LEU CA    HA     sing N N 229 
LEU C     O      doub N N 230 
LEU C     OXT    sing N N 231 
LEU CB    CG     sing N N 232 
LEU CB    HB2    sing N N 233 
LEU CB    HB3    sing N N 234 
LEU CG    CD1    sing N N 235 
LEU CG    CD2    sing N N 236 
LEU CG    HG     sing N N 237 
LEU CD1   HD11   sing N N 238 
LEU CD1   HD12   sing N N 239 
LEU CD1   HD13   sing N N 240 
LEU CD2   HD21   sing N N 241 
LEU CD2   HD22   sing N N 242 
LEU CD2   HD23   sing N N 243 
LEU OXT   HXT    sing N N 244 
LYS N     CA     sing N N 245 
LYS N     H      sing N N 246 
LYS N     H2     sing N N 247 
LYS CA    C      sing N N 248 
LYS CA    CB     sing N N 249 
LYS CA    HA     sing N N 250 
LYS C     O      doub N N 251 
LYS C     OXT    sing N N 252 
LYS CB    CG     sing N N 253 
LYS CB    HB2    sing N N 254 
LYS CB    HB3    sing N N 255 
LYS CG    CD     sing N N 256 
LYS CG    HG2    sing N N 257 
LYS CG    HG3    sing N N 258 
LYS CD    CE     sing N N 259 
LYS CD    HD2    sing N N 260 
LYS CD    HD3    sing N N 261 
LYS CE    NZ     sing N N 262 
LYS CE    HE2    sing N N 263 
LYS CE    HE3    sing N N 264 
LYS NZ    HZ1    sing N N 265 
LYS NZ    HZ2    sing N N 266 
LYS NZ    HZ3    sing N N 267 
LYS OXT   HXT    sing N N 268 
MET N     CA     sing N N 269 
MET N     H      sing N N 270 
MET N     H2     sing N N 271 
MET CA    C      sing N N 272 
MET CA    CB     sing N N 273 
MET CA    HA     sing N N 274 
MET C     O      doub N N 275 
MET C     OXT    sing N N 276 
MET CB    CG     sing N N 277 
MET CB    HB2    sing N N 278 
MET CB    HB3    sing N N 279 
MET CG    SD     sing N N 280 
MET CG    HG2    sing N N 281 
MET CG    HG3    sing N N 282 
MET SD    CE     sing N N 283 
MET CE    HE1    sing N N 284 
MET CE    HE2    sing N N 285 
MET CE    HE3    sing N N 286 
MET OXT   HXT    sing N N 287 
PHE N     CA     sing N N 288 
PHE N     H      sing N N 289 
PHE N     H2     sing N N 290 
PHE CA    C      sing N N 291 
PHE CA    CB     sing N N 292 
PHE CA    HA     sing N N 293 
PHE C     O      doub N N 294 
PHE C     OXT    sing N N 295 
PHE CB    CG     sing N N 296 
PHE CB    HB2    sing N N 297 
PHE CB    HB3    sing N N 298 
PHE CG    CD1    doub Y N 299 
PHE CG    CD2    sing Y N 300 
PHE CD1   CE1    sing Y N 301 
PHE CD1   HD1    sing N N 302 
PHE CD2   CE2    doub Y N 303 
PHE CD2   HD2    sing N N 304 
PHE CE1   CZ     doub Y N 305 
PHE CE1   HE1    sing N N 306 
PHE CE2   CZ     sing Y N 307 
PHE CE2   HE2    sing N N 308 
PHE CZ    HZ     sing N N 309 
PHE OXT   HXT    sing N N 310 
PRO N     CA     sing N N 311 
PRO N     CD     sing N N 312 
PRO N     H      sing N N 313 
PRO CA    C      sing N N 314 
PRO CA    CB     sing N N 315 
PRO CA    HA     sing N N 316 
PRO C     O      doub N N 317 
PRO C     OXT    sing N N 318 
PRO CB    CG     sing N N 319 
PRO CB    HB2    sing N N 320 
PRO CB    HB3    sing N N 321 
PRO CG    CD     sing N N 322 
PRO CG    HG2    sing N N 323 
PRO CG    HG3    sing N N 324 
PRO CD    HD2    sing N N 325 
PRO CD    HD3    sing N N 326 
PRO OXT   HXT    sing N N 327 
SER N     CA     sing N N 328 
SER N     H      sing N N 329 
SER N     H2     sing N N 330 
SER CA    C      sing N N 331 
SER CA    CB     sing N N 332 
SER CA    HA     sing N N 333 
SER C     O      doub N N 334 
SER C     OXT    sing N N 335 
SER CB    OG     sing N N 336 
SER CB    HB2    sing N N 337 
SER CB    HB3    sing N N 338 
SER OG    HG     sing N N 339 
SER OXT   HXT    sing N N 340 
THR N     CA     sing N N 341 
THR N     H      sing N N 342 
THR N     H2     sing N N 343 
THR CA    C      sing N N 344 
THR CA    CB     sing N N 345 
THR CA    HA     sing N N 346 
THR C     O      doub N N 347 
THR C     OXT    sing N N 348 
THR CB    OG1    sing N N 349 
THR CB    CG2    sing N N 350 
THR CB    HB     sing N N 351 
THR OG1   HG1    sing N N 352 
THR CG2   HG21   sing N N 353 
THR CG2   HG22   sing N N 354 
THR CG2   HG23   sing N N 355 
THR OXT   HXT    sing N N 356 
TRP N     CA     sing N N 357 
TRP N     H      sing N N 358 
TRP N     H2     sing N N 359 
TRP CA    C      sing N N 360 
TRP CA    CB     sing N N 361 
TRP CA    HA     sing N N 362 
TRP C     O      doub N N 363 
TRP C     OXT    sing N N 364 
TRP CB    CG     sing N N 365 
TRP CB    HB2    sing N N 366 
TRP CB    HB3    sing N N 367 
TRP CG    CD1    doub Y N 368 
TRP CG    CD2    sing Y N 369 
TRP CD1   NE1    sing Y N 370 
TRP CD1   HD1    sing N N 371 
TRP CD2   CE2    doub Y N 372 
TRP CD2   CE3    sing Y N 373 
TRP NE1   CE2    sing Y N 374 
TRP NE1   HE1    sing N N 375 
TRP CE2   CZ2    sing Y N 376 
TRP CE3   CZ3    doub Y N 377 
TRP CE3   HE3    sing N N 378 
TRP CZ2   CH2    doub Y N 379 
TRP CZ2   HZ2    sing N N 380 
TRP CZ3   CH2    sing Y N 381 
TRP CZ3   HZ3    sing N N 382 
TRP CH2   HH2    sing N N 383 
TRP OXT   HXT    sing N N 384 
TYR N     CA     sing N N 385 
TYR N     H      sing N N 386 
TYR N     H2     sing N N 387 
TYR CA    C      sing N N 388 
TYR CA    CB     sing N N 389 
TYR CA    HA     sing N N 390 
TYR C     O      doub N N 391 
TYR C     OXT    sing N N 392 
TYR CB    CG     sing N N 393 
TYR CB    HB2    sing N N 394 
TYR CB    HB3    sing N N 395 
TYR CG    CD1    doub Y N 396 
TYR CG    CD2    sing Y N 397 
TYR CD1   CE1    sing Y N 398 
TYR CD1   HD1    sing N N 399 
TYR CD2   CE2    doub Y N 400 
TYR CD2   HD2    sing N N 401 
TYR CE1   CZ     doub Y N 402 
TYR CE1   HE1    sing N N 403 
TYR CE2   CZ     sing Y N 404 
TYR CE2   HE2    sing N N 405 
TYR CZ    OH     sing N N 406 
TYR OH    HH     sing N N 407 
TYR OXT   HXT    sing N N 408 
VAL N     CA     sing N N 409 
VAL N     H      sing N N 410 
VAL N     H2     sing N N 411 
VAL CA    C      sing N N 412 
VAL CA    CB     sing N N 413 
VAL CA    HA     sing N N 414 
VAL C     O      doub N N 415 
VAL C     OXT    sing N N 416 
VAL CB    CG1    sing N N 417 
VAL CB    CG2    sing N N 418 
VAL CB    HB     sing N N 419 
VAL CG1   HG11   sing N N 420 
VAL CG1   HG12   sing N N 421 
VAL CG1   HG13   sing N N 422 
VAL CG2   HG21   sing N N 423 
VAL CG2   HG22   sing N N 424 
VAL CG2   HG23   sing N N 425 
VAL OXT   HXT    sing N N 426 
# 
loop_
_pdbx_entity_nonpoly.entity_id 
_pdbx_entity_nonpoly.name 
_pdbx_entity_nonpoly.comp_id 
2 'MAGNESIUM ION'                               MG  
3 'PHOSPHOAMINOPHOSPHONIC ACID-GUANYLATE ESTER' GNP 
4 GLYCEROL                                      GOL 
5 water                                         HOH 
# 
loop_
_pdbx_initial_refinement_model.id 
_pdbx_initial_refinement_model.entity_id_list 
_pdbx_initial_refinement_model.type 
_pdbx_initial_refinement_model.source_name 
_pdbx_initial_refinement_model.accession_code 
_pdbx_initial_refinement_model.details 
1 ? 'experimental model' PDB 1KAO 'PDB entries 1KAO, 1GUA' 
2 ? 'experimental model' PDB 1GUA 'PDB entries 1KAO, 1GUA' 
# 
